data_3QUL
#
_entry.id   3QUL
#
_cell.length_a   92.041
_cell.length_b   122.697
_cell.length_c   99.123
_cell.angle_alpha   90.00
_cell.angle_beta   103.33
_cell.angle_gamma   90.00
#
_symmetry.space_group_name_H-M   'P 1 21 1'
#
loop_
_entity.id
_entity.type
_entity.pdbx_description
1 polymer 'H-2 class I histocompatibility antigen, D-B alpha chain'
2 polymer Beta-2-microglobulin
3 polymer 'Pre-glycoprotein polyprotein GP complex'
4 water water
#
loop_
_entity_poly.entity_id
_entity_poly.type
_entity_poly.pdbx_seq_one_letter_code
_entity_poly.pdbx_strand_id
1 'polypeptide(L)'
;GPHSMRYFETAVSRPGLEEPRYISVGYVDNKEFVRFDSDAENPRYEPRAPWMEQEGPEYWERETQKAKGQEQWFRVSLRN
LLGYYNQSAGGSHTLQQMSGCDLGSDWRLLRGYLQFAYEGRDYIALNEDLKTWTAADMAAQITRRKWEQSGAAEHYKAYL
EGECVEWLHRYLKNGNATLLRTDSPKAHVTHHPRSKGEVTLRCWALGFYPADITLTWQLNGEELTQDMELVETRPAGDGT
FQKWASVVVPLGKEQNYTCRVYHEGLPEPLTLRWEP
;
A,D,G,J
2 'polypeptide(L)'
;IQKTPQIQVYSRHPPENGKPNILNCYVTQFHPPHIEIQMLKNGKKIPKVEMSDMSFSKDWSFYILAHTEFTPTETDTYAC
RVKHDSMAEPKTVYWDRDM
;
B,E,H,K
3 'polypeptide(L)' KAVSNFATM C,F,I,L
#
# COMPACT_ATOMS: atom_id res chain seq x y z
N GLY A 1 -2.30 -10.97 -1.18
CA GLY A 1 -3.59 -11.69 -0.93
C GLY A 1 -3.69 -12.95 -1.77
N PRO A 2 -4.50 -13.94 -1.33
CA PRO A 2 -4.61 -15.19 -2.08
C PRO A 2 -5.46 -15.07 -3.34
N HIS A 3 -5.35 -16.06 -4.23
CA HIS A 3 -6.02 -16.01 -5.52
C HIS A 3 -6.53 -17.37 -5.93
N SER A 4 -7.44 -17.39 -6.89
CA SER A 4 -8.04 -18.64 -7.34
C SER A 4 -8.57 -18.56 -8.76
N MET A 5 -8.67 -19.72 -9.39
CA MET A 5 -9.39 -19.89 -10.64
C MET A 5 -10.30 -21.11 -10.55
N ARG A 6 -11.49 -20.99 -11.12
CA ARG A 6 -12.41 -22.11 -11.20
C ARG A 6 -13.13 -22.15 -12.54
N TYR A 7 -13.34 -23.36 -13.05
CA TYR A 7 -14.35 -23.58 -14.08
C TYR A 7 -15.47 -24.44 -13.52
N PHE A 8 -16.69 -23.89 -13.57
CA PHE A 8 -17.91 -24.57 -13.17
C PHE A 8 -18.65 -24.94 -14.44
N GLU A 9 -18.84 -26.24 -14.65
CA GLU A 9 -19.44 -26.76 -15.88
C GLU A 9 -20.67 -27.57 -15.55
N THR A 10 -21.68 -27.48 -16.40
CA THR A 10 -22.95 -28.17 -16.22
C THR A 10 -23.45 -28.71 -17.57
N ALA A 11 -23.93 -29.94 -17.57
CA ALA A 11 -24.68 -30.46 -18.68
C ALA A 11 -26.01 -30.96 -18.17
N VAL A 12 -27.09 -30.57 -18.84
CA VAL A 12 -28.40 -31.04 -18.47
C VAL A 12 -29.07 -31.73 -19.65
N SER A 13 -29.58 -32.93 -19.40
CA SER A 13 -30.43 -33.62 -20.38
C SER A 13 -31.91 -33.51 -19.97
N ARG A 14 -32.78 -33.46 -20.98
CA ARG A 14 -34.23 -33.39 -20.75
C ARG A 14 -34.97 -34.34 -21.71
N PRO A 15 -36.15 -34.84 -21.29
CA PRO A 15 -36.85 -35.86 -22.09
C PRO A 15 -36.90 -35.54 -23.59
N GLY A 16 -37.17 -34.30 -23.96
CA GLY A 16 -37.28 -33.94 -25.37
C GLY A 16 -35.94 -33.79 -26.07
N LEU A 17 -35.08 -32.95 -25.50
CA LEU A 17 -33.86 -32.48 -26.16
C LEU A 17 -32.98 -33.59 -26.75
N GLU A 18 -32.64 -33.46 -28.02
CA GLU A 18 -31.74 -34.39 -28.70
C GLU A 18 -30.41 -34.44 -27.98
N GLU A 19 -29.83 -33.26 -27.75
CA GLU A 19 -28.51 -33.13 -27.10
C GLU A 19 -28.62 -32.37 -25.79
N PRO A 20 -27.77 -32.71 -24.81
CA PRO A 20 -27.83 -31.96 -23.55
C PRO A 20 -27.42 -30.50 -23.76
N ARG A 21 -27.90 -29.62 -22.90
CA ARG A 21 -27.40 -28.26 -22.86
C ARG A 21 -26.16 -28.20 -21.95
N TYR A 22 -25.07 -27.62 -22.45
CA TYR A 22 -23.82 -27.52 -21.74
C TYR A 22 -23.47 -26.04 -21.52
N ILE A 23 -23.18 -25.71 -20.26
CA ILE A 23 -22.76 -24.38 -19.87
C ILE A 23 -21.51 -24.45 -19.02
N SER A 24 -20.54 -23.59 -19.36
CA SER A 24 -19.29 -23.48 -18.63
C SER A 24 -19.05 -22.05 -18.22
N VAL A 25 -18.69 -21.86 -16.96
CA VAL A 25 -18.39 -20.55 -16.44
C VAL A 25 -17.03 -20.57 -15.76
N GLY A 26 -16.16 -19.66 -16.20
CA GLY A 26 -14.86 -19.47 -15.62
C GLY A 26 -14.87 -18.33 -14.62
N TYR A 27 -14.17 -18.50 -13.50
CA TYR A 27 -14.05 -17.48 -12.47
C TYR A 27 -12.58 -17.28 -12.14
N VAL A 28 -12.19 -16.02 -11.95
CA VAL A 28 -10.91 -15.66 -11.32
C VAL A 28 -11.20 -14.84 -10.07
N ASP A 29 -10.60 -15.23 -8.96
CA ASP A 29 -10.88 -14.65 -7.64
C ASP A 29 -12.39 -14.54 -7.38
N ASN A 30 -13.12 -15.62 -7.67
CA ASN A 30 -14.58 -15.70 -7.49
C ASN A 30 -15.42 -14.73 -8.33
N LYS A 31 -14.83 -14.13 -9.37
CA LYS A 31 -15.54 -13.23 -10.27
C LYS A 31 -15.56 -13.83 -11.66
N GLU A 32 -16.75 -13.89 -12.24
CA GLU A 32 -16.95 -14.50 -13.56
C GLU A 32 -16.13 -13.76 -14.62
N PHE A 33 -15.34 -14.49 -15.41
CA PHE A 33 -14.52 -13.85 -16.47
C PHE A 33 -14.71 -14.39 -17.89
N VAL A 34 -15.22 -15.62 -18.03
CA VAL A 34 -15.59 -16.18 -19.32
C VAL A 34 -16.84 -17.04 -19.20
N ARG A 35 -17.52 -17.25 -20.32
CA ARG A 35 -18.73 -18.06 -20.35
C ARG A 35 -18.96 -18.71 -21.72
N PHE A 36 -19.32 -19.99 -21.71
CA PHE A 36 -19.72 -20.74 -22.89
C PHE A 36 -21.09 -21.33 -22.65
N ASP A 37 -21.98 -21.20 -23.62
CA ASP A 37 -23.33 -21.76 -23.52
C ASP A 37 -23.71 -22.39 -24.85
N SER A 38 -23.97 -23.69 -24.86
CA SER A 38 -24.31 -24.41 -26.10
C SER A 38 -25.63 -23.96 -26.75
N ASP A 39 -26.50 -23.27 -26.00
CA ASP A 39 -27.74 -22.71 -26.56
C ASP A 39 -27.56 -21.41 -27.35
N ALA A 40 -26.40 -20.78 -27.27
CA ALA A 40 -26.12 -19.57 -28.05
C ALA A 40 -26.23 -19.85 -29.56
N GLU A 41 -26.41 -18.79 -30.34
CA GLU A 41 -26.61 -18.94 -31.79
C GLU A 41 -25.39 -19.57 -32.45
N ASN A 42 -24.21 -19.05 -32.13
CA ASN A 42 -22.97 -19.68 -32.55
C ASN A 42 -22.06 -19.88 -31.33
N PRO A 43 -22.25 -20.99 -30.60
CA PRO A 43 -21.66 -21.12 -29.25
C PRO A 43 -20.15 -20.95 -29.23
N ARG A 44 -19.69 -19.99 -28.42
N ARG A 44 -19.68 -20.00 -28.43
CA ARG A 44 -18.27 -19.68 -28.26
CA ARG A 44 -18.25 -19.75 -28.25
C ARG A 44 -18.03 -19.24 -26.83
C ARG A 44 -18.02 -19.23 -26.84
N TYR A 45 -16.79 -19.36 -26.35
CA TYR A 45 -16.41 -18.71 -25.09
C TYR A 45 -16.45 -17.20 -25.34
N GLU A 46 -17.07 -16.47 -24.41
CA GLU A 46 -17.19 -15.01 -24.52
C GLU A 46 -16.62 -14.39 -23.26
N PRO A 47 -15.92 -13.24 -23.40
CA PRO A 47 -15.44 -12.52 -22.23
C PRO A 47 -16.62 -12.02 -21.37
N ARG A 48 -16.40 -12.00 -20.07
CA ARG A 48 -17.42 -11.58 -19.12
C ARG A 48 -16.98 -10.44 -18.22
N ALA A 49 -15.77 -9.94 -18.46
CA ALA A 49 -15.25 -8.76 -17.80
C ALA A 49 -14.37 -8.01 -18.80
N PRO A 50 -14.25 -6.69 -18.65
CA PRO A 50 -13.57 -5.89 -19.68
C PRO A 50 -12.12 -6.26 -19.89
N TRP A 51 -11.40 -6.60 -18.82
CA TRP A 51 -9.97 -6.92 -18.92
C TRP A 51 -9.63 -8.14 -19.79
N MET A 52 -10.62 -8.98 -20.10
CA MET A 52 -10.41 -10.16 -20.96
C MET A 52 -10.47 -9.85 -22.45
N GLU A 53 -10.98 -8.67 -22.81
CA GLU A 53 -10.95 -8.24 -24.21
C GLU A 53 -9.53 -8.07 -24.76
N GLN A 54 -8.53 -7.98 -23.89
CA GLN A 54 -7.12 -7.97 -24.31
C GLN A 54 -6.69 -9.25 -25.06
N GLU A 55 -7.33 -10.38 -24.76
CA GLU A 55 -6.98 -11.65 -25.41
C GLU A 55 -7.38 -11.65 -26.88
N GLY A 56 -6.44 -12.05 -27.74
CA GLY A 56 -6.66 -12.02 -29.18
C GLY A 56 -7.51 -13.18 -29.68
N PRO A 57 -7.80 -13.22 -30.99
CA PRO A 57 -8.70 -14.22 -31.57
C PRO A 57 -8.29 -15.70 -31.39
N GLU A 58 -7.00 -16.00 -31.36
CA GLU A 58 -6.56 -17.39 -31.22
C GLU A 58 -6.85 -17.96 -29.83
N TYR A 59 -6.84 -17.10 -28.82
CA TYR A 59 -7.21 -17.50 -27.47
C TYR A 59 -8.66 -17.99 -27.46
N TRP A 60 -9.56 -17.19 -27.99
CA TRP A 60 -10.98 -17.53 -28.03
C TRP A 60 -11.26 -18.75 -28.88
N GLU A 61 -10.53 -18.89 -29.99
CA GLU A 61 -10.69 -20.05 -30.85
C GLU A 61 -10.32 -21.35 -30.12
N ARG A 62 -9.18 -21.35 -29.46
CA ARG A 62 -8.72 -22.53 -28.75
C ARG A 62 -9.72 -22.90 -27.64
N GLU A 63 -10.09 -21.93 -26.82
CA GLU A 63 -10.99 -22.18 -25.70
C GLU A 63 -12.35 -22.71 -26.17
N THR A 64 -12.86 -22.17 -27.27
CA THR A 64 -14.11 -22.63 -27.85
C THR A 64 -14.03 -24.11 -28.23
N GLN A 65 -12.91 -24.54 -28.81
CA GLN A 65 -12.75 -25.96 -29.17
C GLN A 65 -12.62 -26.83 -27.93
N LYS A 66 -11.96 -26.31 -26.87
CA LYS A 66 -11.95 -27.01 -25.57
C LYS A 66 -13.38 -27.27 -25.08
N ALA A 67 -14.21 -26.22 -25.10
CA ALA A 67 -15.59 -26.32 -24.63
C ALA A 67 -16.40 -27.32 -25.47
N LYS A 68 -16.19 -27.33 -26.79
CA LYS A 68 -16.90 -28.28 -27.66
C LYS A 68 -16.47 -29.71 -27.35
N GLY A 69 -15.20 -29.88 -27.00
CA GLY A 69 -14.71 -31.16 -26.51
C GLY A 69 -15.38 -31.54 -25.18
N GLN A 70 -15.49 -30.60 -24.25
CA GLN A 70 -16.20 -30.86 -23.00
C GLN A 70 -17.64 -31.27 -23.23
N GLU A 71 -18.30 -30.60 -24.17
CA GLU A 71 -19.68 -30.87 -24.49
C GLU A 71 -19.87 -32.33 -24.94
N GLN A 72 -18.91 -32.82 -25.71
CA GLN A 72 -18.90 -34.21 -26.14
C GLN A 72 -18.65 -35.15 -24.96
N TRP A 73 -17.68 -34.80 -24.12
CA TRP A 73 -17.34 -35.59 -22.94
C TRP A 73 -18.55 -35.72 -22.02
N PHE A 74 -19.24 -34.60 -21.75
CA PHE A 74 -20.45 -34.61 -20.92
C PHE A 74 -21.59 -35.41 -21.53
N ARG A 75 -21.77 -35.31 -22.84
CA ARG A 75 -22.81 -36.07 -23.50
C ARG A 75 -22.58 -37.56 -23.31
N VAL A 76 -21.37 -38.03 -23.59
CA VAL A 76 -21.05 -39.44 -23.44
C VAL A 76 -21.14 -39.89 -21.96
N SER A 77 -20.64 -39.06 -21.04
CA SER A 77 -20.68 -39.37 -19.62
C SER A 77 -22.11 -39.50 -19.09
N LEU A 78 -22.99 -38.58 -19.49
CA LEU A 78 -24.43 -38.64 -19.17
C LEU A 78 -25.07 -39.97 -19.63
N ARG A 79 -24.78 -40.38 -20.86
CA ARG A 79 -25.20 -41.68 -21.37
C ARG A 79 -24.66 -42.85 -20.54
N ASN A 80 -23.38 -42.80 -20.18
CA ASN A 80 -22.78 -43.88 -19.40
C ASN A 80 -23.43 -44.00 -18.01
N LEU A 81 -23.62 -42.86 -17.34
CA LEU A 81 -24.25 -42.78 -16.03
C LEU A 81 -25.67 -43.32 -15.97
N LEU A 82 -26.46 -43.03 -16.99
CA LEU A 82 -27.81 -43.57 -17.11
C LEU A 82 -27.76 -45.09 -16.98
N GLY A 83 -26.78 -45.69 -17.65
CA GLY A 83 -26.57 -47.13 -17.57
C GLY A 83 -26.12 -47.57 -16.20
N TYR A 84 -25.17 -46.85 -15.60
CA TYR A 84 -24.64 -47.23 -14.29
C TYR A 84 -25.72 -47.24 -13.21
N TYR A 85 -26.68 -46.31 -13.30
CA TYR A 85 -27.77 -46.20 -12.32
C TYR A 85 -29.07 -46.84 -12.75
N ASN A 86 -29.06 -47.51 -13.90
CA ASN A 86 -30.24 -48.23 -14.38
C ASN A 86 -31.42 -47.28 -14.41
N GLN A 87 -31.16 -46.10 -14.94
CA GLN A 87 -32.17 -45.09 -15.11
C GLN A 87 -32.71 -45.28 -16.53
N SER A 88 -34.02 -45.24 -16.68
CA SER A 88 -34.56 -45.47 -18.01
C SER A 88 -34.57 -44.16 -18.79
N ALA A 89 -35.03 -44.22 -20.04
CA ALA A 89 -35.27 -43.03 -20.85
C ALA A 89 -36.46 -42.29 -20.27
N GLY A 90 -36.55 -40.99 -20.57
CA GLY A 90 -37.70 -40.16 -20.15
C GLY A 90 -37.53 -39.32 -18.89
N GLY A 91 -36.29 -39.16 -18.41
CA GLY A 91 -36.03 -38.33 -17.22
C GLY A 91 -35.21 -37.11 -17.54
N SER A 92 -35.02 -36.25 -16.54
CA SER A 92 -34.06 -35.14 -16.63
C SER A 92 -32.86 -35.44 -15.76
N HIS A 93 -31.67 -35.16 -16.27
CA HIS A 93 -30.43 -35.48 -15.54
C HIS A 93 -29.44 -34.36 -15.63
N THR A 94 -28.57 -34.28 -14.63
N THR A 94 -28.59 -34.25 -14.62
CA THR A 94 -27.61 -33.19 -14.48
CA THR A 94 -27.58 -33.21 -14.58
C THR A 94 -26.21 -33.74 -14.14
C THR A 94 -26.22 -33.77 -14.19
N LEU A 95 -25.19 -33.25 -14.81
CA LEU A 95 -23.80 -33.60 -14.53
C LEU A 95 -23.04 -32.28 -14.37
N GLN A 96 -22.32 -32.17 -13.26
CA GLN A 96 -21.62 -30.96 -12.93
C GLN A 96 -20.17 -31.24 -12.59
N GLN A 97 -19.32 -30.26 -12.89
CA GLN A 97 -17.88 -30.32 -12.62
C GLN A 97 -17.41 -28.97 -12.04
N MET A 98 -16.53 -29.04 -11.06
CA MET A 98 -15.77 -27.87 -10.63
C MET A 98 -14.30 -28.26 -10.69
N SER A 99 -13.49 -27.38 -11.23
N SER A 99 -13.50 -27.40 -11.29
CA SER A 99 -12.06 -27.64 -11.32
CA SER A 99 -12.06 -27.62 -11.43
C SER A 99 -11.29 -26.33 -11.29
C SER A 99 -11.34 -26.31 -11.14
N GLY A 100 -10.07 -26.39 -10.79
CA GLY A 100 -9.21 -25.22 -10.75
C GLY A 100 -8.23 -25.24 -9.63
N CYS A 101 -7.72 -24.07 -9.28
CA CYS A 101 -6.62 -23.97 -8.34
C CYS A 101 -6.73 -22.78 -7.39
N ASP A 102 -6.18 -22.96 -6.19
CA ASP A 102 -5.98 -21.88 -5.21
C ASP A 102 -4.49 -21.59 -5.14
N LEU A 103 -4.13 -20.31 -5.20
CA LEU A 103 -2.78 -19.83 -4.98
C LEU A 103 -2.71 -19.12 -3.62
N GLY A 104 -1.60 -19.26 -2.92
CA GLY A 104 -1.31 -18.42 -1.75
C GLY A 104 -0.91 -17.01 -2.16
N SER A 105 -0.71 -16.15 -1.17
N SER A 105 -0.70 -16.15 -1.17
CA SER A 105 -0.28 -14.77 -1.40
CA SER A 105 -0.28 -14.76 -1.41
C SER A 105 1.05 -14.68 -2.15
C SER A 105 1.05 -14.68 -2.18
N ASP A 106 1.83 -15.76 -2.13
CA ASP A 106 3.09 -15.86 -2.88
C ASP A 106 2.92 -16.34 -4.34
N TRP A 107 1.67 -16.57 -4.75
CA TRP A 107 1.32 -17.00 -6.10
C TRP A 107 1.71 -18.45 -6.40
N ARG A 108 2.03 -19.23 -5.38
N ARG A 108 2.00 -19.23 -5.37
CA ARG A 108 2.35 -20.65 -5.53
CA ARG A 108 2.33 -20.64 -5.52
C ARG A 108 1.09 -21.49 -5.26
C ARG A 108 1.10 -21.50 -5.25
N LEU A 109 1.01 -22.64 -5.92
CA LEU A 109 -0.11 -23.55 -5.77
C LEU A 109 -0.32 -24.00 -4.32
N LEU A 110 -1.53 -23.79 -3.82
CA LEU A 110 -1.91 -24.20 -2.48
C LEU A 110 -2.73 -25.48 -2.56
N ARG A 111 -3.61 -25.57 -3.55
CA ARG A 111 -4.54 -26.71 -3.68
C ARG A 111 -5.14 -26.77 -5.09
N GLY A 112 -5.19 -27.97 -5.67
CA GLY A 112 -5.94 -28.23 -6.89
C GLY A 112 -7.30 -28.82 -6.57
N TYR A 113 -8.27 -28.60 -7.46
CA TYR A 113 -9.63 -29.10 -7.31
C TYR A 113 -10.12 -29.72 -8.60
N LEU A 114 -10.80 -30.84 -8.43
CA LEU A 114 -11.45 -31.52 -9.53
C LEU A 114 -12.52 -32.44 -8.94
N GLN A 115 -13.78 -32.00 -9.00
CA GLN A 115 -14.91 -32.75 -8.44
C GLN A 115 -16.05 -32.76 -9.43
N PHE A 116 -16.86 -33.82 -9.34
CA PHE A 116 -18.00 -34.03 -10.23
C PHE A 116 -19.20 -34.41 -9.39
N ALA A 117 -20.38 -34.01 -9.87
CA ALA A 117 -21.67 -34.38 -9.27
C ALA A 117 -22.61 -34.88 -10.35
N TYR A 118 -23.40 -35.89 -9.99
CA TYR A 118 -24.49 -36.37 -10.80
C TYR A 118 -25.79 -36.19 -10.02
N GLU A 119 -26.77 -35.57 -10.64
CA GLU A 119 -28.05 -35.25 -10.00
C GLU A 119 -27.84 -34.37 -8.76
N GLY A 120 -26.83 -33.50 -8.81
CA GLY A 120 -26.55 -32.58 -7.71
C GLY A 120 -25.90 -33.21 -6.48
N ARG A 121 -25.42 -34.44 -6.61
CA ARG A 121 -24.82 -35.14 -5.48
C ARG A 121 -23.39 -35.59 -5.85
N ASP A 122 -22.48 -35.53 -4.88
CA ASP A 122 -21.08 -35.91 -5.12
C ASP A 122 -20.98 -37.27 -5.80
N TYR A 123 -20.26 -37.31 -6.94
CA TYR A 123 -20.10 -38.54 -7.67
C TYR A 123 -18.67 -39.06 -7.57
N ILE A 124 -17.70 -38.26 -8.03
CA ILE A 124 -16.27 -38.59 -7.93
C ILE A 124 -15.44 -37.30 -7.81
N ALA A 125 -14.36 -37.36 -7.02
CA ALA A 125 -13.51 -36.21 -6.79
C ALA A 125 -12.05 -36.63 -6.74
N LEU A 126 -11.17 -35.78 -7.26
CA LEU A 126 -9.75 -36.00 -7.16
C LEU A 126 -9.32 -35.54 -5.76
N ASN A 127 -8.64 -36.40 -5.01
CA ASN A 127 -8.19 -36.02 -3.67
C ASN A 127 -7.07 -34.96 -3.73
N GLU A 128 -6.86 -34.27 -2.61
CA GLU A 128 -5.88 -33.19 -2.51
C GLU A 128 -4.45 -33.59 -2.92
N ASP A 129 -4.09 -34.85 -2.71
CA ASP A 129 -2.82 -35.41 -3.19
C ASP A 129 -2.67 -35.39 -4.72
N LEU A 130 -3.79 -35.16 -5.41
CA LEU A 130 -3.83 -35.13 -6.87
C LEU A 130 -3.39 -36.44 -7.51
N LYS A 131 -3.56 -37.54 -6.77
CA LYS A 131 -3.15 -38.87 -7.21
C LYS A 131 -4.24 -39.93 -7.09
N THR A 132 -5.12 -39.78 -6.11
CA THR A 132 -6.17 -40.78 -5.87
C THR A 132 -7.56 -40.16 -5.89
N TRP A 133 -8.57 -41.02 -6.00
CA TRP A 133 -9.95 -40.59 -6.22
C TRP A 133 -10.83 -41.01 -5.04
N THR A 134 -11.75 -40.15 -4.62
N THR A 134 -11.77 -40.14 -4.69
CA THR A 134 -12.80 -40.55 -3.70
CA THR A 134 -12.83 -40.43 -3.73
C THR A 134 -14.11 -40.63 -4.47
C THR A 134 -14.12 -40.63 -4.52
N ALA A 135 -14.80 -41.76 -4.31
CA ALA A 135 -16.07 -42.06 -4.96
C ALA A 135 -16.94 -42.83 -3.96
N ALA A 136 -18.04 -42.24 -3.50
CA ALA A 136 -18.88 -42.89 -2.48
C ALA A 136 -19.77 -43.97 -3.10
N ASP A 137 -20.48 -43.61 -4.15
CA ASP A 137 -21.51 -44.49 -4.71
C ASP A 137 -20.93 -45.79 -5.26
N MET A 138 -21.66 -46.90 -5.10
CA MET A 138 -21.31 -48.15 -5.75
C MET A 138 -21.21 -47.92 -7.26
N ALA A 139 -22.14 -47.15 -7.82
CA ALA A 139 -22.11 -46.88 -9.24
C ALA A 139 -20.84 -46.10 -9.63
N ALA A 140 -20.34 -45.23 -8.76
CA ALA A 140 -19.13 -44.43 -9.02
C ALA A 140 -17.79 -45.23 -9.02
N GLN A 141 -17.82 -46.42 -8.42
CA GLN A 141 -16.67 -47.33 -8.43
C GLN A 141 -16.32 -47.79 -9.84
N ILE A 142 -17.31 -47.95 -10.70
CA ILE A 142 -17.04 -48.26 -12.10
C ILE A 142 -16.13 -47.18 -12.71
N THR A 143 -16.50 -45.92 -12.53
CA THR A 143 -15.72 -44.79 -13.03
C THR A 143 -14.34 -44.71 -12.38
N ARG A 144 -14.31 -44.89 -11.06
N ARG A 144 -14.28 -44.88 -11.06
CA ARG A 144 -13.05 -44.83 -10.27
CA ARG A 144 -13.01 -44.79 -10.35
C ARG A 144 -12.03 -45.84 -10.79
C ARG A 144 -12.01 -45.83 -10.86
N ARG A 145 -12.47 -47.07 -11.04
CA ARG A 145 -11.61 -48.13 -11.60
C ARG A 145 -11.16 -47.82 -13.02
N LYS A 146 -12.08 -47.31 -13.84
CA LYS A 146 -11.76 -46.94 -15.21
C LYS A 146 -10.67 -45.86 -15.21
N TRP A 147 -10.81 -44.86 -14.36
CA TRP A 147 -9.85 -43.74 -14.33
C TRP A 147 -8.53 -44.10 -13.66
N GLU A 148 -8.56 -45.04 -12.71
CA GLU A 148 -7.33 -45.61 -12.16
C GLU A 148 -6.56 -46.36 -13.23
N GLN A 149 -7.25 -47.16 -14.05
CA GLN A 149 -6.59 -47.96 -15.09
C GLN A 149 -6.08 -47.11 -16.27
N SER A 150 -6.78 -46.03 -16.61
CA SER A 150 -6.33 -45.14 -17.68
C SER A 150 -5.28 -44.13 -17.23
N GLY A 151 -5.05 -44.00 -15.93
CA GLY A 151 -4.13 -42.99 -15.39
C GLY A 151 -4.59 -41.55 -15.55
N ALA A 152 -5.90 -41.34 -15.44
CA ALA A 152 -6.50 -40.00 -15.63
C ALA A 152 -5.94 -38.96 -14.67
N ALA A 153 -5.71 -39.36 -13.42
CA ALA A 153 -5.26 -38.43 -12.37
C ALA A 153 -3.94 -37.70 -12.67
N GLU A 154 -2.98 -38.40 -13.29
CA GLU A 154 -1.69 -37.80 -13.64
C GLU A 154 -1.89 -36.64 -14.62
N HIS A 155 -2.82 -36.84 -15.55
CA HIS A 155 -3.14 -35.80 -16.53
C HIS A 155 -3.88 -34.60 -15.91
N TYR A 156 -4.85 -34.84 -15.03
CA TYR A 156 -5.52 -33.75 -14.34
C TYR A 156 -4.52 -32.98 -13.45
N LYS A 157 -3.63 -33.73 -12.79
CA LYS A 157 -2.58 -33.15 -11.95
C LYS A 157 -1.68 -32.21 -12.75
N ALA A 158 -1.28 -32.65 -13.94
CA ALA A 158 -0.47 -31.84 -14.85
C ALA A 158 -1.19 -30.55 -15.23
N TYR A 159 -2.48 -30.63 -15.54
CA TYR A 159 -3.30 -29.43 -15.77
C TYR A 159 -3.30 -28.49 -14.56
N LEU A 160 -3.64 -29.04 -13.39
CA LEU A 160 -3.80 -28.26 -12.18
C LEU A 160 -2.51 -27.54 -11.73
N GLU A 161 -1.39 -28.25 -11.76
CA GLU A 161 -0.10 -27.71 -11.34
C GLU A 161 0.58 -26.86 -12.42
N GLY A 162 0.29 -27.15 -13.68
CA GLY A 162 0.91 -26.45 -14.80
C GLY A 162 0.03 -25.35 -15.33
N GLU A 163 -0.82 -25.70 -16.28
CA GLU A 163 -1.73 -24.75 -16.95
C GLU A 163 -2.56 -23.87 -16.04
N CYS A 164 -3.20 -24.46 -15.02
CA CYS A 164 -4.08 -23.70 -14.16
C CYS A 164 -3.33 -22.54 -13.49
N VAL A 165 -2.18 -22.88 -12.90
CA VAL A 165 -1.34 -21.92 -12.21
C VAL A 165 -0.77 -20.87 -13.17
N GLU A 166 -0.15 -21.33 -14.25
CA GLU A 166 0.47 -20.46 -15.27
C GLU A 166 -0.49 -19.43 -15.88
N TRP A 167 -1.68 -19.88 -16.27
CA TRP A 167 -2.68 -18.99 -16.88
C TRP A 167 -3.34 -18.07 -15.85
N LEU A 168 -3.52 -18.57 -14.63
CA LEU A 168 -3.96 -17.69 -13.54
C LEU A 168 -2.95 -16.55 -13.30
N HIS A 169 -1.65 -16.86 -13.35
CA HIS A 169 -0.65 -15.80 -13.25
C HIS A 169 -0.85 -14.75 -14.35
N ARG A 170 -1.05 -15.20 -15.58
N ARG A 170 -1.05 -15.20 -15.58
CA ARG A 170 -1.28 -14.28 -16.70
CA ARG A 170 -1.29 -14.31 -16.72
C ARG A 170 -2.54 -13.43 -16.53
C ARG A 170 -2.54 -13.45 -16.55
N TYR A 171 -3.62 -14.04 -16.04
CA TYR A 171 -4.88 -13.31 -15.82
C TYR A 171 -4.79 -12.28 -14.68
N LEU A 172 -4.05 -12.62 -13.62
CA LEU A 172 -3.84 -11.68 -12.51
C LEU A 172 -3.01 -10.46 -12.97
N LYS A 173 -2.06 -10.68 -13.87
CA LYS A 173 -1.28 -9.58 -14.45
C LYS A 173 -2.15 -8.66 -15.34
N ASN A 174 -2.97 -9.27 -16.19
CA ASN A 174 -3.87 -8.49 -17.06
C ASN A 174 -5.06 -7.86 -16.33
N GLY A 175 -5.43 -8.41 -15.19
CA GLY A 175 -6.59 -7.94 -14.44
C GLY A 175 -6.28 -7.01 -13.28
N ASN A 176 -4.99 -6.77 -13.03
CA ASN A 176 -4.53 -5.92 -11.91
C ASN A 176 -5.45 -4.72 -11.64
N LEU A 180 -8.49 -7.96 -6.46
CA LEU A 180 -7.52 -7.03 -5.85
C LEU A 180 -8.25 -6.09 -4.90
N ARG A 181 -9.30 -5.43 -5.39
CA ARG A 181 -9.97 -4.38 -4.63
C ARG A 181 -11.28 -4.87 -3.94
N THR A 182 -11.64 -4.17 -2.87
CA THR A 182 -12.83 -4.48 -2.08
C THR A 182 -13.62 -3.18 -1.77
N ASP A 183 -14.91 -3.34 -1.46
CA ASP A 183 -15.78 -2.23 -1.07
C ASP A 183 -16.27 -2.46 0.35
N SER A 184 -15.99 -1.50 1.23
CA SER A 184 -16.35 -1.64 2.62
C SER A 184 -17.86 -1.45 2.81
N PRO A 185 -18.44 -2.09 3.83
CA PRO A 185 -19.86 -1.91 4.12
C PRO A 185 -20.15 -0.57 4.78
N LYS A 186 -21.18 0.11 4.29
CA LYS A 186 -21.74 1.29 4.94
C LYS A 186 -22.92 0.81 5.76
N ALA A 187 -22.88 1.06 7.06
CA ALA A 187 -23.87 0.52 7.99
C ALA A 187 -24.78 1.60 8.58
N HIS A 188 -26.02 1.22 8.86
CA HIS A 188 -26.96 2.07 9.59
C HIS A 188 -27.98 1.19 10.29
N VAL A 189 -28.57 1.71 11.35
CA VAL A 189 -29.56 0.99 12.14
C VAL A 189 -30.93 1.63 11.93
N THR A 190 -31.94 0.80 11.64
CA THR A 190 -33.30 1.27 11.46
C THR A 190 -34.12 0.94 12.69
N HIS A 191 -35.20 1.68 12.89
CA HIS A 191 -36.02 1.57 14.08
C HIS A 191 -37.46 1.29 13.69
N HIS A 192 -38.02 0.22 14.25
CA HIS A 192 -39.36 -0.23 13.88
C HIS A 192 -40.18 -0.56 15.13
N PRO A 193 -40.95 0.43 15.63
CA PRO A 193 -41.80 0.22 16.81
C PRO A 193 -42.86 -0.85 16.60
N ARG A 194 -43.03 -1.74 17.58
CA ARG A 194 -44.04 -2.79 17.50
C ARG A 194 -44.91 -2.80 18.78
N SER A 195 -45.00 -3.95 19.47
CA SER A 195 -45.82 -4.07 20.68
C SER A 195 -45.25 -3.22 21.82
N GLU A 198 -41.71 -2.42 23.08
CA GLU A 198 -40.78 -3.20 22.27
C GLU A 198 -40.57 -2.58 20.88
N VAL A 199 -39.32 -2.55 20.44
CA VAL A 199 -38.97 -2.03 19.11
C VAL A 199 -37.96 -2.97 18.44
N THR A 200 -38.08 -3.12 17.13
CA THR A 200 -37.12 -3.88 16.35
C THR A 200 -36.04 -2.93 15.89
N LEU A 201 -34.81 -3.23 16.28
CA LEU A 201 -33.64 -2.53 15.77
C LEU A 201 -33.03 -3.44 14.69
N ARG A 202 -32.91 -2.91 13.48
CA ARG A 202 -32.39 -3.68 12.37
C ARG A 202 -31.14 -3.00 11.81
N CYS A 203 -30.03 -3.70 11.93
CA CYS A 203 -28.72 -3.21 11.48
C CYS A 203 -28.46 -3.61 10.03
N TRP A 204 -28.22 -2.62 9.19
CA TRP A 204 -28.05 -2.83 7.75
C TRP A 204 -26.60 -2.69 7.35
N ALA A 205 -26.12 -3.58 6.48
CA ALA A 205 -24.84 -3.41 5.81
C ALA A 205 -25.09 -3.37 4.31
N LEU A 206 -24.63 -2.32 3.64
CA LEU A 206 -24.90 -2.10 2.24
C LEU A 206 -23.64 -1.71 1.46
N GLY A 207 -23.62 -2.06 0.18
CA GLY A 207 -22.59 -1.60 -0.76
C GLY A 207 -21.25 -2.31 -0.67
N PHE A 208 -21.23 -3.49 -0.08
CA PHE A 208 -19.95 -4.18 0.15
C PHE A 208 -19.62 -5.26 -0.86
N TYR A 209 -18.32 -5.50 -1.03
CA TYR A 209 -17.79 -6.56 -1.86
C TYR A 209 -16.40 -6.94 -1.31
N PRO A 210 -16.08 -8.25 -1.20
CA PRO A 210 -16.90 -9.41 -1.53
C PRO A 210 -18.02 -9.69 -0.51
N ALA A 211 -18.78 -10.75 -0.76
CA ALA A 211 -20.03 -11.03 -0.05
C ALA A 211 -19.87 -11.47 1.40
N ASP A 212 -18.72 -12.08 1.73
CA ASP A 212 -18.46 -12.56 3.10
C ASP A 212 -18.54 -11.38 4.08
N ILE A 213 -19.41 -11.51 5.09
CA ILE A 213 -19.60 -10.46 6.10
C ILE A 213 -20.27 -11.06 7.33
N THR A 214 -20.00 -10.51 8.51
CA THR A 214 -20.69 -10.92 9.73
C THR A 214 -21.33 -9.71 10.43
N LEU A 215 -22.58 -9.88 10.87
CA LEU A 215 -23.27 -8.89 11.67
C LEU A 215 -23.62 -9.50 13.02
N THR A 216 -23.33 -8.79 14.11
CA THR A 216 -23.67 -9.27 15.45
C THR A 216 -24.31 -8.17 16.28
N TRP A 217 -25.20 -8.57 17.17
CA TRP A 217 -25.75 -7.67 18.16
C TRP A 217 -25.21 -8.06 19.52
N GLN A 218 -25.06 -7.08 20.40
CA GLN A 218 -24.64 -7.32 21.78
C GLN A 218 -25.55 -6.56 22.74
N GLY A 221 -21.80 -6.02 25.58
CA GLY A 221 -21.44 -7.01 26.57
C GLY A 221 -21.36 -8.43 26.04
N GLU A 222 -22.53 -9.05 25.84
CA GLU A 222 -22.61 -10.47 25.46
C GLU A 222 -23.13 -10.62 24.02
N GLU A 223 -22.65 -11.64 23.31
CA GLU A 223 -22.99 -11.88 21.91
C GLU A 223 -24.47 -11.66 21.58
N MET A 228 -31.90 -13.47 17.64
CA MET A 228 -31.55 -12.55 16.57
C MET A 228 -32.01 -13.11 15.23
N GLU A 229 -32.68 -12.27 14.46
CA GLU A 229 -33.09 -12.62 13.10
C GLU A 229 -32.09 -12.03 12.11
N LEU A 230 -31.94 -12.70 10.98
CA LEU A 230 -31.09 -12.21 9.90
C LEU A 230 -31.57 -12.71 8.54
N VAL A 231 -30.93 -12.21 7.49
CA VAL A 231 -31.13 -12.74 6.15
C VAL A 231 -29.79 -13.21 5.63
N GLU A 232 -29.82 -14.11 4.66
CA GLU A 232 -28.62 -14.49 3.93
C GLU A 232 -28.15 -13.26 3.13
N THR A 233 -26.83 -13.12 3.02
CA THR A 233 -26.21 -12.09 2.17
C THR A 233 -26.72 -12.22 0.74
N ARG A 234 -27.04 -11.09 0.12
CA ARG A 234 -27.80 -11.05 -1.13
C ARG A 234 -27.15 -10.02 -2.05
N PRO A 235 -27.16 -10.26 -3.37
CA PRO A 235 -26.62 -9.28 -4.30
C PRO A 235 -27.58 -8.10 -4.55
N ALA A 236 -27.05 -6.88 -4.54
CA ALA A 236 -27.84 -5.69 -4.90
C ALA A 236 -28.14 -5.66 -6.40
N GLY A 237 -27.30 -6.34 -7.18
CA GLY A 237 -27.45 -6.42 -8.63
C GLY A 237 -26.46 -5.55 -9.37
N ASP A 238 -25.67 -4.77 -8.62
CA ASP A 238 -24.71 -3.83 -9.18
C ASP A 238 -23.24 -4.24 -8.92
N GLY A 239 -23.03 -5.47 -8.44
CA GLY A 239 -21.68 -5.95 -8.07
C GLY A 239 -21.43 -5.98 -6.57
N THR A 240 -22.28 -5.31 -5.81
CA THR A 240 -22.17 -5.25 -4.35
C THR A 240 -23.29 -6.07 -3.65
N PHE A 241 -23.14 -6.23 -2.35
CA PHE A 241 -24.03 -7.09 -1.57
C PHE A 241 -24.66 -6.35 -0.38
N GLN A 242 -25.70 -6.96 0.17
CA GLN A 242 -26.48 -6.41 1.28
C GLN A 242 -26.67 -7.50 2.34
N LYS A 243 -26.77 -7.10 3.60
CA LYS A 243 -27.16 -8.01 4.67
C LYS A 243 -27.79 -7.21 5.81
N TRP A 244 -28.71 -7.80 6.56
CA TRP A 244 -29.14 -7.19 7.82
C TRP A 244 -29.31 -8.22 8.93
N ALA A 245 -29.23 -7.73 10.16
CA ALA A 245 -29.56 -8.53 11.35
C ALA A 245 -30.41 -7.67 12.31
N SER A 246 -31.41 -8.30 12.93
CA SER A 246 -32.30 -7.58 13.83
C SER A 246 -32.44 -8.24 15.21
N VAL A 247 -32.85 -7.41 16.18
CA VAL A 247 -33.20 -7.87 17.52
C VAL A 247 -34.43 -7.09 17.99
N VAL A 248 -35.32 -7.77 18.72
CA VAL A 248 -36.48 -7.12 19.35
C VAL A 248 -36.03 -6.61 20.73
N VAL A 249 -36.18 -5.31 20.95
CA VAL A 249 -35.56 -4.61 22.08
C VAL A 249 -36.58 -3.71 22.81
N PRO A 250 -36.59 -3.76 24.17
CA PRO A 250 -37.45 -2.90 25.00
C PRO A 250 -37.48 -1.42 24.59
N LEU A 251 -38.67 -0.83 24.58
CA LEU A 251 -38.84 0.58 24.22
C LEU A 251 -38.23 1.46 25.31
N GLY A 252 -37.46 2.47 24.91
CA GLY A 252 -36.73 3.33 25.83
C GLY A 252 -35.28 2.91 26.07
N LYS A 253 -35.02 1.61 26.08
CA LYS A 253 -33.69 1.06 26.37
C LYS A 253 -32.92 0.61 25.12
N GLU A 254 -33.07 1.35 24.02
CA GLU A 254 -32.43 0.95 22.75
C GLU A 254 -30.92 1.27 22.68
N GLN A 255 -30.43 2.10 23.60
CA GLN A 255 -29.00 2.49 23.61
C GLN A 255 -28.10 1.46 24.29
N ASN A 256 -28.69 0.49 24.97
CA ASN A 256 -27.94 -0.64 25.54
C ASN A 256 -27.42 -1.62 24.47
N TYR A 257 -27.94 -1.51 23.24
CA TYR A 257 -27.61 -2.47 22.18
C TYR A 257 -26.69 -1.88 21.12
N THR A 258 -25.68 -2.66 20.72
CA THR A 258 -24.73 -2.25 19.70
C THR A 258 -24.56 -3.32 18.62
N CYS A 259 -24.59 -2.87 17.36
CA CYS A 259 -24.40 -3.76 16.22
C CYS A 259 -22.94 -3.70 15.79
N ARG A 260 -22.37 -4.85 15.46
CA ARG A 260 -21.01 -4.93 14.95
C ARG A 260 -20.96 -5.56 13.56
N VAL A 261 -20.20 -4.94 12.67
CA VAL A 261 -20.07 -5.42 11.29
C VAL A 261 -18.63 -5.78 11.00
N TYR A 262 -18.41 -7.05 10.66
CA TYR A 262 -17.09 -7.56 10.33
C TYR A 262 -17.00 -7.83 8.82
N HIS A 263 -16.12 -7.10 8.15
CA HIS A 263 -15.88 -7.30 6.72
C HIS A 263 -14.41 -7.11 6.41
N GLU A 264 -13.89 -7.90 5.47
CA GLU A 264 -12.48 -7.87 5.10
C GLU A 264 -11.98 -6.51 4.62
N GLY A 265 -12.90 -5.67 4.13
CA GLY A 265 -12.55 -4.33 3.63
C GLY A 265 -12.43 -3.27 4.72
N LEU A 266 -12.79 -3.64 5.95
CA LEU A 266 -12.74 -2.70 7.07
C LEU A 266 -11.36 -2.66 7.76
N PRO A 267 -10.82 -1.46 8.03
CA PRO A 267 -9.61 -1.39 8.86
C PRO A 267 -9.82 -2.06 10.22
N GLU A 268 -11.00 -1.91 10.79
CA GLU A 268 -11.43 -2.69 11.96
C GLU A 268 -12.95 -2.78 12.03
N PRO A 269 -13.48 -3.76 12.81
CA PRO A 269 -14.93 -3.91 12.84
C PRO A 269 -15.65 -2.60 13.16
N LEU A 270 -16.68 -2.30 12.38
CA LEU A 270 -17.59 -1.19 12.68
C LEU A 270 -18.42 -1.56 13.90
N THR A 271 -18.57 -0.62 14.83
CA THR A 271 -19.53 -0.72 15.90
C THR A 271 -20.57 0.38 15.67
N LEU A 272 -21.85 0.04 15.85
CA LEU A 272 -22.94 0.98 15.57
C LEU A 272 -24.09 0.79 16.56
N ARG A 273 -24.89 1.83 16.72
CA ARG A 273 -26.13 1.75 17.50
C ARG A 273 -27.22 2.67 16.92
N TRP A 274 -28.44 2.48 17.41
CA TRP A 274 -29.57 3.32 17.02
C TRP A 274 -29.34 4.73 17.53
N GLU A 275 -29.42 5.71 16.63
CA GLU A 275 -29.04 7.09 16.95
C GLU A 275 -30.13 8.11 16.59
N ILE B 1 -32.05 -35.83 -6.61
CA ILE B 1 -33.29 -35.49 -5.83
C ILE B 1 -33.40 -33.97 -5.58
N GLN B 2 -34.60 -33.55 -5.19
CA GLN B 2 -35.03 -32.16 -5.32
C GLN B 2 -34.53 -31.33 -4.14
N LYS B 3 -34.05 -30.11 -4.42
CA LYS B 3 -33.72 -29.14 -3.39
C LYS B 3 -34.63 -27.92 -3.60
N THR B 4 -35.30 -27.47 -2.53
N THR B 4 -35.23 -27.45 -2.50
CA THR B 4 -36.33 -26.44 -2.67
CA THR B 4 -36.25 -26.39 -2.54
C THR B 4 -35.75 -25.02 -2.66
C THR B 4 -35.65 -24.99 -2.69
N PRO B 5 -36.18 -24.19 -3.62
CA PRO B 5 -35.67 -22.81 -3.71
C PRO B 5 -35.91 -21.96 -2.48
N GLN B 6 -34.87 -21.29 -2.04
CA GLN B 6 -34.96 -20.22 -1.06
C GLN B 6 -35.11 -18.90 -1.81
N ILE B 7 -35.96 -17.99 -1.31
CA ILE B 7 -36.32 -16.77 -2.03
C ILE B 7 -36.25 -15.55 -1.12
N GLN B 8 -35.57 -14.49 -1.59
CA GLN B 8 -35.66 -13.17 -1.00
C GLN B 8 -36.13 -12.15 -2.05
N VAL B 9 -36.94 -11.19 -1.63
CA VAL B 9 -37.43 -10.12 -2.49
C VAL B 9 -37.09 -8.82 -1.78
N TYR B 10 -36.42 -7.92 -2.50
CA TYR B 10 -35.83 -6.75 -1.90
C TYR B 10 -35.41 -5.77 -3.01
N SER B 11 -35.30 -4.51 -2.66
CA SER B 11 -34.92 -3.48 -3.63
C SER B 11 -33.40 -3.27 -3.63
N ARG B 12 -32.86 -2.87 -4.77
CA ARG B 12 -31.44 -2.57 -4.87
C ARG B 12 -31.03 -1.41 -3.96
N HIS B 13 -31.79 -0.32 -4.02
CA HIS B 13 -31.53 0.88 -3.23
C HIS B 13 -32.56 1.06 -2.12
N PRO B 14 -32.22 1.86 -1.11
CA PRO B 14 -33.22 2.13 -0.06
C PRO B 14 -34.49 2.69 -0.68
N PRO B 15 -35.66 2.08 -0.38
CA PRO B 15 -36.86 2.51 -1.09
C PRO B 15 -37.39 3.87 -0.63
N GLU B 16 -37.86 4.65 -1.58
CA GLU B 16 -38.52 5.93 -1.31
C GLU B 16 -39.71 5.97 -2.25
N ASN B 17 -40.91 6.23 -1.70
CA ASN B 17 -42.10 6.23 -2.53
C ASN B 17 -41.95 7.28 -3.62
N GLY B 18 -42.37 6.95 -4.83
CA GLY B 18 -42.29 7.86 -5.95
C GLY B 18 -40.98 7.82 -6.73
N LYS B 19 -39.94 7.22 -6.16
CA LYS B 19 -38.60 7.20 -6.78
C LYS B 19 -38.24 5.85 -7.41
N PRO B 20 -37.95 5.86 -8.72
CA PRO B 20 -37.60 4.63 -9.43
C PRO B 20 -36.51 3.85 -8.74
N ASN B 21 -36.65 2.53 -8.72
CA ASN B 21 -35.71 1.65 -8.04
C ASN B 21 -35.64 0.38 -8.89
N ILE B 22 -34.96 -0.62 -8.36
CA ILE B 22 -34.93 -1.95 -8.97
C ILE B 22 -35.38 -2.96 -7.91
N LEU B 23 -36.31 -3.83 -8.27
CA LEU B 23 -36.76 -4.85 -7.35
C LEU B 23 -36.12 -6.16 -7.75
N ASN B 24 -35.52 -6.83 -6.78
CA ASN B 24 -34.84 -8.10 -6.99
C ASN B 24 -35.61 -9.28 -6.42
N CYS B 25 -35.52 -10.43 -7.09
CA CYS B 25 -35.97 -11.70 -6.53
C CYS B 25 -34.80 -12.69 -6.64
N TYR B 26 -34.22 -13.04 -5.50
CA TYR B 26 -33.00 -13.82 -5.44
C TYR B 26 -33.36 -15.21 -5.00
N VAL B 27 -33.10 -16.18 -5.88
CA VAL B 27 -33.57 -17.55 -5.72
C VAL B 27 -32.34 -18.46 -5.73
N THR B 28 -32.19 -19.22 -4.65
CA THR B 28 -30.98 -19.97 -4.39
C THR B 28 -31.28 -21.38 -3.91
N GLN B 29 -30.25 -22.21 -3.92
CA GLN B 29 -30.26 -23.49 -3.20
C GLN B 29 -31.23 -24.48 -3.83
N PHE B 30 -31.40 -24.43 -5.15
CA PHE B 30 -32.35 -25.32 -5.81
C PHE B 30 -31.71 -26.33 -6.76
N HIS B 31 -32.42 -27.43 -6.93
CA HIS B 31 -32.08 -28.49 -7.90
C HIS B 31 -33.36 -29.25 -8.21
N PRO B 32 -33.62 -29.59 -9.48
CA PRO B 32 -32.86 -29.33 -10.72
C PRO B 32 -32.85 -27.84 -11.11
N PRO B 33 -32.01 -27.48 -12.09
CA PRO B 33 -31.87 -26.08 -12.48
C PRO B 33 -33.07 -25.45 -13.22
N HIS B 34 -33.97 -26.26 -13.76
CA HIS B 34 -35.19 -25.75 -14.40
C HIS B 34 -36.12 -25.13 -13.35
N ILE B 35 -36.53 -23.89 -13.61
CA ILE B 35 -37.31 -23.12 -12.66
C ILE B 35 -38.06 -22.03 -13.44
N GLU B 36 -39.25 -21.67 -12.94
CA GLU B 36 -40.02 -20.54 -13.46
C GLU B 36 -40.10 -19.51 -12.34
N ILE B 37 -39.68 -18.29 -12.65
CA ILE B 37 -39.71 -17.19 -11.69
C ILE B 37 -40.54 -16.08 -12.33
N GLN B 38 -41.54 -15.57 -11.61
CA GLN B 38 -42.33 -14.43 -12.08
C GLN B 38 -42.38 -13.37 -11.00
N MET B 39 -42.32 -12.11 -11.41
N MET B 39 -42.30 -12.11 -11.41
CA MET B 39 -42.44 -10.99 -10.46
CA MET B 39 -42.45 -11.00 -10.50
C MET B 39 -43.76 -10.27 -10.69
C MET B 39 -43.84 -10.44 -10.70
N LEU B 40 -44.47 -10.01 -9.59
CA LEU B 40 -45.86 -9.61 -9.60
C LEU B 40 -46.00 -8.22 -9.03
N LYS B 41 -46.91 -7.45 -9.60
CA LYS B 41 -47.39 -6.20 -9.03
C LYS B 41 -48.89 -6.37 -8.79
N ASN B 42 -49.34 -6.19 -7.56
CA ASN B 42 -50.76 -6.40 -7.24
C ASN B 42 -51.30 -7.73 -7.80
N GLY B 43 -50.49 -8.77 -7.72
CA GLY B 43 -50.93 -10.11 -8.10
C GLY B 43 -50.82 -10.45 -9.57
N LYS B 44 -50.46 -9.48 -10.40
CA LYS B 44 -50.37 -9.70 -11.83
C LYS B 44 -48.92 -9.69 -12.30
N LYS B 45 -48.58 -10.64 -13.17
CA LYS B 45 -47.25 -10.76 -13.75
C LYS B 45 -46.77 -9.45 -14.36
N ILE B 46 -45.56 -9.04 -13.98
CA ILE B 46 -44.87 -7.90 -14.59
C ILE B 46 -44.17 -8.41 -15.86
N PRO B 47 -44.42 -7.76 -17.01
CA PRO B 47 -43.98 -8.31 -18.31
C PRO B 47 -42.48 -8.26 -18.64
N LYS B 48 -41.72 -7.29 -18.14
CA LYS B 48 -40.34 -7.11 -18.61
C LYS B 48 -39.32 -7.40 -17.51
N VAL B 49 -39.21 -8.68 -17.14
CA VAL B 49 -38.36 -9.11 -16.03
C VAL B 49 -37.02 -9.64 -16.55
N GLU B 50 -35.93 -9.07 -16.04
CA GLU B 50 -34.58 -9.45 -16.42
C GLU B 50 -34.07 -10.59 -15.52
N MET B 51 -33.40 -11.54 -16.15
CA MET B 51 -32.97 -12.75 -15.51
C MET B 51 -31.45 -12.87 -15.66
N SER B 52 -30.75 -13.06 -14.55
CA SER B 52 -29.33 -13.35 -14.60
C SER B 52 -29.15 -14.71 -15.26
N ASP B 53 -27.94 -14.96 -15.73
CA ASP B 53 -27.59 -16.29 -16.25
C ASP B 53 -27.56 -17.23 -15.05
N MET B 54 -27.85 -18.50 -15.25
CA MET B 54 -27.85 -19.40 -14.11
C MET B 54 -26.43 -19.83 -13.76
N SER B 55 -26.21 -19.99 -12.47
CA SER B 55 -24.91 -20.28 -11.91
C SER B 55 -25.16 -21.30 -10.83
N PHE B 56 -24.11 -22.00 -10.41
CA PHE B 56 -24.25 -22.87 -9.25
C PHE B 56 -23.18 -22.64 -8.22
N SER B 57 -23.49 -23.01 -6.97
CA SER B 57 -22.62 -22.79 -5.82
C SER B 57 -21.73 -24.00 -5.54
N LYS B 58 -20.78 -23.84 -4.61
CA LYS B 58 -19.86 -24.93 -4.28
C LYS B 58 -20.53 -26.18 -3.65
N ASP B 59 -21.76 -26.06 -3.16
CA ASP B 59 -22.55 -27.24 -2.74
C ASP B 59 -23.39 -27.84 -3.88
N TRP B 60 -23.14 -27.37 -5.10
CA TRP B 60 -23.75 -27.85 -6.35
C TRP B 60 -25.18 -27.34 -6.60
N SER B 61 -25.73 -26.54 -5.70
CA SER B 61 -27.08 -26.02 -5.87
C SER B 61 -27.07 -24.80 -6.78
N PHE B 62 -28.16 -24.61 -7.51
CA PHE B 62 -28.24 -23.51 -8.48
C PHE B 62 -28.85 -22.25 -7.87
N TYR B 63 -28.46 -21.10 -8.41
CA TYR B 63 -29.02 -19.81 -8.01
C TYR B 63 -29.18 -18.86 -9.21
N ILE B 64 -30.04 -17.87 -9.02
CA ILE B 64 -30.39 -16.95 -10.09
C ILE B 64 -31.02 -15.71 -9.47
N LEU B 65 -30.82 -14.56 -10.11
CA LEU B 65 -31.36 -13.27 -9.68
C LEU B 65 -32.26 -12.73 -10.78
N ALA B 66 -33.53 -12.50 -10.43
CA ALA B 66 -34.47 -11.86 -11.34
C ALA B 66 -34.61 -10.42 -10.86
N HIS B 67 -34.84 -9.50 -11.79
CA HIS B 67 -35.03 -8.11 -11.41
C HIS B 67 -35.81 -7.31 -12.43
N THR B 68 -36.33 -6.17 -11.99
CA THR B 68 -37.22 -5.36 -12.77
C THR B 68 -37.17 -3.95 -12.22
N GLU B 69 -37.30 -2.97 -13.11
CA GLU B 69 -37.48 -1.58 -12.68
C GLU B 69 -38.86 -1.43 -12.06
N PHE B 70 -38.96 -0.66 -10.99
CA PHE B 70 -40.25 -0.38 -10.38
C PHE B 70 -40.14 0.90 -9.56
N THR B 71 -41.29 1.48 -9.24
CA THR B 71 -41.34 2.65 -8.38
C THR B 71 -42.22 2.29 -7.21
N PRO B 72 -41.65 2.18 -6.00
CA PRO B 72 -42.51 1.84 -4.88
C PRO B 72 -43.52 2.97 -4.56
N THR B 73 -44.69 2.56 -4.09
CA THR B 73 -45.75 3.47 -3.68
C THR B 73 -46.26 3.00 -2.32
N GLU B 74 -47.04 3.85 -1.67
CA GLU B 74 -47.60 3.52 -0.34
C GLU B 74 -48.52 2.30 -0.44
N THR B 75 -49.15 2.12 -1.58
CA THR B 75 -50.28 1.21 -1.70
C THR B 75 -50.07 -0.04 -2.60
N ASP B 76 -49.18 0.03 -3.57
CA ASP B 76 -48.91 -1.12 -4.45
C ASP B 76 -48.09 -2.19 -3.73
N THR B 77 -48.39 -3.45 -4.03
N THR B 77 -48.43 -3.46 -3.99
CA THR B 77 -47.72 -4.57 -3.37
CA THR B 77 -47.72 -4.59 -3.38
C THR B 77 -46.99 -5.42 -4.40
C THR B 77 -46.95 -5.34 -4.44
N TYR B 78 -45.71 -5.68 -4.13
CA TYR B 78 -44.84 -6.42 -5.03
C TYR B 78 -44.50 -7.78 -4.44
N ALA B 79 -44.31 -8.77 -5.32
CA ALA B 79 -44.02 -10.12 -4.92
C ALA B 79 -43.27 -10.86 -6.02
N CYS B 80 -42.69 -11.99 -5.62
CA CYS B 80 -42.07 -12.91 -6.56
C CYS B 80 -42.69 -14.28 -6.37
N ARG B 81 -43.00 -14.94 -7.47
CA ARG B 81 -43.62 -16.26 -7.44
C ARG B 81 -42.75 -17.25 -8.18
N VAL B 82 -42.46 -18.39 -7.54
CA VAL B 82 -41.55 -19.37 -8.08
C VAL B 82 -42.23 -20.73 -8.23
N LYS B 83 -42.12 -21.32 -9.42
N LYS B 83 -42.12 -21.32 -9.42
CA LYS B 83 -42.54 -22.69 -9.66
CA LYS B 83 -42.55 -22.69 -9.67
C LYS B 83 -41.32 -23.58 -9.90
C LYS B 83 -41.31 -23.57 -9.90
N HIS B 84 -41.23 -24.67 -9.15
CA HIS B 84 -40.10 -25.58 -9.25
C HIS B 84 -40.58 -27.00 -8.88
N ASP B 85 -39.96 -28.00 -9.51
CA ASP B 85 -40.41 -29.39 -9.34
C ASP B 85 -40.34 -29.91 -7.91
N SER B 86 -39.58 -29.26 -7.05
CA SER B 86 -39.51 -29.62 -5.64
C SER B 86 -40.75 -29.20 -4.81
N MET B 87 -41.68 -28.46 -5.43
CA MET B 87 -42.83 -27.93 -4.70
C MET B 87 -44.10 -28.26 -5.48
N ALA B 88 -45.11 -28.77 -4.79
CA ALA B 88 -46.36 -29.12 -5.46
C ALA B 88 -47.10 -27.86 -5.93
N GLU B 89 -47.04 -26.80 -5.13
CA GLU B 89 -47.63 -25.50 -5.51
C GLU B 89 -46.55 -24.41 -5.56
N PRO B 90 -46.76 -23.37 -6.36
CA PRO B 90 -45.83 -22.24 -6.41
C PRO B 90 -45.66 -21.58 -5.05
N LYS B 91 -44.51 -20.96 -4.83
CA LYS B 91 -44.20 -20.29 -3.59
C LYS B 91 -44.09 -18.82 -3.89
N THR B 92 -44.75 -18.00 -3.07
CA THR B 92 -44.81 -16.55 -3.30
C THR B 92 -44.18 -15.87 -2.11
N VAL B 93 -43.27 -14.94 -2.36
N VAL B 93 -43.27 -14.94 -2.36
CA VAL B 93 -42.70 -14.12 -1.32
CA VAL B 93 -42.69 -14.12 -1.31
C VAL B 93 -43.04 -12.66 -1.62
C VAL B 93 -43.00 -12.65 -1.61
N TYR B 94 -43.60 -11.97 -0.65
CA TYR B 94 -43.97 -10.55 -0.80
C TYR B 94 -42.84 -9.62 -0.39
N TRP B 95 -42.67 -8.55 -1.15
CA TRP B 95 -41.72 -7.52 -0.79
C TRP B 95 -42.15 -6.80 0.48
N ASP B 96 -41.22 -6.69 1.42
CA ASP B 96 -41.42 -5.86 2.60
C ASP B 96 -40.28 -4.85 2.58
N ARG B 97 -40.64 -3.57 2.42
CA ARG B 97 -39.65 -2.51 2.23
C ARG B 97 -38.67 -2.41 3.40
N ASP B 98 -39.07 -2.90 4.56
CA ASP B 98 -38.20 -2.85 5.73
C ASP B 98 -37.32 -4.10 5.89
N MET B 99 -37.27 -4.95 4.87
CA MET B 99 -36.51 -6.21 4.96
C MET B 99 -35.75 -6.56 3.68
N LYS C 1 -8.06 -20.53 -18.49
CA LYS C 1 -7.61 -21.67 -19.35
C LYS C 1 -8.48 -22.88 -19.01
N ALA C 2 -9.46 -23.17 -19.85
CA ALA C 2 -10.44 -24.24 -19.59
C ALA C 2 -9.77 -25.60 -19.52
N VAL C 3 -10.24 -26.42 -18.59
CA VAL C 3 -9.75 -27.78 -18.41
C VAL C 3 -10.34 -28.62 -19.54
N SER C 4 -9.59 -29.64 -19.98
CA SER C 4 -10.05 -30.55 -21.01
C SER C 4 -9.97 -31.96 -20.43
N ASN C 5 -11.10 -32.62 -20.28
CA ASN C 5 -11.17 -33.82 -19.44
C ASN C 5 -10.50 -34.97 -20.17
N PHE C 6 -10.24 -36.04 -19.45
CA PHE C 6 -9.60 -37.22 -20.06
C PHE C 6 -10.61 -38.36 -20.19
N ALA C 7 -10.40 -39.52 -19.58
CA ALA C 7 -11.35 -40.62 -19.78
C ALA C 7 -12.78 -40.19 -19.45
N THR C 8 -13.73 -40.67 -20.23
CA THR C 8 -15.14 -40.43 -19.95
C THR C 8 -15.53 -41.22 -18.70
N MET C 9 -16.61 -40.80 -18.07
CA MET C 9 -17.09 -41.56 -16.92
C MET C 9 -17.52 -42.96 -17.30
N GLY D 1 -6.40 -7.12 6.97
CA GLY D 1 -5.56 -8.32 6.68
C GLY D 1 -5.72 -9.30 7.83
N PRO D 2 -5.26 -10.56 7.65
CA PRO D 2 -5.41 -11.62 8.66
C PRO D 2 -4.45 -11.47 9.84
N HIS D 3 -4.89 -11.89 11.03
CA HIS D 3 -4.10 -11.72 12.24
C HIS D 3 -4.10 -12.97 13.13
N SER D 4 -3.20 -12.99 14.09
CA SER D 4 -3.03 -14.14 14.97
C SER D 4 -2.50 -13.71 16.33
N MET D 5 -2.76 -14.53 17.33
CA MET D 5 -2.07 -14.43 18.62
C MET D 5 -1.71 -15.84 19.04
N ARG D 6 -0.50 -16.00 19.60
CA ARG D 6 -0.06 -17.28 20.16
C ARG D 6 0.67 -17.05 21.47
N TYR D 7 0.51 -18.01 22.38
CA TYR D 7 1.38 -18.14 23.54
C TYR D 7 2.11 -19.47 23.44
N PHE D 8 3.44 -19.40 23.51
CA PHE D 8 4.30 -20.57 23.46
C PHE D 8 4.89 -20.74 24.86
N GLU D 9 4.64 -21.88 25.50
CA GLU D 9 5.06 -22.10 26.86
C GLU D 9 5.90 -23.36 26.93
N THR D 10 6.91 -23.34 27.80
CA THR D 10 7.84 -24.43 27.97
C THR D 10 8.17 -24.60 29.45
N ALA D 11 8.16 -25.84 29.89
CA ALA D 11 8.66 -26.19 31.20
C ALA D 11 9.73 -27.24 31.00
N VAL D 12 10.88 -27.03 31.62
CA VAL D 12 12.01 -27.90 31.41
C VAL D 12 12.60 -28.32 32.75
N SER D 13 12.67 -29.62 32.96
CA SER D 13 13.29 -30.15 34.15
C SER D 13 14.66 -30.74 33.81
N ARG D 14 15.58 -30.70 34.78
CA ARG D 14 16.94 -31.20 34.60
C ARG D 14 17.40 -31.85 35.89
N PRO D 15 18.33 -32.81 35.81
CA PRO D 15 18.71 -33.55 37.02
C PRO D 15 19.23 -32.65 38.15
N GLY D 16 20.03 -31.65 37.79
CA GLY D 16 20.62 -30.74 38.77
C GLY D 16 19.62 -29.78 39.37
N LEU D 17 18.81 -29.14 38.51
CA LEU D 17 17.74 -28.25 38.97
C LEU D 17 16.78 -28.95 39.90
N GLU D 18 16.23 -28.19 40.85
CA GLU D 18 15.28 -28.75 41.79
C GLU D 18 13.88 -28.63 41.20
N GLU D 19 13.51 -27.41 40.80
CA GLU D 19 12.21 -27.16 40.18
C GLU D 19 12.41 -26.83 38.70
N PRO D 20 11.42 -27.18 37.86
CA PRO D 20 11.56 -26.92 36.44
C PRO D 20 11.56 -25.42 36.12
N ARG D 21 12.27 -25.05 35.06
CA ARG D 21 12.21 -23.70 34.56
C ARG D 21 11.00 -23.57 33.66
N TYR D 22 10.22 -22.50 33.84
CA TYR D 22 9.00 -22.23 33.08
C TYR D 22 9.14 -20.90 32.34
N ILE D 23 9.02 -20.98 31.01
CA ILE D 23 9.03 -19.80 30.14
C ILE D 23 7.74 -19.71 29.34
N SER D 24 7.16 -18.51 29.29
CA SER D 24 6.02 -18.21 28.43
C SER D 24 6.32 -17.00 27.58
N VAL D 25 6.09 -17.14 26.27
CA VAL D 25 6.30 -16.09 25.29
C VAL D 25 4.99 -15.87 24.52
N GLY D 26 4.56 -14.62 24.44
CA GLY D 26 3.36 -14.26 23.68
C GLY D 26 3.72 -13.58 22.38
N TYR D 27 2.96 -13.87 21.32
CA TYR D 27 3.19 -13.34 19.98
C TYR D 27 1.89 -12.76 19.43
N VAL D 28 1.97 -11.61 18.76
CA VAL D 28 0.86 -11.10 17.95
C VAL D 28 1.38 -10.94 16.53
N ASP D 29 0.65 -11.51 15.57
CA ASP D 29 1.11 -11.58 14.18
C ASP D 29 2.57 -12.03 14.08
N ASN D 30 2.87 -13.16 14.74
CA ASN D 30 4.19 -13.79 14.70
C ASN D 30 5.31 -12.95 15.32
N LYS D 31 4.97 -11.89 16.03
CA LYS D 31 5.99 -11.07 16.68
C LYS D 31 5.82 -11.04 18.19
N GLU D 32 6.93 -11.33 18.87
CA GLU D 32 6.97 -11.41 20.33
C GLU D 32 6.47 -10.11 20.97
N PHE D 33 5.55 -10.21 21.94
CA PHE D 33 4.97 -9.02 22.60
C PHE D 33 4.97 -9.02 24.12
N VAL D 34 5.06 -10.20 24.74
CA VAL D 34 5.16 -10.34 26.21
C VAL D 34 6.05 -11.56 26.56
N ARG D 35 6.59 -11.61 27.77
CA ARG D 35 7.48 -12.72 28.12
C ARG D 35 7.55 -12.91 29.62
N PHE D 36 7.49 -14.16 30.05
CA PHE D 36 7.63 -14.52 31.45
C PHE D 36 8.65 -15.63 31.56
N ASP D 37 9.54 -15.52 32.54
CA ASP D 37 10.62 -16.48 32.73
C ASP D 37 10.84 -16.69 34.21
N SER D 38 10.61 -17.92 34.68
CA SER D 38 10.77 -18.24 36.10
C SER D 38 12.22 -18.10 36.60
N ASP D 39 13.20 -18.03 35.70
CA ASP D 39 14.60 -17.82 36.11
C ASP D 39 14.95 -16.37 36.51
N ALA D 40 14.06 -15.42 36.22
CA ALA D 40 14.31 -14.02 36.58
C ALA D 40 14.30 -13.83 38.10
N GLU D 41 15.07 -12.83 38.58
CA GLU D 41 15.12 -12.51 40.01
C GLU D 41 13.73 -12.21 40.55
N ASN D 42 12.97 -11.37 39.85
CA ASN D 42 11.56 -11.17 40.15
C ASN D 42 10.75 -11.60 38.92
N PRO D 43 10.28 -12.87 38.91
CA PRO D 43 9.56 -13.34 37.72
C PRO D 43 8.25 -12.58 37.48
N ARG D 44 8.19 -11.89 36.34
CA ARG D 44 6.96 -11.23 35.92
C ARG D 44 6.88 -11.23 34.39
N TYR D 45 5.67 -11.13 33.85
CA TYR D 45 5.51 -10.85 32.41
C TYR D 45 6.11 -9.48 32.09
N GLU D 46 6.90 -9.40 31.02
CA GLU D 46 7.56 -8.15 30.61
C GLU D 46 7.15 -7.78 29.19
N PRO D 47 6.98 -6.47 28.91
CA PRO D 47 6.73 -6.06 27.52
C PRO D 47 7.92 -6.35 26.63
N ARG D 48 7.65 -6.81 25.42
CA ARG D 48 8.70 -7.14 24.50
C ARG D 48 8.64 -6.32 23.21
N ALA D 49 7.58 -5.52 23.06
CA ALA D 49 7.43 -4.64 21.92
C ALA D 49 7.00 -3.29 22.46
N PRO D 50 7.41 -2.19 21.80
CA PRO D 50 7.13 -0.82 22.26
C PRO D 50 5.66 -0.58 22.62
N TRP D 51 4.77 -1.02 21.73
CA TRP D 51 3.33 -0.72 21.83
C TRP D 51 2.58 -1.36 22.99
N MET D 52 3.23 -2.25 23.76
CA MET D 52 2.60 -2.91 24.95
C MET D 52 2.88 -2.17 26.27
N GLU D 53 3.91 -1.33 26.28
CA GLU D 53 4.26 -0.59 27.50
C GLU D 53 3.12 0.33 27.93
N GLN D 54 2.29 0.75 26.97
CA GLN D 54 1.07 1.50 27.28
C GLN D 54 0.03 0.71 28.10
N GLU D 55 0.24 -0.59 28.29
CA GLU D 55 -0.56 -1.36 29.28
C GLU D 55 -0.12 -0.98 30.70
N GLY D 56 -1.11 -0.91 31.60
CA GLY D 56 -0.88 -0.36 32.93
C GLY D 56 -0.76 -1.39 34.04
N PRO D 57 -0.05 -1.05 35.13
CA PRO D 57 0.39 -1.97 36.22
C PRO D 57 -0.57 -3.10 36.61
N GLU D 58 -1.86 -2.93 36.35
CA GLU D 58 -2.89 -3.92 36.70
C GLU D 58 -2.88 -5.18 35.81
N TYR D 59 -2.62 -4.97 34.52
CA TYR D 59 -2.53 -6.05 33.55
C TYR D 59 -1.31 -6.91 33.85
N TRP D 60 -0.18 -6.24 34.06
CA TRP D 60 1.08 -6.94 34.33
C TRP D 60 1.06 -7.75 35.62
N GLU D 61 0.35 -7.27 36.64
CA GLU D 61 0.22 -8.00 37.90
C GLU D 61 -0.69 -9.23 37.78
N ARG D 62 -1.77 -9.10 37.01
CA ARG D 62 -2.73 -10.20 36.89
C ARG D 62 -2.25 -11.29 35.92
N GLU D 63 -1.58 -10.89 34.84
CA GLU D 63 -0.95 -11.84 33.93
C GLU D 63 0.21 -12.58 34.60
N THR D 64 0.94 -11.88 35.46
CA THR D 64 2.01 -12.50 36.24
C THR D 64 1.48 -13.56 37.20
N GLN D 65 0.34 -13.30 37.82
CA GLN D 65 -0.28 -14.30 38.70
C GLN D 65 -0.82 -15.50 37.92
N LYS D 66 -1.30 -15.27 36.70
CA LYS D 66 -1.71 -16.37 35.82
C LYS D 66 -0.51 -17.22 35.41
N ALA D 67 0.63 -16.59 35.17
CA ALA D 67 1.87 -17.27 34.79
C ALA D 67 2.35 -18.14 35.92
N LYS D 68 2.20 -17.65 37.15
CA LYS D 68 2.56 -18.44 38.34
C LYS D 68 1.67 -19.65 38.51
N GLY D 69 0.39 -19.51 38.17
CA GLY D 69 -0.53 -20.66 38.13
C GLY D 69 -0.16 -21.66 37.04
N GLN D 70 0.21 -21.15 35.87
CA GLN D 70 0.65 -21.99 34.75
C GLN D 70 1.90 -22.80 35.12
N GLU D 71 2.86 -22.15 35.78
CA GLU D 71 4.09 -22.79 36.22
C GLU D 71 3.82 -24.00 37.13
N GLN D 72 2.86 -23.83 38.05
CA GLN D 72 2.44 -24.94 38.89
C GLN D 72 1.78 -26.04 38.09
N TRP D 73 0.90 -25.68 37.17
CA TRP D 73 0.22 -26.65 36.30
C TRP D 73 1.27 -27.51 35.56
N PHE D 74 2.30 -26.86 35.01
CA PHE D 74 3.37 -27.56 34.29
C PHE D 74 4.18 -28.47 35.21
N ARG D 75 4.45 -27.99 36.41
CA ARG D 75 5.19 -28.74 37.40
C ARG D 75 4.46 -30.05 37.68
N VAL D 76 3.16 -29.95 37.93
CA VAL D 76 2.36 -31.13 38.24
C VAL D 76 2.24 -32.05 37.03
N SER D 77 2.01 -31.49 35.85
CA SER D 77 1.93 -32.26 34.62
C SER D 77 3.21 -33.04 34.31
N LEU D 78 4.36 -32.38 34.50
CA LEU D 78 5.66 -33.03 34.34
C LEU D 78 5.79 -34.24 35.25
N ARG D 79 5.38 -34.07 36.50
CA ARG D 79 5.38 -35.19 37.44
C ARG D 79 4.44 -36.32 37.01
N ASN D 80 3.22 -35.99 36.58
CA ASN D 80 2.28 -37.01 36.11
C ASN D 80 2.84 -37.77 34.90
N LEU D 81 3.44 -37.04 33.96
CA LEU D 81 4.00 -37.65 32.75
C LEU D 81 5.13 -38.63 33.04
N LEU D 82 5.98 -38.28 34.01
CA LEU D 82 7.05 -39.16 34.45
C LEU D 82 6.50 -40.55 34.80
N GLY D 83 5.36 -40.56 35.51
CA GLY D 83 4.68 -41.79 35.87
C GLY D 83 4.07 -42.51 34.70
N TYR D 84 3.40 -41.76 33.82
CA TYR D 84 2.76 -42.37 32.64
C TYR D 84 3.75 -43.10 31.73
N TYR D 85 4.96 -42.56 31.61
CA TYR D 85 5.98 -43.14 30.74
C TYR D 85 7.02 -44.01 31.47
N ASN D 86 6.78 -44.29 32.75
CA ASN D 86 7.67 -45.09 33.57
C ASN D 86 9.11 -44.62 33.43
N GLN D 87 9.30 -43.32 33.59
CA GLN D 87 10.62 -42.72 33.46
C GLN D 87 11.13 -42.57 34.88
N SER D 88 12.36 -42.90 35.14
CA SER D 88 12.79 -42.83 36.54
C SER D 88 13.22 -41.39 36.84
N ALA D 89 13.80 -41.13 38.01
CA ALA D 89 14.34 -39.79 38.26
C ALA D 89 15.70 -39.68 37.58
N GLY D 90 16.21 -38.47 37.40
CA GLY D 90 17.59 -38.26 36.93
C GLY D 90 17.78 -37.93 35.46
N GLY D 91 16.69 -37.64 34.75
CA GLY D 91 16.77 -37.32 33.33
C GLY D 91 16.35 -35.89 33.06
N SER D 92 16.35 -35.46 31.80
CA SER D 92 15.83 -34.15 31.40
C SER D 92 14.49 -34.34 30.69
N HIS D 93 13.51 -33.48 30.99
CA HIS D 93 12.20 -33.59 30.38
C HIS D 93 11.67 -32.23 30.01
N THR D 94 10.82 -32.19 28.98
N THR D 94 10.88 -32.18 28.95
CA THR D 94 10.30 -30.95 28.47
CA THR D 94 10.28 -30.94 28.51
C THR D 94 8.82 -31.04 28.07
C THR D 94 8.80 -31.14 28.28
N LEU D 95 8.02 -30.10 28.57
CA LEU D 95 6.62 -30.01 28.21
C LEU D 95 6.43 -28.65 27.54
N GLN D 96 5.85 -28.68 26.35
CA GLN D 96 5.61 -27.49 25.56
C GLN D 96 4.14 -27.33 25.23
N GLN D 97 3.71 -26.09 25.13
CA GLN D 97 2.33 -25.77 24.78
C GLN D 97 2.31 -24.61 23.79
N MET D 98 1.47 -24.72 22.78
N MET D 98 1.43 -24.73 22.81
CA MET D 98 1.12 -23.59 21.93
CA MET D 98 1.09 -23.68 21.88
C MET D 98 -0.38 -23.44 21.93
C MET D 98 -0.42 -23.45 21.98
N SER D 99 -0.84 -22.22 22.15
N SER D 99 -0.81 -22.20 22.21
CA SER D 99 -2.26 -21.94 22.14
CA SER D 99 -2.23 -21.85 22.25
C SER D 99 -2.51 -20.53 21.58
C SER D 99 -2.46 -20.54 21.49
N GLY D 100 -3.67 -20.36 20.98
CA GLY D 100 -4.09 -19.07 20.48
C GLY D 100 -5.15 -19.11 19.42
N CYS D 101 -5.28 -18.01 18.69
CA CYS D 101 -6.33 -17.86 17.71
C CYS D 101 -5.79 -17.28 16.40
N ASP D 102 -6.39 -17.68 15.28
CA ASP D 102 -6.17 -17.01 13.98
C ASP D 102 -7.44 -16.27 13.62
N LEU D 103 -7.29 -15.04 13.14
CA LEU D 103 -8.41 -14.23 12.65
C LEU D 103 -8.28 -14.02 11.14
N GLY D 104 -9.42 -13.97 10.45
CA GLY D 104 -9.45 -13.63 9.04
C GLY D 104 -9.28 -12.12 8.86
N SER D 105 -9.30 -11.68 7.61
CA SER D 105 -9.16 -10.24 7.33
C SER D 105 -10.34 -9.43 7.85
N ASP D 106 -11.46 -10.11 8.10
CA ASP D 106 -12.65 -9.51 8.75
C ASP D 106 -12.54 -9.44 10.29
N TRP D 107 -11.40 -9.89 10.83
CA TRP D 107 -11.16 -9.95 12.27
C TRP D 107 -12.01 -10.98 13.02
N ARG D 108 -12.69 -11.87 12.31
CA ARG D 108 -13.45 -12.93 12.98
C ARG D 108 -12.55 -14.14 13.16
N LEU D 109 -12.82 -14.93 14.20
CA LEU D 109 -12.08 -16.18 14.43
C LEU D 109 -12.11 -17.09 13.21
N LEU D 110 -10.93 -17.46 12.71
CA LEU D 110 -10.78 -18.47 11.66
C LEU D 110 -10.54 -19.84 12.30
N ARG D 111 -9.62 -19.90 13.26
CA ARG D 111 -9.23 -21.17 13.88
C ARG D 111 -8.65 -20.93 15.26
N GLY D 112 -9.03 -21.76 16.23
CA GLY D 112 -8.36 -21.82 17.53
C GLY D 112 -7.27 -22.89 17.53
N TYR D 113 -6.30 -22.75 18.44
CA TYR D 113 -5.19 -23.68 18.55
C TYR D 113 -4.92 -23.95 20.00
N LEU D 114 -4.67 -25.22 20.29
CA LEU D 114 -4.25 -25.68 21.61
C LEU D 114 -3.57 -27.03 21.42
N GLN D 115 -2.25 -27.07 21.57
CA GLN D 115 -1.49 -28.33 21.42
C GLN D 115 -0.37 -28.43 22.44
N PHE D 116 -0.02 -29.67 22.75
CA PHE D 116 0.99 -29.98 23.74
C PHE D 116 1.97 -30.99 23.16
N ALA D 117 3.21 -30.84 23.59
CA ALA D 117 4.29 -31.79 23.25
C ALA D 117 5.00 -32.19 24.53
N TYR D 118 5.34 -33.47 24.62
CA TYR D 118 6.20 -33.98 25.68
C TYR D 118 7.48 -34.52 25.03
N GLU D 119 8.65 -34.13 25.55
CA GLU D 119 9.95 -34.51 24.97
C GLU D 119 10.06 -34.11 23.48
N GLY D 120 9.41 -33.02 23.11
CA GLY D 120 9.46 -32.54 21.72
C GLY D 120 8.55 -33.28 20.76
N ARG D 121 7.69 -34.16 21.28
CA ARG D 121 6.81 -34.94 20.39
C ARG D 121 5.34 -34.67 20.71
N ASP D 122 4.51 -34.64 19.67
CA ASP D 122 3.07 -34.45 19.83
C ASP D 122 2.54 -35.36 20.94
N TYR D 123 1.83 -34.77 21.90
CA TYR D 123 1.25 -35.52 22.99
C TYR D 123 -0.28 -35.45 22.91
N ILE D 124 -0.85 -34.26 23.00
CA ILE D 124 -2.29 -34.09 22.88
C ILE D 124 -2.60 -32.74 22.22
N ALA D 125 -3.62 -32.73 21.38
CA ALA D 125 -4.03 -31.50 20.72
C ALA D 125 -5.54 -31.42 20.60
N LEU D 126 -6.04 -30.20 20.73
CA LEU D 126 -7.45 -29.94 20.56
C LEU D 126 -7.68 -29.82 19.07
N ASN D 127 -8.67 -30.54 18.58
CA ASN D 127 -9.02 -30.52 17.16
C ASN D 127 -9.69 -29.18 16.80
N GLU D 128 -9.80 -28.94 15.50
CA GLU D 128 -10.29 -27.67 14.96
C GLU D 128 -11.74 -27.39 15.37
N ASP D 129 -12.53 -28.44 15.57
CA ASP D 129 -13.87 -28.33 16.12
C ASP D 129 -13.92 -27.73 17.55
N LEU D 130 -12.76 -27.67 18.22
CA LEU D 130 -12.66 -27.20 19.61
C LEU D 130 -13.54 -28.03 20.54
N LYS D 131 -13.81 -29.27 20.16
CA LYS D 131 -14.64 -30.18 20.96
C LYS D 131 -13.96 -31.49 21.27
N THR D 132 -13.15 -32.00 20.35
CA THR D 132 -12.51 -33.31 20.51
C THR D 132 -10.98 -33.22 20.49
N TRP D 133 -10.34 -34.25 21.04
CA TRP D 133 -8.90 -34.29 21.22
C TRP D 133 -8.25 -35.34 20.31
N THR D 134 -7.05 -35.03 19.81
CA THR D 134 -6.20 -36.02 19.16
C THR D 134 -5.04 -36.33 20.10
N ALA D 135 -4.85 -37.63 20.33
CA ALA D 135 -3.82 -38.15 21.19
C ALA D 135 -3.38 -39.49 20.61
N ALA D 136 -2.16 -39.56 20.09
CA ALA D 136 -1.61 -40.80 19.52
C ALA D 136 -1.17 -41.81 20.59
N ASP D 137 -0.32 -41.39 21.52
CA ASP D 137 0.37 -42.32 22.40
C ASP D 137 -0.61 -43.10 23.28
N MET D 138 -0.22 -44.30 23.68
CA MET D 138 -0.99 -45.08 24.65
C MET D 138 -1.07 -44.30 25.96
N ALA D 139 0.07 -43.77 26.40
CA ALA D 139 0.11 -42.93 27.60
C ALA D 139 -0.82 -41.72 27.50
N ALA D 140 -0.87 -41.09 26.34
CA ALA D 140 -1.73 -39.93 26.12
C ALA D 140 -3.24 -40.23 26.17
N GLN D 141 -3.63 -41.50 26.03
CA GLN D 141 -5.04 -41.90 26.22
C GLN D 141 -5.53 -41.66 27.62
N ILE D 142 -4.65 -41.84 28.60
CA ILE D 142 -4.97 -41.54 29.97
C ILE D 142 -5.44 -40.09 30.05
N THR D 143 -4.59 -39.18 29.57
CA THR D 143 -4.92 -37.76 29.59
C THR D 143 -6.21 -37.45 28.81
N ARG D 144 -6.36 -38.05 27.64
CA ARG D 144 -7.53 -37.81 26.77
C ARG D 144 -8.82 -38.18 27.52
N ARG D 145 -8.86 -39.34 28.16
CA ARG D 145 -10.04 -39.74 28.94
C ARG D 145 -10.29 -38.79 30.11
N LYS D 146 -9.23 -38.46 30.84
CA LYS D 146 -9.27 -37.50 31.94
C LYS D 146 -9.92 -36.18 31.51
N TRP D 147 -9.51 -35.64 30.36
CA TRP D 147 -9.94 -34.32 29.89
C TRP D 147 -11.32 -34.39 29.23
N GLU D 148 -11.63 -35.54 28.64
CA GLU D 148 -12.97 -35.78 28.12
C GLU D 148 -14.00 -35.80 29.27
N GLN D 149 -13.69 -36.51 30.35
CA GLN D 149 -14.58 -36.60 31.52
C GLN D 149 -14.78 -35.29 32.31
N SER D 150 -13.76 -34.44 32.31
CA SER D 150 -13.79 -33.19 33.08
C SER D 150 -14.34 -32.03 32.27
N GLY D 151 -14.53 -32.23 30.97
CA GLY D 151 -14.99 -31.17 30.08
C GLY D 151 -13.96 -30.09 29.79
N ALA D 152 -12.69 -30.46 29.69
CA ALA D 152 -11.64 -29.46 29.46
C ALA D 152 -11.83 -28.71 28.15
N ALA D 153 -12.33 -29.39 27.11
CA ALA D 153 -12.43 -28.78 25.79
C ALA D 153 -13.39 -27.58 25.76
N GLU D 154 -14.51 -27.68 26.45
CA GLU D 154 -15.46 -26.56 26.61
C GLU D 154 -14.79 -25.34 27.26
N HIS D 155 -13.98 -25.57 28.28
CA HIS D 155 -13.24 -24.48 28.91
C HIS D 155 -12.23 -23.81 27.95
N TYR D 156 -11.44 -24.60 27.23
CA TYR D 156 -10.50 -24.04 26.26
C TYR D 156 -11.22 -23.35 25.09
N LYS D 157 -12.32 -23.94 24.64
CA LYS D 157 -13.12 -23.33 23.56
C LYS D 157 -13.68 -21.94 23.94
N ALA D 158 -14.08 -21.77 25.19
CA ALA D 158 -14.53 -20.47 25.69
C ALA D 158 -13.38 -19.45 25.72
N TYR D 159 -12.18 -19.88 26.13
CA TYR D 159 -11.01 -19.00 26.03
C TYR D 159 -10.71 -18.64 24.59
N LEU D 160 -10.66 -19.64 23.71
CA LEU D 160 -10.24 -19.42 22.33
C LEU D 160 -11.21 -18.55 21.56
N GLU D 161 -12.51 -18.79 21.76
CA GLU D 161 -13.54 -17.99 21.10
C GLU D 161 -13.84 -16.66 21.77
N GLY D 162 -13.47 -16.52 23.05
CA GLY D 162 -13.79 -15.33 23.84
C GLY D 162 -12.60 -14.44 24.12
N GLU D 163 -11.93 -14.66 25.24
CA GLU D 163 -10.80 -13.84 25.66
C GLU D 163 -9.73 -13.68 24.59
N CYS D 164 -9.34 -14.80 23.96
CA CYS D 164 -8.30 -14.76 22.94
C CYS D 164 -8.64 -13.75 21.87
N VAL D 165 -9.85 -13.84 21.36
CA VAL D 165 -10.29 -12.96 20.29
C VAL D 165 -10.46 -11.52 20.81
N GLU D 166 -11.17 -11.37 21.93
CA GLU D 166 -11.39 -10.04 22.54
C GLU D 166 -10.09 -9.29 22.82
N TRP D 167 -9.11 -9.99 23.37
CA TRP D 167 -7.84 -9.35 23.69
C TRP D 167 -6.96 -9.13 22.47
N LEU D 168 -7.04 -10.00 21.46
CA LEU D 168 -6.30 -9.79 20.22
C LEU D 168 -6.80 -8.52 19.53
N HIS D 169 -8.11 -8.30 19.53
CA HIS D 169 -8.68 -7.06 19.01
C HIS D 169 -8.11 -5.85 19.73
N ARG D 170 -8.19 -5.86 21.05
N ARG D 170 -8.15 -5.91 21.05
CA ARG D 170 -7.61 -4.78 21.85
CA ARG D 170 -7.64 -4.84 21.92
C ARG D 170 -6.17 -4.55 21.45
C ARG D 170 -6.14 -4.59 21.74
N TYR D 171 -5.37 -5.62 21.38
CA TYR D 171 -3.93 -5.46 21.05
C TYR D 171 -3.72 -4.94 19.63
N LEU D 172 -4.53 -5.39 18.68
CA LEU D 172 -4.36 -5.01 17.27
C LEU D 172 -4.60 -3.51 17.06
N LYS D 173 -5.56 -2.96 17.78
CA LYS D 173 -5.79 -1.52 17.79
C LYS D 173 -4.63 -0.72 18.40
N ASN D 174 -3.62 -1.40 18.97
CA ASN D 174 -2.43 -0.72 19.52
C ASN D 174 -1.18 -1.04 18.72
N ARG D 181 2.85 -5.77 8.15
CA ARG D 181 3.57 -5.34 6.96
C ARG D 181 4.63 -6.37 6.52
N THR D 182 5.10 -6.23 5.29
CA THR D 182 6.01 -7.20 4.68
C THR D 182 7.18 -6.50 4.02
N ASP D 183 8.27 -7.23 3.87
CA ASP D 183 9.43 -6.75 3.12
C ASP D 183 9.73 -7.69 1.96
N SER D 184 9.79 -7.13 0.75
CA SER D 184 10.05 -7.94 -0.42
C SER D 184 11.50 -8.35 -0.48
N PRO D 185 11.78 -9.57 -0.96
CA PRO D 185 13.16 -9.98 -1.16
C PRO D 185 13.84 -9.18 -2.28
N LYS D 186 15.12 -8.88 -2.08
CA LYS D 186 15.96 -8.34 -3.13
C LYS D 186 16.81 -9.54 -3.57
N ALA D 187 16.78 -9.86 -4.86
CA ALA D 187 17.44 -11.07 -5.35
C ALA D 187 18.54 -10.75 -6.34
N HIS D 188 19.64 -11.49 -6.24
CA HIS D 188 20.72 -11.41 -7.23
C HIS D 188 21.36 -12.79 -7.39
N VAL D 189 21.97 -13.03 -8.54
CA VAL D 189 22.63 -14.28 -8.85
C VAL D 189 24.14 -14.06 -8.81
N THR D 190 24.86 -14.91 -8.09
CA THR D 190 26.32 -14.85 -8.06
C THR D 190 26.91 -16.03 -8.85
N HIS D 191 28.15 -15.84 -9.30
CA HIS D 191 28.80 -16.71 -10.26
C HIS D 191 30.08 -17.28 -9.65
N HIS D 192 30.17 -18.60 -9.55
CA HIS D 192 31.29 -19.27 -8.88
C HIS D 192 31.86 -20.38 -9.75
N PRO D 193 32.97 -20.10 -10.47
CA PRO D 193 33.57 -21.10 -11.37
C PRO D 193 34.06 -22.36 -10.64
N ARG D 194 33.86 -23.52 -11.25
CA ARG D 194 34.40 -24.77 -10.73
C ARG D 194 34.72 -25.76 -11.85
N SER D 195 35.95 -26.26 -11.85
CA SER D 195 36.44 -27.19 -12.88
C SER D 195 36.54 -26.53 -14.26
N GLU D 198 32.50 -26.29 -15.71
CA GLU D 198 31.27 -25.93 -14.99
C GLU D 198 31.41 -24.67 -14.13
N VAL D 199 30.27 -24.15 -13.69
CA VAL D 199 30.20 -23.01 -12.76
C VAL D 199 28.96 -23.18 -11.89
N THR D 200 29.07 -22.82 -10.61
CA THR D 200 27.94 -22.77 -9.71
C THR D 200 27.24 -21.42 -9.87
N LEU D 201 25.94 -21.44 -10.17
CA LEU D 201 25.12 -20.24 -10.08
C LEU D 201 24.39 -20.28 -8.74
N ARG D 202 24.52 -19.21 -7.94
CA ARG D 202 23.87 -19.16 -6.64
C ARG D 202 22.91 -17.99 -6.57
N CYS D 203 21.63 -18.32 -6.36
CA CYS D 203 20.57 -17.31 -6.32
C CYS D 203 20.27 -16.92 -4.88
N TRP D 204 20.56 -15.66 -4.56
CA TRP D 204 20.38 -15.10 -3.23
C TRP D 204 19.07 -14.33 -3.14
N ALA D 205 18.33 -14.55 -2.05
CA ALA D 205 17.24 -13.67 -1.65
C ALA D 205 17.60 -13.09 -0.28
N LEU D 206 17.48 -11.76 -0.18
CA LEU D 206 17.88 -11.04 1.02
C LEU D 206 16.85 -9.98 1.38
N GLY D 207 16.78 -9.64 2.66
CA GLY D 207 15.99 -8.51 3.14
C GLY D 207 14.48 -8.75 3.17
N PHE D 208 14.06 -10.02 3.25
CA PHE D 208 12.61 -10.29 3.20
C PHE D 208 11.97 -10.59 4.55
N TYR D 209 10.69 -10.28 4.65
CA TYR D 209 9.87 -10.60 5.81
C TYR D 209 8.42 -10.77 5.34
N PRO D 210 7.71 -11.79 5.85
CA PRO D 210 8.11 -12.84 6.79
C PRO D 210 9.02 -13.90 6.15
N ALA D 211 9.39 -14.89 6.96
CA ALA D 211 10.45 -15.87 6.59
C ALA D 211 10.09 -16.81 5.44
N ASP D 212 8.80 -17.07 5.25
CA ASP D 212 8.33 -17.97 4.19
C ASP D 212 8.70 -17.47 2.82
N ILE D 213 9.38 -18.31 2.05
CA ILE D 213 9.84 -17.95 0.71
C ILE D 213 10.14 -19.24 -0.06
N THR D 214 10.11 -19.15 -1.38
CA THR D 214 10.48 -20.27 -2.24
C THR D 214 11.39 -19.78 -3.36
N LEU D 215 12.50 -20.49 -3.56
CA LEU D 215 13.44 -20.21 -4.65
C LEU D 215 13.48 -21.41 -5.60
N THR D 216 13.37 -21.15 -6.91
CA THR D 216 13.48 -22.22 -7.91
C THR D 216 14.44 -21.87 -9.04
N TRP D 217 15.07 -22.90 -9.60
CA TRP D 217 15.88 -22.76 -10.81
C TRP D 217 15.20 -23.52 -11.95
N GLN D 218 15.16 -22.90 -13.12
CA GLN D 218 14.59 -23.52 -14.33
C GLN D 218 15.69 -23.62 -15.40
N LEU D 219 15.70 -24.72 -16.15
CA LEU D 219 16.60 -24.85 -17.31
C LEU D 219 15.98 -24.22 -18.57
N ASN D 220 14.82 -24.72 -18.98
CA ASN D 220 14.01 -24.00 -19.98
C ASN D 220 12.73 -23.58 -19.27
N GLY D 221 11.96 -24.58 -18.82
CA GLY D 221 10.97 -24.38 -17.77
C GLY D 221 10.78 -25.69 -17.01
N MET D 228 19.46 -29.40 -6.98
CA MET D 228 19.56 -28.03 -6.47
C MET D 228 20.05 -28.01 -5.02
N GLU D 229 21.07 -27.20 -4.75
CA GLU D 229 21.61 -27.05 -3.40
C GLU D 229 21.00 -25.80 -2.75
N LEU D 230 20.70 -25.88 -1.45
CA LEU D 230 20.11 -24.74 -0.73
C LEU D 230 20.44 -24.74 0.77
N VAL D 231 20.36 -23.55 1.37
CA VAL D 231 20.37 -23.44 2.83
C VAL D 231 18.98 -23.16 3.36
N GLU D 232 18.74 -23.59 4.59
CA GLU D 232 17.50 -23.26 5.29
C GLU D 232 17.45 -21.75 5.53
N THR D 233 16.23 -21.23 5.53
CA THR D 233 15.99 -19.80 5.71
C THR D 233 16.48 -19.35 7.09
N ARG D 234 17.15 -18.20 7.13
CA ARG D 234 17.95 -17.77 8.28
C ARG D 234 17.71 -16.27 8.58
N PRO D 235 17.69 -15.88 9.86
CA PRO D 235 17.53 -14.47 10.20
C PRO D 235 18.80 -13.65 9.95
N ALA D 236 18.67 -12.51 9.32
CA ALA D 236 19.78 -11.57 9.18
C ALA D 236 20.14 -10.96 10.55
N GLY D 237 19.17 -10.97 11.46
CA GLY D 237 19.32 -10.42 12.80
C GLY D 237 18.71 -9.04 12.96
N ASP D 238 18.26 -8.44 11.85
CA ASP D 238 17.62 -7.12 11.85
C ASP D 238 16.11 -7.19 11.61
N GLY D 239 15.50 -8.37 11.76
CA GLY D 239 14.07 -8.57 11.50
C GLY D 239 13.75 -9.16 10.13
N THR D 240 14.71 -9.16 9.21
CA THR D 240 14.53 -9.79 7.91
C THR D 240 15.30 -11.09 7.79
N PHE D 241 15.07 -11.81 6.70
CA PHE D 241 15.61 -13.16 6.53
C PHE D 241 16.40 -13.31 5.25
N GLN D 242 17.15 -14.40 5.16
CA GLN D 242 17.97 -14.69 3.99
C GLN D 242 17.80 -16.13 3.54
N LYS D 243 18.02 -16.37 2.25
CA LYS D 243 18.07 -17.71 1.71
C LYS D 243 18.90 -17.70 0.43
N TRP D 244 19.51 -18.84 0.11
CA TRP D 244 20.04 -19.02 -1.25
C TRP D 244 19.77 -20.43 -1.80
N ALA D 245 19.72 -20.51 -3.11
CA ALA D 245 19.63 -21.79 -3.82
C ALA D 245 20.61 -21.77 -5.00
N SER D 246 21.26 -22.92 -5.25
CA SER D 246 22.28 -22.99 -6.29
C SER D 246 22.18 -24.25 -7.18
N VAL D 247 22.70 -24.11 -8.39
CA VAL D 247 22.81 -25.20 -9.35
C VAL D 247 24.18 -25.14 -10.02
N VAL D 248 24.70 -26.30 -10.45
CA VAL D 248 25.94 -26.34 -11.23
C VAL D 248 25.63 -26.38 -12.71
N VAL D 249 26.24 -25.44 -13.44
CA VAL D 249 25.86 -25.11 -14.81
C VAL D 249 27.11 -25.09 -15.72
N PRO D 250 26.96 -25.48 -17.01
CA PRO D 250 28.05 -25.35 -18.00
C PRO D 250 28.54 -23.90 -18.19
N LEU D 251 29.86 -23.70 -18.28
CA LEU D 251 30.41 -22.40 -18.62
C LEU D 251 29.94 -22.02 -20.02
N GLY D 252 29.49 -20.77 -20.17
CA GLY D 252 29.02 -20.27 -21.46
C GLY D 252 27.55 -20.52 -21.76
N LYS D 253 26.84 -21.24 -20.88
CA LYS D 253 25.40 -21.47 -21.05
C LYS D 253 24.58 -21.04 -19.82
N GLU D 254 25.14 -20.12 -19.03
CA GLU D 254 24.48 -19.69 -17.78
C GLU D 254 23.30 -18.74 -18.01
N GLN D 255 23.19 -18.17 -19.22
CA GLN D 255 22.03 -17.35 -19.60
C GLN D 255 20.77 -18.17 -19.90
N ASN D 256 20.93 -19.49 -20.00
CA ASN D 256 19.79 -20.39 -20.17
C ASN D 256 19.11 -20.74 -18.85
N TYR D 257 19.63 -20.24 -17.73
CA TYR D 257 19.11 -20.56 -16.41
C TYR D 257 18.49 -19.35 -15.71
N THR D 258 17.28 -19.53 -15.19
CA THR D 258 16.56 -18.47 -14.50
C THR D 258 16.17 -18.89 -13.08
N CYS D 259 16.46 -18.02 -12.13
CA CYS D 259 16.01 -18.18 -10.75
C CYS D 259 14.66 -17.50 -10.61
N ARG D 260 13.73 -18.12 -9.89
CA ARG D 260 12.47 -17.46 -9.51
C ARG D 260 12.28 -17.48 -8.00
N VAL D 261 11.87 -16.35 -7.45
CA VAL D 261 11.62 -16.22 -6.01
C VAL D 261 10.15 -15.87 -5.76
N TYR D 262 9.53 -16.63 -4.87
CA TYR D 262 8.13 -16.46 -4.52
C TYR D 262 8.04 -16.01 -3.08
N HIS D 263 7.33 -14.91 -2.86
CA HIS D 263 7.19 -14.35 -1.54
C HIS D 263 5.95 -13.47 -1.48
N GLU D 264 5.23 -13.52 -0.37
CA GLU D 264 3.96 -12.79 -0.21
C GLU D 264 4.04 -11.26 -0.26
N GLY D 265 5.24 -10.71 -0.12
CA GLY D 265 5.46 -9.26 -0.25
C GLY D 265 5.57 -8.80 -1.69
N LEU D 266 5.92 -9.72 -2.59
CA LEU D 266 6.05 -9.41 -4.00
C LEU D 266 4.69 -9.16 -4.67
N PRO D 267 4.59 -8.11 -5.49
CA PRO D 267 3.38 -8.01 -6.33
C PRO D 267 3.29 -9.17 -7.34
N GLU D 268 4.45 -9.76 -7.63
CA GLU D 268 4.54 -10.84 -8.61
C GLU D 268 5.88 -11.57 -8.38
N PRO D 269 5.92 -12.89 -8.67
CA PRO D 269 7.18 -13.61 -8.50
C PRO D 269 8.33 -12.99 -9.30
N LEU D 270 9.50 -12.86 -8.68
CA LEU D 270 10.68 -12.33 -9.35
C LEU D 270 11.27 -13.40 -10.25
N THR D 271 11.81 -12.97 -11.39
CA THR D 271 12.57 -13.84 -12.29
C THR D 271 13.89 -13.14 -12.61
N LEU D 272 15.00 -13.81 -12.37
CA LEU D 272 16.32 -13.23 -12.64
C LEU D 272 17.34 -14.25 -13.12
N ARG D 273 18.46 -13.73 -13.65
CA ARG D 273 19.55 -14.55 -14.17
C ARG D 273 20.90 -13.91 -13.84
N TRP D 274 21.97 -14.70 -13.99
CA TRP D 274 23.32 -14.15 -13.92
C TRP D 274 23.48 -13.15 -15.06
N GLU D 275 23.83 -11.91 -14.72
CA GLU D 275 24.01 -10.86 -15.71
C GLU D 275 25.45 -10.33 -15.65
N PRO D 276 26.30 -10.75 -16.61
CA PRO D 276 27.71 -10.37 -16.64
C PRO D 276 27.91 -8.87 -16.40
N ILE E 1 14.72 -38.70 20.32
CA ILE E 1 14.29 -37.73 21.38
C ILE E 1 15.25 -36.54 21.45
N GLN E 2 16.54 -36.82 21.59
CA GLN E 2 17.52 -35.76 21.47
C GLN E 2 17.70 -35.47 19.98
N LYS E 3 17.71 -34.19 19.63
CA LYS E 3 17.93 -33.74 18.26
C LYS E 3 19.24 -32.92 18.23
N THR E 4 20.10 -33.18 17.25
N THR E 4 20.05 -33.15 17.20
CA THR E 4 21.38 -32.48 17.18
CA THR E 4 21.33 -32.48 17.03
C THR E 4 21.21 -31.12 16.50
C THR E 4 21.16 -31.08 16.46
N PRO E 5 21.82 -30.07 17.06
CA PRO E 5 21.74 -28.71 16.50
C PRO E 5 22.26 -28.62 15.06
N GLN E 6 21.47 -27.97 14.21
CA GLN E 6 21.91 -27.60 12.88
C GLN E 6 22.45 -26.18 12.99
N ILE E 7 23.58 -25.90 12.34
CA ILE E 7 24.35 -24.67 12.61
C ILE E 7 24.72 -24.00 11.31
N GLN E 8 24.33 -22.73 11.16
CA GLN E 8 24.82 -21.88 10.07
C GLN E 8 25.60 -20.67 10.63
N VAL E 9 26.73 -20.34 9.99
CA VAL E 9 27.53 -19.17 10.34
C VAL E 9 27.62 -18.31 9.10
N TYR E 10 27.27 -17.04 9.22
CA TYR E 10 27.10 -16.16 8.05
C TYR E 10 26.98 -14.72 8.52
N SER E 11 27.29 -13.77 7.64
CA SER E 11 27.22 -12.36 8.00
C SER E 11 25.86 -11.77 7.66
N ARG E 12 25.49 -10.72 8.38
CA ARG E 12 24.24 -10.03 8.14
C ARG E 12 24.24 -9.43 6.74
N HIS E 13 25.32 -8.73 6.40
CA HIS E 13 25.45 -8.07 5.11
C HIS E 13 26.48 -8.79 4.26
N PRO E 14 26.41 -8.59 2.94
CA PRO E 14 27.41 -9.19 2.06
C PRO E 14 28.82 -8.81 2.53
N PRO E 15 29.69 -9.80 2.72
CA PRO E 15 30.94 -9.52 3.41
C PRO E 15 31.96 -8.79 2.51
N GLU E 16 32.54 -7.73 3.04
CA GLU E 16 33.56 -6.95 2.35
C GLU E 16 34.66 -6.65 3.34
N ASN E 17 35.90 -6.99 2.97
CA ASN E 17 37.05 -6.75 3.83
C ASN E 17 37.17 -5.27 4.20
N GLY E 18 37.36 -5.01 5.49
CA GLY E 18 37.58 -3.66 5.97
C GLY E 18 36.30 -2.92 6.35
N LYS E 19 35.14 -3.50 6.06
CA LYS E 19 33.85 -2.83 6.28
C LYS E 19 33.08 -3.50 7.40
N PRO E 20 32.62 -2.72 8.40
CA PRO E 20 31.92 -3.26 9.56
C PRO E 20 30.67 -4.07 9.19
N ASN E 21 30.36 -5.09 9.99
CA ASN E 21 29.31 -6.05 9.64
C ASN E 21 28.89 -6.73 10.94
N ILE E 22 28.05 -7.75 10.83
N ILE E 22 28.06 -7.76 10.85
CA ILE E 22 27.62 -8.58 11.97
CA ILE E 22 27.70 -8.55 12.02
C ILE E 22 27.80 -10.03 11.57
C ILE E 22 27.76 -10.01 11.60
N LEU E 23 28.34 -10.85 12.46
CA LEU E 23 28.51 -12.26 12.19
C LEU E 23 27.46 -13.00 13.01
N ASN E 24 26.71 -13.87 12.36
CA ASN E 24 25.62 -14.63 13.02
C ASN E 24 25.97 -16.10 13.15
N CYS E 25 25.55 -16.70 14.26
CA CYS E 25 25.58 -18.15 14.39
C CYS E 25 24.13 -18.58 14.73
N TYR E 26 23.48 -19.21 13.75
CA TYR E 26 22.08 -19.59 13.85
C TYR E 26 21.99 -21.09 14.15
N VAL E 27 21.50 -21.42 15.35
CA VAL E 27 21.47 -22.82 15.80
C VAL E 27 19.99 -23.24 15.93
N THR E 28 19.61 -24.31 15.23
CA THR E 28 18.22 -24.74 15.13
C THR E 28 18.04 -26.24 15.29
N GLN E 29 16.78 -26.66 15.39
CA GLN E 29 16.37 -28.07 15.37
C GLN E 29 16.97 -28.90 16.47
N PHE E 30 17.22 -28.32 17.64
CA PHE E 30 17.83 -29.09 18.72
C PHE E 30 16.85 -29.42 19.85
N HIS E 31 17.16 -30.49 20.57
CA HIS E 31 16.39 -30.93 21.75
C HIS E 31 17.30 -31.82 22.59
N PRO E 32 17.33 -31.59 23.91
CA PRO E 32 16.58 -30.63 24.70
C PRO E 32 17.12 -29.20 24.56
N PRO E 33 16.39 -28.22 25.13
CA PRO E 33 16.74 -26.82 24.92
C PRO E 33 18.06 -26.33 25.55
N HIS E 34 18.65 -27.06 26.48
CA HIS E 34 19.90 -26.61 27.10
C HIS E 34 21.08 -26.66 26.12
N ILE E 35 21.76 -25.54 25.94
CA ILE E 35 22.81 -25.44 24.92
C ILE E 35 23.81 -24.34 25.28
N GLU E 36 25.06 -24.50 24.85
CA GLU E 36 26.09 -23.49 25.05
C GLU E 36 26.71 -23.17 23.69
N ILE E 37 26.79 -21.88 23.41
CA ILE E 37 27.23 -21.37 22.12
C ILE E 37 28.30 -20.31 22.36
N GLN E 38 29.43 -20.43 21.69
CA GLN E 38 30.43 -19.36 21.73
C GLN E 38 30.92 -19.09 20.34
N MET E 39 31.33 -17.85 20.10
CA MET E 39 31.89 -17.48 18.82
C MET E 39 33.38 -17.25 19.00
N LEU E 40 34.16 -17.63 17.98
CA LEU E 40 35.62 -17.63 18.07
C LEU E 40 36.24 -16.86 16.90
N LYS E 41 37.30 -16.12 17.19
CA LYS E 41 38.07 -15.40 16.18
C LYS E 41 39.51 -15.88 16.29
N ASN E 42 40.03 -16.46 15.22
CA ASN E 42 41.37 -17.09 15.22
C ASN E 42 41.57 -17.98 16.42
N GLY E 43 40.60 -18.85 16.67
CA GLY E 43 40.67 -19.79 17.78
C GLY E 43 40.37 -19.26 19.19
N LYS E 44 40.19 -17.95 19.37
CA LYS E 44 39.95 -17.39 20.70
C LYS E 44 38.52 -16.90 20.86
N LYS E 45 37.97 -17.11 22.05
CA LYS E 45 36.60 -16.75 22.36
C LYS E 45 36.39 -15.26 22.24
N ILE E 46 35.30 -14.88 21.56
CA ILE E 46 34.95 -13.48 21.39
C ILE E 46 34.18 -13.06 22.65
N PRO E 47 34.57 -11.91 23.26
CA PRO E 47 33.99 -11.52 24.56
C PRO E 47 32.49 -11.25 24.65
N LYS E 48 31.93 -10.37 23.83
CA LYS E 48 30.57 -9.87 24.15
C LYS E 48 29.51 -10.30 23.15
N VAL E 49 29.37 -11.61 23.00
CA VAL E 49 28.46 -12.16 22.02
C VAL E 49 27.02 -12.01 22.51
N GLU E 50 26.16 -11.46 21.66
CA GLU E 50 24.77 -11.23 21.97
C GLU E 50 24.02 -12.54 21.67
N MET E 51 23.03 -12.87 22.49
CA MET E 51 22.31 -14.14 22.37
C MET E 51 20.81 -13.86 22.42
N SER E 52 20.07 -14.32 21.41
CA SER E 52 18.62 -14.17 21.45
C SER E 52 18.06 -15.06 22.57
N ASP E 53 16.85 -14.75 23.04
CA ASP E 53 16.21 -15.63 23.99
C ASP E 53 15.78 -16.88 23.23
N MET E 54 15.80 -18.02 23.88
N MET E 54 15.71 -17.99 23.96
CA MET E 54 15.48 -19.23 23.13
CA MET E 54 15.31 -19.29 23.41
C MET E 54 13.97 -19.33 22.93
C MET E 54 13.87 -19.24 22.92
N SER E 55 13.62 -19.78 21.74
CA SER E 55 12.28 -19.83 21.22
C SER E 55 12.11 -21.19 20.60
N PHE E 56 10.87 -21.58 20.30
CA PHE E 56 10.64 -22.80 19.55
C PHE E 56 9.64 -22.60 18.42
N SER E 57 9.77 -23.44 17.40
CA SER E 57 8.96 -23.37 16.18
C SER E 57 7.72 -24.24 16.31
N LYS E 58 6.81 -24.13 15.34
CA LYS E 58 5.58 -24.92 15.38
C LYS E 58 5.81 -26.45 15.28
N ASP E 59 7.00 -26.88 14.84
CA ASP E 59 7.40 -28.29 14.93
C ASP E 59 8.02 -28.69 16.29
N TRP E 60 7.99 -27.78 17.25
CA TRP E 60 8.47 -27.99 18.63
C TRP E 60 10.00 -27.93 18.84
N SER E 61 10.77 -27.76 17.77
CA SER E 61 12.23 -27.69 17.90
C SER E 61 12.67 -26.29 18.29
N PHE E 62 13.77 -26.22 19.02
CA PHE E 62 14.24 -24.96 19.54
C PHE E 62 15.24 -24.30 18.61
N TYR E 63 15.36 -22.99 18.73
CA TYR E 63 16.31 -22.23 17.94
C TYR E 63 16.81 -21.01 18.69
N ILE E 64 17.98 -20.55 18.29
CA ILE E 64 18.58 -19.44 18.94
C ILE E 64 19.58 -18.79 17.98
N LEU E 65 19.70 -17.47 18.05
CA LEU E 65 20.63 -16.70 17.24
C LEU E 65 21.66 -16.01 18.14
N ALA E 66 22.94 -16.32 17.90
CA ALA E 66 24.07 -15.61 18.49
C ALA E 66 24.66 -14.68 17.43
N HIS E 67 25.07 -13.48 17.83
CA HIS E 67 25.72 -12.55 16.90
C HIS E 67 26.73 -11.63 17.58
N THR E 68 27.65 -11.11 16.77
CA THR E 68 28.67 -10.19 17.23
C THR E 68 29.08 -9.24 16.10
N GLU E 69 29.32 -7.98 16.46
CA GLU E 69 29.85 -7.01 15.51
C GLU E 69 31.24 -7.43 15.10
N PHE E 70 31.59 -7.30 13.84
CA PHE E 70 32.96 -7.61 13.41
C PHE E 70 33.24 -6.89 12.12
N THR E 71 34.52 -6.70 11.84
CA THR E 71 34.98 -6.15 10.57
C THR E 71 35.80 -7.26 9.92
N PRO E 72 35.25 -7.91 8.89
CA PRO E 72 36.02 -8.96 8.28
C PRO E 72 37.32 -8.43 7.64
N THR E 73 38.36 -9.26 7.66
CA THR E 73 39.63 -8.98 7.01
C THR E 73 39.99 -10.21 6.16
N GLU E 74 41.11 -10.13 5.45
CA GLU E 74 41.52 -11.22 4.57
C GLU E 74 41.75 -12.50 5.33
N THR E 75 42.38 -12.41 6.49
CA THR E 75 42.93 -13.60 7.13
C THR E 75 42.37 -13.94 8.51
N ASP E 76 41.39 -13.19 8.99
CA ASP E 76 40.79 -13.55 10.28
C ASP E 76 39.79 -14.63 10.05
N THR E 77 39.89 -15.72 10.82
CA THR E 77 38.98 -16.83 10.65
C THR E 77 38.01 -16.84 11.82
N TYR E 78 36.75 -17.14 11.54
CA TYR E 78 35.74 -17.12 12.54
C TYR E 78 35.05 -18.48 12.61
N ALA E 79 34.57 -18.82 13.80
CA ALA E 79 33.89 -20.08 14.02
C ALA E 79 32.84 -19.92 15.10
N CYS E 80 31.92 -20.87 15.13
CA CYS E 80 30.91 -20.97 16.15
C CYS E 80 31.03 -22.36 16.76
N ARG E 81 31.14 -22.43 18.08
CA ARG E 81 31.35 -23.67 18.78
C ARG E 81 30.14 -23.95 19.66
N VAL E 82 29.54 -25.11 19.44
CA VAL E 82 28.28 -25.47 20.08
C VAL E 82 28.44 -26.72 20.96
N LYS E 83 28.06 -26.60 22.22
CA LYS E 83 27.98 -27.74 23.12
C LYS E 83 26.50 -28.08 23.40
N HIS E 84 26.13 -29.33 23.12
CA HIS E 84 24.77 -29.84 23.33
C HIS E 84 24.84 -31.35 23.67
N ASP E 85 23.89 -31.82 24.47
CA ASP E 85 23.82 -33.22 24.94
C ASP E 85 23.78 -34.27 23.85
N SER E 86 23.20 -33.94 22.70
CA SER E 86 23.19 -34.84 21.55
C SER E 86 24.58 -35.18 20.98
N MET E 87 25.62 -34.46 21.41
N MET E 87 25.60 -34.45 21.41
CA MET E 87 26.95 -34.66 20.85
CA MET E 87 26.96 -34.63 20.91
C MET E 87 27.97 -34.88 21.96
C MET E 87 27.90 -34.96 22.04
N ALA E 88 28.80 -35.92 21.78
CA ALA E 88 29.86 -36.26 22.72
C ALA E 88 30.88 -35.13 22.90
N GLU E 89 31.21 -34.42 21.82
CA GLU E 89 32.16 -33.29 21.88
C GLU E 89 31.51 -32.00 21.37
N PRO E 90 32.04 -30.84 21.76
CA PRO E 90 31.55 -29.61 21.15
C PRO E 90 31.76 -29.65 19.63
N LYS E 91 30.83 -29.09 18.88
CA LYS E 91 30.97 -28.95 17.44
C LYS E 91 31.38 -27.53 17.04
N THR E 92 32.35 -27.43 16.13
CA THR E 92 32.79 -26.14 15.62
C THR E 92 32.53 -26.04 14.12
N VAL E 93 31.80 -25.00 13.72
N VAL E 93 31.84 -24.97 13.74
CA VAL E 93 31.55 -24.71 12.32
CA VAL E 93 31.51 -24.67 12.36
C VAL E 93 32.25 -23.41 11.96
C VAL E 93 32.23 -23.39 11.95
N TYR E 94 33.07 -23.46 10.91
CA TYR E 94 33.90 -22.34 10.48
C TYR E 94 33.14 -21.51 9.48
N TRP E 95 33.19 -20.19 9.66
CA TRP E 95 32.57 -19.25 8.74
C TRP E 95 33.19 -19.37 7.35
N ASP E 96 32.33 -19.62 6.38
CA ASP E 96 32.70 -19.58 4.98
C ASP E 96 31.94 -18.42 4.36
N ARG E 97 32.68 -17.40 3.91
CA ARG E 97 32.06 -16.12 3.54
C ARG E 97 31.15 -16.17 2.31
N ASP E 98 31.19 -17.28 1.56
CA ASP E 98 30.26 -17.47 0.44
C ASP E 98 28.93 -18.15 0.81
N MET E 99 28.83 -18.69 2.03
CA MET E 99 27.75 -19.61 2.39
C MET E 99 26.59 -18.93 3.11
N LYS F 1 -3.69 -11.93 26.21
CA LYS F 1 -4.09 -12.44 27.54
C LYS F 1 -3.91 -13.96 27.53
N ALA F 2 -3.12 -14.48 28.47
CA ALA F 2 -2.72 -15.90 28.45
C ALA F 2 -3.87 -16.82 28.83
N VAL F 3 -3.79 -18.06 28.37
CA VAL F 3 -4.73 -19.09 28.73
C VAL F 3 -4.36 -19.57 30.12
N SER F 4 -5.35 -20.03 30.88
CA SER F 4 -5.15 -20.72 32.13
C SER F 4 -5.63 -22.16 31.93
N ASN F 5 -4.71 -23.12 32.02
CA ASN F 5 -5.04 -24.51 31.73
C ASN F 5 -6.01 -25.13 32.75
N PHE F 6 -6.73 -26.14 32.30
CA PHE F 6 -7.78 -26.81 33.11
C PHE F 6 -7.14 -28.04 33.78
N ALA F 7 -7.61 -29.24 33.49
CA ALA F 7 -7.03 -30.46 34.03
C ALA F 7 -5.55 -30.59 33.66
N THR F 8 -4.75 -31.06 34.62
CA THR F 8 -3.36 -31.42 34.38
C THR F 8 -3.28 -32.67 33.51
N MET F 9 -2.10 -32.91 32.93
CA MET F 9 -1.89 -34.09 32.12
C MET F 9 -2.23 -35.34 32.93
N GLY G 1 8.16 8.56 -3.87
CA GLY G 1 8.21 9.86 -3.12
C GLY G 1 9.43 10.65 -3.53
N PRO G 2 9.44 11.97 -3.25
CA PRO G 2 10.57 12.79 -3.64
C PRO G 2 11.76 12.60 -2.69
N HIS G 3 12.95 13.00 -3.14
CA HIS G 3 14.17 12.82 -2.36
C HIS G 3 15.04 14.08 -2.40
N SER G 4 16.04 14.11 -1.53
CA SER G 4 16.88 15.29 -1.43
C SER G 4 18.24 14.93 -0.83
N MET G 5 19.23 15.74 -1.11
CA MET G 5 20.52 15.67 -0.40
C MET G 5 20.91 17.09 -0.03
N ARG G 6 21.41 17.27 1.19
CA ARG G 6 21.98 18.53 1.60
C ARG G 6 23.27 18.35 2.36
N TYR G 7 24.20 19.27 2.14
CA TYR G 7 25.30 19.47 3.06
C TYR G 7 25.14 20.82 3.76
N PHE G 8 25.18 20.78 5.09
CA PHE G 8 25.09 21.95 5.96
C PHE G 8 26.44 22.14 6.61
N GLU G 9 27.07 23.30 6.36
CA GLU G 9 28.42 23.54 6.77
C GLU G 9 28.50 24.82 7.58
N THR G 10 29.37 24.80 8.60
CA THR G 10 29.50 25.92 9.51
C THR G 10 30.95 26.11 9.85
N ALA G 11 31.39 27.37 9.86
CA ALA G 11 32.64 27.75 10.50
C ALA G 11 32.33 28.82 11.52
N VAL G 12 32.82 28.64 12.75
CA VAL G 12 32.54 29.55 13.85
C VAL G 12 33.84 30.01 14.44
N SER G 13 34.00 31.34 14.59
CA SER G 13 35.13 31.92 15.31
C SER G 13 34.68 32.50 16.66
N ARG G 14 35.57 32.43 17.64
CA ARG G 14 35.27 32.92 18.98
C ARG G 14 36.45 33.73 19.48
N PRO G 15 36.20 34.81 20.25
CA PRO G 15 37.28 35.66 20.74
C PRO G 15 38.23 34.80 21.54
N GLY G 16 39.52 34.90 21.23
CA GLY G 16 40.54 34.18 21.97
C GLY G 16 40.86 32.79 21.45
N LEU G 17 40.05 32.22 20.55
CA LEU G 17 40.39 30.94 19.90
C LEU G 17 41.20 31.24 18.65
N GLU G 18 42.32 30.53 18.47
CA GLU G 18 43.22 30.79 17.36
C GLU G 18 42.53 30.61 16.01
N GLU G 19 41.92 29.44 15.81
CA GLU G 19 41.29 29.14 14.53
C GLU G 19 39.81 28.87 14.69
N PRO G 20 39.04 29.11 13.63
CA PRO G 20 37.63 28.75 13.70
C PRO G 20 37.41 27.25 13.63
N ARG G 21 36.28 26.80 14.14
CA ARG G 21 35.89 25.41 14.09
C ARG G 21 35.01 25.21 12.88
N TYR G 22 35.30 24.17 12.10
CA TYR G 22 34.56 23.85 10.88
C TYR G 22 33.85 22.53 11.06
N ILE G 23 32.55 22.54 10.81
CA ILE G 23 31.73 21.34 10.89
C ILE G 23 30.89 21.20 9.62
N SER G 24 30.93 20.02 9.02
CA SER G 24 30.09 19.72 7.87
C SER G 24 29.20 18.53 8.17
N VAL G 25 27.91 18.65 7.84
CA VAL G 25 26.95 17.59 8.05
C VAL G 25 26.19 17.32 6.76
N GLY G 26 26.17 16.06 6.33
CA GLY G 26 25.47 15.66 5.13
C GLY G 26 24.16 15.03 5.50
N TYR G 27 23.13 15.24 4.68
CA TYR G 27 21.78 14.69 4.87
C TYR G 27 21.26 14.07 3.58
N VAL G 28 20.60 12.93 3.70
CA VAL G 28 19.85 12.34 2.58
C VAL G 28 18.42 12.18 3.08
N ASP G 29 17.46 12.70 2.33
CA ASP G 29 16.06 12.73 2.76
C ASP G 29 15.93 13.23 4.21
N ASN G 30 16.64 14.31 4.54
CA ASN G 30 16.58 14.97 5.86
C ASN G 30 17.13 14.15 7.04
N LYS G 31 17.88 13.09 6.75
CA LYS G 31 18.53 12.26 7.76
C LYS G 31 20.05 12.36 7.66
N GLU G 32 20.71 12.70 8.75
CA GLU G 32 22.16 12.81 8.79
C GLU G 32 22.80 11.50 8.33
N PHE G 33 23.80 11.59 7.44
CA PHE G 33 24.52 10.37 6.96
C PHE G 33 26.06 10.44 7.01
N VAL G 34 26.64 11.64 7.06
CA VAL G 34 28.07 11.85 7.19
C VAL G 34 28.31 13.10 8.03
N ARG G 35 29.49 13.20 8.61
CA ARG G 35 29.82 14.33 9.44
C ARG G 35 31.35 14.52 9.53
N PHE G 36 31.80 15.76 9.38
CA PHE G 36 33.19 16.13 9.55
C PHE G 36 33.23 17.20 10.62
N ASP G 37 34.14 17.06 11.59
CA ASP G 37 34.32 18.08 12.64
C ASP G 37 35.81 18.34 12.89
N SER G 38 36.22 19.58 12.63
CA SER G 38 37.61 19.98 12.80
C SER G 38 38.12 19.90 14.24
N ASP G 39 37.20 19.77 15.20
CA ASP G 39 37.56 19.59 16.61
C ASP G 39 37.99 18.16 16.97
N ALA G 40 37.76 17.18 16.10
CA ALA G 40 38.17 15.80 16.37
C ALA G 40 39.69 15.68 16.48
N GLU G 41 40.16 14.67 17.21
CA GLU G 41 41.61 14.45 17.33
C GLU G 41 42.20 14.17 15.95
N ASN G 42 41.49 13.34 15.18
CA ASN G 42 41.84 13.01 13.80
C ASN G 42 40.66 13.38 12.85
N PRO G 43 40.59 14.66 12.42
CA PRO G 43 39.41 15.11 11.64
C PRO G 43 39.23 14.38 10.32
N ARG G 44 38.06 13.78 10.15
CA ARG G 44 37.73 13.01 8.95
C ARG G 44 36.23 12.99 8.77
N TYR G 45 35.78 12.81 7.53
CA TYR G 45 34.37 12.48 7.32
C TYR G 45 34.11 11.11 7.91
N GLU G 46 33.04 10.98 8.69
CA GLU G 46 32.66 9.71 9.29
C GLU G 46 31.24 9.37 8.89
N PRO G 47 30.94 8.07 8.69
CA PRO G 47 29.55 7.68 8.45
C PRO G 47 28.71 7.94 9.70
N ARG G 48 27.43 8.18 9.49
CA ARG G 48 26.50 8.50 10.58
C ARG G 48 25.23 7.68 10.50
N ALA G 49 25.13 6.84 9.47
CA ALA G 49 24.09 5.82 9.40
C ALA G 49 24.77 4.54 8.92
N PRO G 50 24.40 3.40 9.52
CA PRO G 50 25.03 2.11 9.20
C PRO G 50 25.25 1.88 7.71
N TRP G 51 24.27 2.24 6.88
CA TRP G 51 24.34 1.96 5.43
C TRP G 51 25.51 2.65 4.69
N MET G 52 26.05 3.72 5.26
CA MET G 52 27.22 4.39 4.68
C MET G 52 28.54 3.64 4.87
N GLU G 53 28.56 2.70 5.81
CA GLU G 53 29.73 1.80 5.97
C GLU G 53 30.00 0.92 4.73
N GLN G 54 29.12 0.96 3.73
CA GLN G 54 29.40 0.30 2.45
C GLN G 54 30.51 1.01 1.67
N GLU G 55 30.80 2.26 2.02
CA GLU G 55 31.83 3.01 1.30
C GLU G 55 33.22 2.62 1.81
N GLY G 56 34.11 2.31 0.88
CA GLY G 56 35.47 1.91 1.19
C GLY G 56 36.37 3.10 1.48
N PRO G 57 37.62 2.84 1.87
CA PRO G 57 38.56 3.88 2.32
C PRO G 57 38.85 5.00 1.29
N GLU G 58 38.71 4.73 0.00
CA GLU G 58 38.98 5.76 -1.02
C GLU G 58 37.97 6.92 -0.91
N TYR G 59 36.70 6.55 -0.74
CA TYR G 59 35.60 7.51 -0.53
C TYR G 59 35.90 8.43 0.66
N TRP G 60 36.23 7.82 1.81
CA TRP G 60 36.48 8.59 3.04
C TRP G 60 37.69 9.51 2.94
N GLU G 61 38.74 9.02 2.27
N GLU G 61 38.75 9.04 2.28
CA GLU G 61 39.97 9.79 2.08
CA GLU G 61 39.96 9.84 2.11
C GLU G 61 39.74 11.01 1.19
C GLU G 61 39.74 11.04 1.19
N ARG G 62 38.99 10.83 0.11
CA ARG G 62 38.80 11.93 -0.83
C ARG G 62 37.85 12.97 -0.26
N GLU G 63 36.76 12.51 0.31
CA GLU G 63 35.82 13.42 0.96
C GLU G 63 36.50 14.19 2.09
N THR G 64 37.41 13.52 2.81
CA THR G 64 38.09 14.15 3.92
C THR G 64 39.01 15.26 3.42
N GLN G 65 39.72 14.98 2.33
CA GLN G 65 40.55 15.99 1.69
C GLN G 65 39.70 17.18 1.21
N LYS G 66 38.51 16.90 0.66
CA LYS G 66 37.56 17.95 0.28
C LYS G 66 37.18 18.85 1.45
N ALA G 67 36.85 18.22 2.58
CA ALA G 67 36.48 18.94 3.78
C ALA G 67 37.61 19.81 4.30
N LYS G 68 38.84 19.30 4.17
CA LYS G 68 40.00 20.09 4.59
C LYS G 68 40.20 21.30 3.69
N GLY G 69 39.83 21.18 2.41
CA GLY G 69 39.79 22.30 1.47
C GLY G 69 38.66 23.24 1.81
N GLN G 70 37.50 22.71 2.18
CA GLN G 70 36.38 23.54 2.64
C GLN G 70 36.74 24.33 3.88
N GLU G 71 37.42 23.70 4.83
CA GLU G 71 37.82 24.36 6.05
C GLU G 71 38.71 25.58 5.76
N GLN G 72 39.64 25.43 4.82
CA GLN G 72 40.50 26.55 4.43
C GLN G 72 39.67 27.63 3.74
N TRP G 73 38.77 27.23 2.85
CA TRP G 73 37.89 28.17 2.17
C TRP G 73 37.12 29.03 3.19
N PHE G 74 36.54 28.40 4.22
CA PHE G 74 35.78 29.13 5.23
C PHE G 74 36.66 30.01 6.09
N ARG G 75 37.85 29.51 6.40
CA ARG G 75 38.83 30.29 7.14
C ARG G 75 39.17 31.57 6.39
N VAL G 76 39.49 31.45 5.11
CA VAL G 76 39.77 32.64 4.28
C VAL G 76 38.55 33.57 4.15
N SER G 77 37.38 32.99 3.92
CA SER G 77 36.14 33.76 3.75
C SER G 77 35.78 34.54 5.01
N LEU G 78 35.93 33.88 6.17
CA LEU G 78 35.72 34.53 7.47
C LEU G 78 36.61 35.76 7.67
N ARG G 79 37.89 35.63 7.30
N ARG G 79 37.89 35.65 7.31
N ARG G 79 37.89 35.67 7.31
CA ARG G 79 38.84 36.71 7.39
CA ARG G 79 38.81 36.77 7.44
CA ARG G 79 38.78 36.81 7.48
C ARG G 79 38.42 37.87 6.48
C ARG G 79 38.40 37.90 6.49
C ARG G 79 38.46 37.91 6.46
N ASN G 80 38.02 37.54 5.26
CA ASN G 80 37.60 38.53 4.27
C ASN G 80 36.34 39.29 4.78
N LEU G 81 35.35 38.55 5.29
CA LEU G 81 34.10 39.14 5.76
C LEU G 81 34.31 40.15 6.87
N LEU G 82 35.30 39.90 7.75
CA LEU G 82 35.65 40.83 8.82
C LEU G 82 35.97 42.22 8.24
N GLY G 83 36.73 42.20 7.14
CA GLY G 83 37.12 43.42 6.44
C GLY G 83 35.94 44.05 5.75
N TYR G 84 35.13 43.24 5.07
CA TYR G 84 33.94 43.75 4.39
C TYR G 84 33.01 44.46 5.33
N TYR G 85 32.83 43.94 6.55
CA TYR G 85 31.91 44.56 7.49
C TYR G 85 32.59 45.44 8.52
N ASN G 86 33.90 45.69 8.36
CA ASN G 86 34.64 46.56 9.28
C ASN G 86 34.46 46.12 10.72
N GLN G 87 34.65 44.83 10.95
CA GLN G 87 34.42 44.26 12.26
C GLN G 87 35.77 44.17 12.95
N SER G 88 35.82 44.57 14.20
CA SER G 88 37.11 44.61 14.90
C SER G 88 37.31 43.27 15.60
N ALA G 89 38.41 43.13 16.33
CA ALA G 89 38.73 41.88 17.04
C ALA G 89 37.95 41.80 18.33
N GLY G 90 37.71 40.57 18.79
CA GLY G 90 37.02 40.32 20.05
C GLY G 90 35.57 39.93 19.92
N GLY G 91 35.14 39.56 18.70
CA GLY G 91 33.76 39.11 18.50
C GLY G 91 33.65 37.65 18.11
N SER G 92 32.43 37.10 18.18
CA SER G 92 32.12 35.79 17.63
C SER G 92 31.47 35.95 16.24
N HIS G 93 31.84 35.07 15.32
CA HIS G 93 31.36 35.14 13.93
C HIS G 93 31.06 33.78 13.40
N THR G 94 30.07 33.71 12.52
CA THR G 94 29.59 32.48 11.96
C THR G 94 29.40 32.62 10.48
N LEU G 95 29.89 31.63 9.73
CA LEU G 95 29.61 31.52 8.30
C LEU G 95 28.99 30.16 8.05
N GLN G 96 27.85 30.15 7.39
CA GLN G 96 27.10 28.92 7.15
C GLN G 96 26.77 28.77 5.68
N GLN G 97 26.70 27.51 5.24
CA GLN G 97 26.35 27.17 3.86
C GLN G 97 25.34 26.04 3.86
N MET G 98 24.36 26.10 2.97
CA MET G 98 23.52 24.96 2.64
C MET G 98 23.60 24.70 1.16
N SER G 99 23.84 23.46 0.78
CA SER G 99 23.80 23.14 -0.62
C SER G 99 23.31 21.74 -0.87
N GLY G 100 22.82 21.52 -2.09
CA GLY G 100 22.36 20.21 -2.47
C GLY G 100 21.27 20.26 -3.50
N CYS G 101 20.55 19.16 -3.60
CA CYS G 101 19.61 18.97 -4.69
C CYS G 101 18.30 18.36 -4.22
N ASP G 102 17.22 18.66 -4.94
CA ASP G 102 15.92 18.05 -4.71
C ASP G 102 15.52 17.25 -5.94
N LEU G 103 15.12 15.99 -5.75
CA LEU G 103 14.62 15.18 -6.85
C LEU G 103 13.13 14.93 -6.68
N GLY G 104 12.42 14.85 -7.80
CA GLY G 104 11.02 14.45 -7.77
C GLY G 104 10.90 12.96 -7.52
N SER G 105 9.68 12.48 -7.37
CA SER G 105 9.44 11.04 -7.24
C SER G 105 10.01 10.21 -8.40
N ASP G 106 10.25 10.85 -9.55
CA ASP G 106 10.85 10.16 -10.70
C ASP G 106 12.39 10.15 -10.68
N TRP G 107 12.98 10.73 -9.64
CA TRP G 107 14.43 10.77 -9.45
C TRP G 107 15.13 11.81 -10.32
N ARG G 108 14.37 12.68 -10.99
CA ARG G 108 14.95 13.75 -11.81
C ARG G 108 15.12 14.99 -10.95
N LEU G 109 16.17 15.76 -11.26
CA LEU G 109 16.46 17.01 -10.55
C LEU G 109 15.26 17.95 -10.61
N LEU G 110 14.79 18.35 -9.45
CA LEU G 110 13.74 19.35 -9.33
C LEU G 110 14.37 20.73 -9.12
N ARG G 111 15.37 20.80 -8.25
CA ARG G 111 15.91 22.09 -7.81
C ARG G 111 17.29 21.89 -7.20
N GLY G 112 18.21 22.78 -7.55
CA GLY G 112 19.50 22.88 -6.90
C GLY G 112 19.46 23.98 -5.85
N TYR G 113 20.26 23.82 -4.79
CA TYR G 113 20.33 24.81 -3.71
C TYR G 113 21.77 25.13 -3.41
N LEU G 114 22.04 26.42 -3.27
CA LEU G 114 23.32 26.90 -2.78
C LEU G 114 23.08 28.26 -2.12
N GLN G 115 23.24 28.33 -0.80
CA GLN G 115 22.94 29.53 0.00
C GLN G 115 24.01 29.69 1.08
N PHE G 116 24.38 30.93 1.37
CA PHE G 116 25.32 31.26 2.45
C PHE G 116 24.75 32.28 3.40
N ALA G 117 25.17 32.20 4.67
CA ALA G 117 24.76 33.15 5.68
C ALA G 117 25.98 33.58 6.46
N TYR G 118 26.03 34.85 6.80
CA TYR G 118 27.02 35.37 7.73
C TYR G 118 26.28 35.97 8.91
N GLU G 119 26.72 35.60 10.11
CA GLU G 119 26.09 36.00 11.38
C GLU G 119 24.61 35.61 11.44
N GLY G 120 24.27 34.50 10.78
CA GLY G 120 22.89 33.99 10.77
C GLY G 120 21.93 34.69 9.85
N ARG G 121 22.46 35.53 8.96
CA ARG G 121 21.64 36.29 8.02
C ARG G 121 22.06 35.99 6.60
N ASP G 122 21.08 35.89 5.71
CA ASP G 122 21.35 35.69 4.29
C ASP G 122 22.44 36.61 3.78
N TYR G 123 23.43 36.05 3.08
CA TYR G 123 24.55 36.82 2.57
C TYR G 123 24.55 36.77 1.05
N ILE G 124 24.62 35.57 0.49
CA ILE G 124 24.52 35.39 -0.97
C ILE G 124 23.96 33.99 -1.23
N ALA G 125 23.14 33.88 -2.28
CA ALA G 125 22.48 32.64 -2.65
C ALA G 125 22.44 32.54 -4.16
N LEU G 126 22.60 31.32 -4.66
CA LEU G 126 22.43 31.01 -6.06
C LEU G 126 20.93 30.93 -6.36
N ASN G 127 20.47 31.68 -7.37
CA ASN G 127 19.08 31.63 -7.78
C ASN G 127 18.73 30.29 -8.41
N GLU G 128 17.44 29.98 -8.42
CA GLU G 128 16.91 28.73 -8.94
C GLU G 128 17.31 28.43 -10.38
N ASP G 129 17.58 29.49 -11.16
CA ASP G 129 18.16 29.33 -12.51
C ASP G 129 19.58 28.73 -12.54
N LEU G 130 20.25 28.70 -11.39
CA LEU G 130 21.63 28.20 -11.27
C LEU G 130 22.63 28.99 -12.15
N LYS G 131 22.32 30.26 -12.37
CA LYS G 131 23.11 31.14 -13.23
C LYS G 131 23.36 32.52 -12.61
N THR G 132 22.43 32.99 -11.79
CA THR G 132 22.54 34.32 -11.18
C THR G 132 22.48 34.28 -9.63
N TRP G 133 23.03 35.31 -9.00
CA TRP G 133 23.19 35.40 -7.56
C TRP G 133 22.27 36.48 -6.98
N THR G 134 21.68 36.20 -5.82
CA THR G 134 21.03 37.22 -5.00
C THR G 134 21.92 37.52 -3.80
N ALA G 135 22.18 38.81 -3.61
CA ALA G 135 22.96 39.30 -2.49
C ALA G 135 22.39 40.65 -2.15
N ALA G 136 21.82 40.77 -0.95
CA ALA G 136 21.10 41.98 -0.55
C ALA G 136 22.06 43.07 -0.08
N ASP G 137 23.05 42.68 0.73
CA ASP G 137 23.93 43.61 1.45
C ASP G 137 24.92 44.36 0.56
N MET G 138 25.19 45.63 0.90
CA MET G 138 26.22 46.43 0.24
C MET G 138 27.58 45.72 0.32
N ALA G 139 27.90 45.18 1.50
CA ALA G 139 29.12 44.41 1.70
C ALA G 139 29.21 43.17 0.83
N ALA G 140 28.07 42.56 0.50
CA ALA G 140 28.03 41.33 -0.31
C ALA G 140 28.12 41.51 -1.83
N GLN G 141 27.98 42.75 -2.31
CA GLN G 141 28.11 43.05 -3.73
C GLN G 141 29.50 42.76 -4.23
N ILE G 142 30.48 43.02 -3.36
CA ILE G 142 31.87 42.71 -3.68
C ILE G 142 31.97 41.21 -4.04
N THR G 143 31.36 40.35 -3.22
CA THR G 143 31.38 38.93 -3.47
C THR G 143 30.62 38.55 -4.75
N ARG G 144 29.43 39.11 -4.90
CA ARG G 144 28.63 38.88 -6.10
C ARG G 144 29.41 39.18 -7.39
N ARG G 145 30.11 40.32 -7.43
CA ARG G 145 30.94 40.69 -8.59
C ARG G 145 32.10 39.70 -8.79
N LYS G 146 32.81 39.37 -7.73
CA LYS G 146 33.90 38.38 -7.82
C LYS G 146 33.38 37.08 -8.43
N TRP G 147 32.25 36.62 -7.92
CA TRP G 147 31.69 35.32 -8.32
C TRP G 147 31.13 35.37 -9.74
N GLU G 148 30.55 36.51 -10.11
CA GLU G 148 30.14 36.75 -11.50
C GLU G 148 31.35 36.75 -12.44
N GLN G 149 32.40 37.50 -12.08
CA GLN G 149 33.66 37.58 -12.84
C GLN G 149 34.36 36.25 -13.04
N SER G 150 34.24 35.36 -12.06
CA SER G 150 35.00 34.09 -12.09
C SER G 150 34.19 32.95 -12.66
N GLY G 151 32.92 33.19 -13.01
CA GLY G 151 32.04 32.12 -13.47
C GLY G 151 31.71 31.04 -12.43
N ALA G 152 31.66 31.43 -11.15
CA ALA G 152 31.39 30.50 -10.06
C ALA G 152 30.10 29.72 -10.25
N ALA G 153 29.07 30.41 -10.72
CA ALA G 153 27.76 29.79 -10.89
C ALA G 153 27.79 28.59 -11.84
N GLU G 154 28.58 28.67 -12.90
CA GLU G 154 28.70 27.56 -13.86
C GLU G 154 29.29 26.35 -13.17
N HIS G 155 30.29 26.57 -12.32
CA HIS G 155 30.91 25.48 -11.58
C HIS G 155 29.96 24.86 -10.55
N TYR G 156 29.22 25.66 -9.80
CA TYR G 156 28.22 25.10 -8.85
C TYR G 156 27.08 24.38 -9.57
N LYS G 157 26.64 24.93 -10.70
CA LYS G 157 25.58 24.34 -11.50
C LYS G 157 26.00 22.92 -11.92
N ALA G 158 27.26 22.78 -12.32
CA ALA G 158 27.81 21.49 -12.73
C ALA G 158 27.74 20.47 -11.59
N TYR G 159 28.15 20.89 -10.38
CA TYR G 159 28.04 20.04 -9.18
C TYR G 159 26.60 19.66 -8.87
N LEU G 160 25.72 20.64 -8.85
CA LEU G 160 24.32 20.44 -8.45
C LEU G 160 23.55 19.55 -9.40
N GLU G 161 23.82 19.67 -10.70
CA GLU G 161 23.14 18.88 -11.73
C GLU G 161 23.81 17.54 -12.01
N GLY G 162 25.11 17.43 -11.70
CA GLY G 162 25.92 16.24 -11.98
C GLY G 162 26.21 15.40 -10.76
N GLU G 163 27.33 15.65 -10.07
CA GLU G 163 27.72 14.91 -8.86
C GLU G 163 26.60 14.75 -7.83
N CYS G 164 25.94 15.85 -7.48
CA CYS G 164 24.90 15.83 -6.44
C CYS G 164 23.81 14.83 -6.76
N VAL G 165 23.33 14.86 -7.98
CA VAL G 165 22.23 14.00 -8.41
C VAL G 165 22.73 12.54 -8.52
N GLU G 166 23.88 12.38 -9.16
CA GLU G 166 24.48 11.06 -9.40
C GLU G 166 24.74 10.33 -8.10
N TRP G 167 25.40 10.99 -7.16
CA TRP G 167 25.74 10.36 -5.89
C TRP G 167 24.53 10.17 -4.98
N LEU G 168 23.54 11.07 -5.07
CA LEU G 168 22.28 10.87 -4.36
C LEU G 168 21.56 9.61 -4.86
N HIS G 169 21.55 9.39 -6.17
CA HIS G 169 20.97 8.15 -6.73
C HIS G 169 21.67 6.92 -6.14
N ARG G 170 22.99 6.99 -6.02
CA ARG G 170 23.77 5.90 -5.46
C ARG G 170 23.44 5.67 -3.98
N TYR G 171 23.38 6.75 -3.20
CA TYR G 171 22.99 6.66 -1.80
C TYR G 171 21.57 6.11 -1.62
N LEU G 172 20.67 6.47 -2.54
CA LEU G 172 19.30 5.98 -2.47
C LEU G 172 19.25 4.47 -2.68
N LYS G 173 20.01 3.96 -3.63
CA LYS G 173 20.09 2.52 -3.87
C LYS G 173 20.75 1.79 -2.69
N ASN G 174 21.77 2.39 -2.08
CA ASN G 174 22.47 1.79 -0.94
C ASN G 174 21.70 1.82 0.38
N GLY G 175 20.59 2.53 0.44
CA GLY G 175 19.72 2.53 1.63
C GLY G 175 18.24 2.46 1.29
N ASN G 176 17.90 1.77 0.20
CA ASN G 176 16.52 1.75 -0.33
C ASN G 176 15.55 1.06 0.63
N ARG G 181 11.09 5.06 4.40
CA ARG G 181 9.88 4.67 5.10
C ARG G 181 9.38 5.79 6.04
N THR G 182 8.17 5.57 6.58
CA THR G 182 7.51 6.54 7.44
C THR G 182 6.84 5.83 8.63
N ASP G 183 6.59 6.58 9.70
CA ASP G 183 5.84 6.07 10.86
C ASP G 183 4.61 6.94 11.04
N SER G 184 3.45 6.30 11.06
CA SER G 184 2.20 7.03 11.25
C SER G 184 2.09 7.53 12.70
N PRO G 185 1.45 8.69 12.91
CA PRO G 185 1.23 9.18 14.28
C PRO G 185 0.15 8.42 15.03
N LYS G 186 0.38 8.14 16.30
CA LYS G 186 -0.67 7.63 17.17
C LYS G 186 -1.17 8.80 17.98
N ALA G 187 -2.48 9.01 17.99
CA ALA G 187 -3.08 10.22 18.57
C ALA G 187 -4.08 9.91 19.67
N HIS G 188 -4.09 10.75 20.70
CA HIS G 188 -5.11 10.67 21.77
C HIS G 188 -5.33 12.05 22.38
N VAL G 189 -6.51 12.23 22.98
CA VAL G 189 -6.89 13.51 23.60
C VAL G 189 -6.93 13.37 25.12
N THR G 190 -6.29 14.29 25.83
CA THR G 190 -6.29 14.27 27.30
C THR G 190 -7.10 15.43 27.87
N HIS G 191 -7.57 15.25 29.10
CA HIS G 191 -8.55 16.15 29.73
C HIS G 191 -7.97 16.75 31.00
N HIS G 192 -7.85 18.08 31.02
CA HIS G 192 -7.32 18.80 32.18
C HIS G 192 -8.32 19.88 32.64
N PRO G 193 -9.07 19.57 33.70
CA PRO G 193 -10.05 20.51 34.25
C PRO G 193 -9.39 21.74 34.86
N ARG G 194 -9.87 22.92 34.51
CA ARG G 194 -9.32 24.16 35.02
C ARG G 194 -10.41 25.04 35.63
N SER G 195 -10.04 26.28 35.98
CA SER G 195 -10.99 27.21 36.56
C SER G 195 -12.43 26.74 36.37
N LYS G 196 -12.98 26.10 37.38
CA LYS G 196 -14.35 25.59 37.33
C LYS G 196 -15.13 26.24 36.18
N GLY G 197 -15.75 25.40 35.36
CA GLY G 197 -16.53 25.88 34.23
C GLY G 197 -15.71 25.94 32.95
N GLU G 198 -14.57 25.27 32.96
CA GLU G 198 -13.69 25.25 31.80
C GLU G 198 -12.64 24.14 31.92
N VAL G 199 -12.38 23.45 30.80
CA VAL G 199 -11.41 22.38 30.77
C VAL G 199 -10.52 22.46 29.54
N THR G 200 -9.27 22.00 29.67
CA THR G 200 -8.32 22.03 28.57
C THR G 200 -8.30 20.67 27.88
N LEU G 201 -8.61 20.65 26.59
CA LEU G 201 -8.48 19.45 25.77
C LEU G 201 -7.17 19.55 24.99
N ARG G 202 -6.25 18.62 25.26
CA ARG G 202 -4.95 18.58 24.61
C ARG G 202 -4.85 17.36 23.71
N CYS G 203 -4.60 17.60 22.42
CA CYS G 203 -4.51 16.55 21.41
C CYS G 203 -3.05 16.20 21.15
N TRP G 204 -2.71 14.94 21.36
CA TRP G 204 -1.35 14.46 21.26
C TRP G 204 -1.16 13.70 19.97
N ALA G 205 0.00 13.90 19.34
CA ALA G 205 0.46 13.04 18.26
C ALA G 205 1.84 12.54 18.66
N LEU G 206 2.02 11.22 18.66
CA LEU G 206 3.26 10.61 19.09
C LEU G 206 3.71 9.54 18.11
N GLY G 207 5.03 9.33 18.07
CA GLY G 207 5.61 8.21 17.35
C GLY G 207 5.61 8.33 15.82
N PHE G 208 5.69 9.55 15.30
CA PHE G 208 5.60 9.76 13.85
C PHE G 208 6.92 10.17 13.24
N TYR G 209 7.09 9.79 11.97
CA TYR G 209 8.24 10.17 11.16
C TYR G 209 7.82 10.21 9.69
N PRO G 210 8.17 11.26 8.93
CA PRO G 210 8.96 12.46 9.28
C PRO G 210 8.25 13.44 10.21
N ALA G 211 8.94 14.53 10.51
CA ALA G 211 8.53 15.48 11.52
C ALA G 211 7.33 16.33 11.12
N ASP G 212 7.10 16.49 9.81
CA ASP G 212 6.02 17.36 9.31
C ASP G 212 4.67 16.80 9.67
N ILE G 213 3.85 17.61 10.33
CA ILE G 213 2.55 17.18 10.80
C ILE G 213 1.74 18.42 11.12
N THR G 214 0.41 18.30 11.02
CA THR G 214 -0.48 19.40 11.38
C THR G 214 -1.56 18.87 12.29
N LEU G 215 -1.82 19.60 13.37
CA LEU G 215 -2.89 19.29 14.29
C LEU G 215 -3.88 20.44 14.23
N THR G 216 -5.17 20.12 14.22
CA THR G 216 -6.22 21.15 14.25
C THR G 216 -7.33 20.75 15.19
N TRP G 217 -7.96 21.75 15.80
CA TRP G 217 -9.16 21.54 16.59
C TRP G 217 -10.34 22.18 15.86
N GLN G 218 -11.49 21.52 15.88
CA GLN G 218 -12.69 22.08 15.26
C GLN G 218 -13.87 22.15 16.23
N LEU G 219 -14.64 23.23 16.10
CA LEU G 219 -15.87 23.41 16.87
C LEU G 219 -17.06 23.21 15.93
N ASN G 220 -17.32 21.94 15.60
CA ASN G 220 -18.37 21.57 14.66
C ASN G 220 -18.14 22.18 13.27
N GLY G 221 -17.08 21.71 12.61
CA GLY G 221 -16.76 22.14 11.23
C GLY G 221 -15.86 23.36 11.12
N GLU G 222 -15.69 24.10 12.21
CA GLU G 222 -14.96 25.38 12.19
C GLU G 222 -13.64 25.27 12.94
N GLU G 223 -12.53 25.66 12.29
CA GLU G 223 -11.21 25.69 12.94
C GLU G 223 -11.17 26.77 14.01
N LEU G 224 -10.18 26.69 14.91
CA LEU G 224 -10.04 27.67 15.99
C LEU G 224 -8.70 28.41 15.86
N ASP G 227 -7.59 30.63 18.77
CA ASP G 227 -7.31 30.74 20.20
C ASP G 227 -6.74 29.41 20.75
N MET G 228 -5.81 28.85 19.99
CA MET G 228 -5.31 27.50 20.24
C MET G 228 -3.84 27.56 20.68
N GLU G 229 -3.50 26.73 21.66
CA GLU G 229 -2.14 26.59 22.14
C GLU G 229 -1.53 25.32 21.53
N LEU G 230 -0.28 25.41 21.11
CA LEU G 230 0.42 24.26 20.60
C LEU G 230 1.88 24.32 21.00
N VAL G 231 2.61 23.24 20.77
CA VAL G 231 4.07 23.25 20.92
C VAL G 231 4.70 22.96 19.58
N GLU G 232 5.92 23.42 19.42
CA GLU G 232 6.70 23.10 18.25
C GLU G 232 7.00 21.60 18.28
N THR G 233 7.02 21.01 17.09
CA THR G 233 7.30 19.60 16.89
C THR G 233 8.69 19.26 17.46
N ARG G 234 8.74 18.15 18.19
CA ARG G 234 9.90 17.84 19.04
C ARG G 234 10.31 16.39 18.87
N PRO G 235 11.62 16.12 18.89
CA PRO G 235 12.09 14.75 18.74
C PRO G 235 11.94 13.95 20.03
N ALA G 236 11.45 12.72 19.93
CA ALA G 236 11.38 11.82 21.07
C ALA G 236 12.79 11.35 21.46
N GLY G 237 13.73 11.39 20.51
CA GLY G 237 15.10 10.97 20.74
C GLY G 237 15.44 9.62 20.16
N ASP G 238 14.42 8.89 19.70
CA ASP G 238 14.56 7.51 19.18
C ASP G 238 14.29 7.44 17.66
N GLY G 239 14.29 8.60 16.99
CA GLY G 239 13.99 8.68 15.55
C GLY G 239 12.60 9.21 15.20
N THR G 240 11.66 9.18 16.14
CA THR G 240 10.32 9.71 15.92
C THR G 240 10.11 11.05 16.62
N PHE G 241 8.93 11.62 16.44
CA PHE G 241 8.64 12.99 16.88
C PHE G 241 7.33 13.05 17.62
N GLN G 242 7.12 14.17 18.33
CA GLN G 242 5.94 14.41 19.13
C GLN G 242 5.39 15.81 18.86
N LYS G 243 4.09 16.00 19.06
CA LYS G 243 3.48 17.33 18.99
C LYS G 243 2.15 17.31 19.72
N TRP G 244 1.76 18.44 20.32
CA TRP G 244 0.41 18.59 20.84
C TRP G 244 -0.21 19.95 20.54
N ALA G 245 -1.53 19.97 20.55
CA ALA G 245 -2.34 21.18 20.33
C ALA G 245 -3.48 21.13 21.32
N SER G 246 -3.75 22.25 21.97
CA SER G 246 -4.79 22.31 22.99
C SER G 246 -5.78 23.44 22.77
N VAL G 247 -6.95 23.30 23.36
CA VAL G 247 -7.99 24.31 23.27
C VAL G 247 -8.77 24.30 24.59
N VAL G 248 -9.22 25.48 25.03
CA VAL G 248 -10.03 25.59 26.26
C VAL G 248 -11.52 25.48 25.92
N VAL G 249 -12.21 24.58 26.64
CA VAL G 249 -13.59 24.23 26.36
C VAL G 249 -14.42 24.25 27.66
N PRO G 250 -15.72 24.60 27.57
CA PRO G 250 -16.62 24.47 28.72
C PRO G 250 -16.80 23.02 29.20
N LEU G 251 -16.76 22.82 30.52
CA LEU G 251 -16.96 21.48 31.10
C LEU G 251 -18.35 20.95 30.72
N GLY G 252 -18.45 19.64 30.47
CA GLY G 252 -19.70 19.03 30.02
C GLY G 252 -19.86 19.01 28.51
N LYS G 253 -19.47 20.10 27.85
CA LYS G 253 -19.65 20.28 26.41
C LYS G 253 -18.40 19.90 25.58
N GLU G 254 -17.51 19.09 26.13
CA GLU G 254 -16.24 18.79 25.43
C GLU G 254 -16.40 17.82 24.25
N GLN G 255 -17.60 17.26 24.05
CA GLN G 255 -17.87 16.42 22.87
C GLN G 255 -18.23 17.26 21.62
N ASN G 256 -18.32 18.57 21.76
CA ASN G 256 -18.46 19.48 20.60
C ASN G 256 -17.14 19.79 19.90
N TYR G 257 -16.07 19.08 20.28
CA TYR G 257 -14.71 19.39 19.81
C TYR G 257 -14.00 18.16 19.29
N THR G 258 -13.49 18.25 18.06
CA THR G 258 -12.73 17.15 17.46
C THR G 258 -11.34 17.65 17.03
N CYS G 259 -10.33 16.82 17.29
CA CYS G 259 -8.98 17.05 16.86
C CYS G 259 -8.74 16.30 15.55
N ARG G 260 -7.98 16.90 14.63
CA ARG G 260 -7.62 16.25 13.36
C ARG G 260 -6.10 16.24 13.18
N VAL G 261 -5.55 15.12 12.72
CA VAL G 261 -4.11 14.96 12.57
C VAL G 261 -3.78 14.64 11.11
N TYR G 262 -2.92 15.46 10.53
CA TYR G 262 -2.55 15.32 9.14
C TYR G 262 -1.10 14.92 9.06
N HIS G 263 -0.84 13.75 8.48
CA HIS G 263 0.51 13.27 8.35
C HIS G 263 0.63 12.42 7.10
N GLU G 264 1.76 12.53 6.42
CA GLU G 264 1.95 11.85 5.13
C GLU G 264 1.99 10.32 5.21
N GLY G 265 2.18 9.79 6.41
CA GLY G 265 2.14 8.34 6.64
C GLY G 265 0.72 7.82 6.78
N LEU G 266 -0.23 8.71 7.01
CA LEU G 266 -1.61 8.29 7.22
C LEU G 266 -2.29 7.94 5.89
N PRO G 267 -3.15 6.89 5.88
CA PRO G 267 -3.98 6.65 4.70
C PRO G 267 -4.96 7.81 4.49
N GLU G 268 -5.44 8.36 5.59
CA GLU G 268 -6.23 9.59 5.60
C GLU G 268 -6.04 10.29 6.94
N PRO G 269 -6.46 11.57 7.04
CA PRO G 269 -6.33 12.26 8.33
C PRO G 269 -7.10 11.57 9.46
N LEU G 270 -6.49 11.55 10.66
CA LEU G 270 -7.17 11.04 11.84
C LEU G 270 -8.19 12.07 12.34
N THR G 271 -9.25 11.58 12.99
CA THR G 271 -10.23 12.44 13.66
C THR G 271 -10.45 11.87 15.06
N LEU G 272 -10.15 12.66 16.09
CA LEU G 272 -10.26 12.21 17.48
C LEU G 272 -11.06 13.19 18.31
N ARG G 273 -11.67 12.68 19.36
CA ARG G 273 -12.35 13.49 20.35
C ARG G 273 -11.95 12.97 21.72
N TRP G 274 -12.22 13.74 22.76
CA TRP G 274 -12.06 13.25 24.13
C TRP G 274 -13.09 12.13 24.36
N GLU G 275 -12.62 10.94 24.69
CA GLU G 275 -13.49 9.81 24.99
C GLU G 275 -13.43 9.48 26.48
N PRO G 276 -14.42 9.96 27.26
CA PRO G 276 -14.41 9.69 28.70
C PRO G 276 -14.75 8.23 28.99
N ILE H 1 21.88 40.41 15.90
CA ILE H 1 22.15 39.06 15.32
C ILE H 1 21.83 37.90 16.28
N GLN H 2 21.72 38.19 17.58
CA GLN H 2 21.48 37.13 18.57
C GLN H 2 20.03 36.67 18.59
N LYS H 3 19.84 35.35 18.63
CA LYS H 3 18.52 34.73 18.66
C LYS H 3 18.47 33.89 19.93
N THR H 4 17.45 34.10 20.74
CA THR H 4 17.40 33.48 22.06
C THR H 4 16.82 32.07 21.98
N PRO H 5 17.41 31.13 22.71
CA PRO H 5 16.94 29.74 22.60
C PRO H 5 15.53 29.50 23.12
N GLN H 6 14.77 28.69 22.40
CA GLN H 6 13.48 28.21 22.84
C GLN H 6 13.73 26.83 23.46
N ILE H 7 13.11 26.57 24.60
CA ILE H 7 13.37 25.34 25.36
C ILE H 7 12.09 24.56 25.64
N GLN H 8 12.11 23.26 25.36
CA GLN H 8 11.10 22.32 25.83
C GLN H 8 11.75 21.20 26.65
N VAL H 9 11.09 20.84 27.75
CA VAL H 9 11.49 19.74 28.62
C VAL H 9 10.34 18.75 28.67
N TYR H 10 10.61 17.48 28.41
CA TYR H 10 9.56 16.49 28.19
C TYR H 10 10.16 15.09 28.14
N SER H 11 9.34 14.09 28.41
CA SER H 11 9.81 12.72 28.43
C SER H 11 9.65 12.06 27.05
N ARG H 12 10.51 11.11 26.75
CA ARG H 12 10.39 10.27 25.54
C ARG H 12 9.06 9.51 25.50
N HIS H 13 8.71 8.80 26.56
CA HIS H 13 7.48 8.01 26.62
C HIS H 13 6.54 8.67 27.60
N PRO H 14 5.23 8.42 27.45
CA PRO H 14 4.29 8.96 28.42
C PRO H 14 4.74 8.56 29.83
N PRO H 15 4.77 9.51 30.76
CA PRO H 15 5.38 9.24 32.05
C PRO H 15 4.48 8.38 32.96
N GLU H 16 5.12 7.47 33.68
CA GLU H 16 4.44 6.67 34.71
C GLU H 16 5.37 6.71 35.92
N ASN H 17 4.86 7.12 37.07
CA ASN H 17 5.70 7.21 38.25
C ASN H 17 6.29 5.84 38.56
N GLY H 18 7.58 5.79 38.88
CA GLY H 18 8.26 4.53 39.15
C GLY H 18 8.75 3.77 37.93
N LYS H 19 8.40 4.22 36.72
CA LYS H 19 8.78 3.55 35.46
C LYS H 19 9.93 4.29 34.77
N PRO H 20 11.08 3.61 34.53
CA PRO H 20 12.21 4.21 33.81
C PRO H 20 11.82 4.83 32.46
N ASN H 21 12.46 5.95 32.14
CA ASN H 21 12.08 6.76 31.00
C ASN H 21 13.30 7.61 30.61
N ILE H 22 13.14 8.49 29.62
CA ILE H 22 14.23 9.41 29.25
C ILE H 22 13.64 10.83 29.25
N LEU H 23 14.38 11.75 29.86
CA LEU H 23 13.99 13.15 29.91
C LEU H 23 14.76 13.93 28.84
N ASN H 24 14.03 14.63 27.99
CA ASN H 24 14.62 15.44 26.91
C ASN H 24 14.64 16.93 27.25
N CYS H 25 15.71 17.62 26.87
CA CYS H 25 15.72 19.07 26.83
C CYS H 25 16.06 19.49 25.39
N TYR H 26 15.07 20.03 24.69
CA TYR H 26 15.19 20.38 23.28
C TYR H 26 15.28 21.90 23.19
N VAL H 27 16.42 22.36 22.68
CA VAL H 27 16.75 23.78 22.69
C VAL H 27 16.97 24.17 21.23
N THR H 28 16.19 25.14 20.76
CA THR H 28 16.15 25.48 19.35
C THR H 28 16.19 26.98 19.12
N GLN H 29 16.38 27.36 17.86
CA GLN H 29 16.17 28.73 17.43
C GLN H 29 17.20 29.70 17.99
N PHE H 30 18.42 29.24 18.22
CA PHE H 30 19.40 30.14 18.80
C PHE H 30 20.58 30.46 17.88
N HIS H 31 21.21 31.58 18.18
CA HIS H 31 22.41 32.04 17.49
C HIS H 31 23.09 33.05 18.40
N PRO H 32 24.43 33.02 18.51
CA PRO H 32 25.39 32.12 17.88
C PRO H 32 25.32 30.71 18.48
N PRO H 33 26.05 29.75 17.88
CA PRO H 33 25.87 28.34 18.22
C PRO H 33 26.43 27.93 19.58
N HIS H 34 27.30 28.74 20.17
CA HIS H 34 27.80 28.40 21.50
C HIS H 34 26.71 28.45 22.58
N ILE H 35 26.62 27.39 23.37
CA ILE H 35 25.57 27.29 24.38
C ILE H 35 26.03 26.34 25.51
N GLU H 36 25.51 26.55 26.73
CA GLU H 36 25.70 25.62 27.84
C GLU H 36 24.32 25.09 28.26
N ILE H 37 24.19 23.78 28.33
CA ILE H 37 22.96 23.14 28.75
C ILE H 37 23.23 22.17 29.90
N GLN H 38 22.56 22.39 31.04
CA GLN H 38 22.59 21.48 32.18
C GLN H 38 21.19 20.94 32.46
N MET H 39 21.10 19.68 32.86
CA MET H 39 19.84 19.14 33.34
C MET H 39 19.97 18.93 34.84
N LEU H 40 18.89 19.21 35.57
CA LEU H 40 18.90 19.22 37.03
C LEU H 40 17.80 18.31 37.61
N LYS H 41 18.14 17.62 38.70
CA LYS H 41 17.18 16.85 39.49
C LYS H 41 17.18 17.44 40.89
N ASN H 42 16.02 17.93 41.32
CA ASN H 42 15.88 18.63 42.59
C ASN H 42 16.97 19.69 42.75
N GLY H 43 17.15 20.51 41.71
CA GLY H 43 18.13 21.60 41.74
C GLY H 43 19.59 21.19 41.59
N LYS H 44 19.86 19.89 41.48
CA LYS H 44 21.24 19.40 41.40
C LYS H 44 21.57 18.92 39.99
N LYS H 45 22.75 19.30 39.51
CA LYS H 45 23.21 18.94 38.18
C LYS H 45 23.22 17.42 38.02
N ILE H 46 22.60 16.93 36.95
CA ILE H 46 22.57 15.49 36.66
C ILE H 46 23.86 15.18 35.89
N PRO H 47 24.69 14.24 36.41
CA PRO H 47 26.02 13.95 35.83
C PRO H 47 26.00 13.39 34.40
N LYS H 48 25.24 12.35 34.14
CA LYS H 48 25.33 11.69 32.85
C LYS H 48 24.24 12.16 31.90
N VAL H 49 24.55 13.26 31.19
CA VAL H 49 23.65 13.91 30.26
C VAL H 49 24.23 13.75 28.88
N GLU H 50 23.48 13.14 27.98
CA GLU H 50 23.91 12.97 26.59
C GLU H 50 23.49 14.19 25.76
N MET H 51 24.38 14.63 24.87
CA MET H 51 24.21 15.85 24.12
C MET H 51 24.32 15.50 22.64
N SER H 52 23.30 15.83 21.85
CA SER H 52 23.40 15.70 20.40
C SER H 52 24.50 16.62 19.86
N ASP H 53 24.99 16.33 18.66
CA ASP H 53 25.97 17.21 18.02
C ASP H 53 25.25 18.42 17.43
N MET H 54 26.01 19.52 17.27
N MET H 54 25.89 19.58 17.39
CA MET H 54 25.59 20.80 16.66
CA MET H 54 25.13 20.75 16.99
C MET H 54 24.87 20.61 15.33
C MET H 54 24.88 20.74 15.48
N SER H 55 23.66 21.16 15.17
CA SER H 55 23.04 21.15 13.87
C SER H 55 22.34 22.49 13.67
N PHE H 56 22.05 22.84 12.42
CA PHE H 56 21.22 24.02 12.18
C PHE H 56 20.10 23.78 11.21
N SER H 57 19.05 24.61 11.32
CA SER H 57 17.85 24.47 10.52
C SER H 57 17.98 25.35 9.30
N LYS H 58 17.05 25.25 8.37
CA LYS H 58 17.14 26.01 7.12
C LYS H 58 16.88 27.52 7.29
N ASP H 59 16.38 27.95 8.45
CA ASP H 59 16.34 29.39 8.77
C ASP H 59 17.64 29.83 9.43
N TRP H 60 18.66 28.97 9.37
CA TRP H 60 20.02 29.22 9.83
C TRP H 60 20.22 29.18 11.36
N SER H 61 19.15 28.95 12.12
CA SER H 61 19.26 28.88 13.58
C SER H 61 19.67 27.48 14.06
N PHE H 62 20.32 27.43 15.21
CA PHE H 62 20.90 26.18 15.72
C PHE H 62 19.97 25.46 16.67
N TYR H 63 20.17 24.15 16.82
CA TYR H 63 19.39 23.35 17.75
C TYR H 63 20.17 22.17 18.31
N ILE H 64 19.82 21.78 19.52
CA ILE H 64 20.48 20.69 20.21
C ILE H 64 19.45 19.96 21.06
N LEU H 65 19.59 18.64 21.14
CA LEU H 65 18.81 17.80 22.07
C LEU H 65 19.73 17.28 23.16
N ALA H 66 19.41 17.56 24.41
CA ALA H 66 20.07 16.93 25.55
C ALA H 66 19.11 15.92 26.15
N HIS H 67 19.61 14.80 26.64
CA HIS H 67 18.77 13.80 27.29
C HIS H 67 19.47 13.00 28.38
N THR H 68 18.66 12.37 29.23
CA THR H 68 19.15 11.60 30.35
C THR H 68 18.10 10.60 30.77
N GLU H 69 18.55 9.43 31.23
CA GLU H 69 17.69 8.45 31.86
C GLU H 69 17.12 9.04 33.16
N PHE H 70 15.86 8.75 33.46
CA PHE H 70 15.25 9.16 34.71
C PHE H 70 14.05 8.29 35.00
N THR H 71 13.68 8.25 36.28
CA THR H 71 12.46 7.58 36.69
C THR H 71 11.59 8.60 37.41
N PRO H 72 10.51 9.09 36.76
CA PRO H 72 9.70 10.09 37.46
C PRO H 72 9.07 9.57 38.74
N THR H 73 8.90 10.47 39.70
CA THR H 73 8.13 10.21 40.92
C THR H 73 7.15 11.39 41.12
N GLU H 74 6.35 11.31 42.17
CA GLU H 74 5.40 12.36 42.47
C GLU H 74 6.10 13.69 42.77
N THR H 75 7.25 13.64 43.42
CA THR H 75 7.81 14.87 43.98
C THR H 75 9.16 15.28 43.42
N ASP H 76 9.85 14.42 42.66
CA ASP H 76 11.13 14.82 42.10
C ASP H 76 10.92 15.92 41.02
N THR H 77 11.59 17.05 41.18
N THR H 77 11.64 17.02 41.16
CA THR H 77 11.55 18.10 40.17
CA THR H 77 11.54 18.14 40.22
C THR H 77 12.67 17.87 39.17
C THR H 77 12.69 18.09 39.20
N TYR H 78 12.36 18.09 37.90
CA TYR H 78 13.37 18.04 36.84
C TYR H 78 13.32 19.33 36.06
N ALA H 79 14.48 19.74 35.58
CA ALA H 79 14.64 21.02 34.94
C ALA H 79 15.81 20.99 33.97
N CYS H 80 15.75 21.91 33.03
CA CYS H 80 16.87 22.18 32.13
C CYS H 80 17.31 23.63 32.34
N ARG H 81 18.61 23.85 32.40
N ARG H 81 18.61 23.83 32.49
CA ARG H 81 19.19 25.15 32.70
CA ARG H 81 19.17 25.15 32.67
C ARG H 81 20.12 25.58 31.55
C ARG H 81 20.03 25.48 31.45
N VAL H 82 19.71 26.59 30.78
CA VAL H 82 20.40 26.99 29.55
C VAL H 82 21.09 28.33 29.72
N LYS H 83 22.36 28.40 29.36
CA LYS H 83 23.10 29.66 29.32
C LYS H 83 23.52 29.96 27.87
N HIS H 84 23.28 31.20 27.47
CA HIS H 84 23.52 31.63 26.10
C HIS H 84 23.70 33.15 26.07
N ASP H 85 24.53 33.64 25.14
CA ASP H 85 24.89 35.07 25.06
C ASP H 85 23.70 36.02 24.83
N SER H 86 22.62 35.51 24.24
CA SER H 86 21.42 36.32 24.03
C SER H 86 20.68 36.65 25.32
N MET H 87 21.01 35.94 26.39
CA MET H 87 20.31 36.09 27.65
C MET H 87 21.27 36.57 28.74
N ALA H 88 20.83 37.57 29.50
CA ALA H 88 21.64 38.14 30.57
C ALA H 88 21.85 37.13 31.67
N GLU H 89 20.82 36.35 31.98
CA GLU H 89 20.91 35.28 32.99
C GLU H 89 20.56 33.92 32.40
N PRO H 90 21.04 32.86 33.07
CA PRO H 90 20.60 31.51 32.70
C PRO H 90 19.09 31.38 32.76
N LYS H 91 18.51 30.56 31.90
CA LYS H 91 17.10 30.25 31.96
C LYS H 91 16.91 28.79 32.42
N THR H 92 16.14 28.62 33.49
CA THR H 92 15.71 27.30 33.95
C THR H 92 14.27 27.03 33.48
N VAL H 93 14.05 25.87 32.88
N VAL H 93 14.04 25.90 32.83
CA VAL H 93 12.71 25.46 32.47
CA VAL H 93 12.69 25.47 32.46
C VAL H 93 12.39 24.12 33.15
C VAL H 93 12.38 24.13 33.14
N TYR H 94 11.24 24.06 33.83
CA TYR H 94 10.84 22.86 34.59
C TYR H 94 10.04 21.87 33.78
N TRP H 95 10.32 20.59 33.99
CA TRP H 95 9.48 19.55 33.42
C TRP H 95 8.08 19.61 34.01
N ASP H 96 7.10 19.68 33.12
CA ASP H 96 5.70 19.50 33.42
C ASP H 96 5.19 18.25 32.69
N ARG H 97 4.89 17.20 33.43
CA ARG H 97 4.51 15.90 32.86
C ARG H 97 3.29 15.93 31.93
N ASP H 98 2.49 16.99 31.99
CA ASP H 98 1.30 17.11 31.14
C ASP H 98 1.55 17.77 29.79
N MET H 99 2.79 18.18 29.51
CA MET H 99 3.07 18.81 28.24
C MET H 99 4.41 18.43 27.61
N LYS I 1 28.07 13.12 -1.75
CA LYS I 1 29.36 13.68 -2.02
C LYS I 1 29.26 15.17 -1.89
N ALA I 2 30.14 15.74 -1.12
CA ALA I 2 30.08 17.16 -0.77
C ALA I 2 30.52 18.09 -1.90
N VAL I 3 30.01 19.31 -1.83
CA VAL I 3 30.37 20.36 -2.76
C VAL I 3 31.79 20.83 -2.41
N SER I 4 32.55 21.29 -3.40
CA SER I 4 33.82 21.94 -3.08
C SER I 4 33.76 23.35 -3.67
N ASN I 5 33.89 24.34 -2.82
CA ASN I 5 33.61 25.72 -3.20
C ASN I 5 34.68 26.29 -4.14
N PHE I 6 34.33 27.35 -4.85
CA PHE I 6 35.23 27.98 -5.84
C PHE I 6 35.77 29.28 -5.25
N ALA I 7 35.54 30.43 -5.88
CA ALA I 7 36.00 31.70 -5.32
C ALA I 7 35.57 31.87 -3.87
N THR I 8 36.49 32.36 -3.02
CA THR I 8 36.15 32.64 -1.65
C THR I 8 35.30 33.91 -1.63
N MET I 9 34.69 34.20 -0.49
CA MET I 9 33.89 35.40 -0.38
C MET I 9 34.72 36.67 -0.55
N GLY J 1 1.11 10.31 -1.08
CA GLY J 1 1.39 11.09 -2.32
C GLY J 1 0.44 12.27 -2.44
N PRO J 2 0.86 13.33 -3.15
CA PRO J 2 0.02 14.54 -3.26
C PRO J 2 -1.22 14.31 -4.13
N HIS J 3 -2.22 15.17 -3.98
CA HIS J 3 -3.47 15.04 -4.75
C HIS J 3 -3.93 16.43 -5.22
N SER J 4 -4.90 16.44 -6.13
CA SER J 4 -5.39 17.70 -6.68
C SER J 4 -6.81 17.57 -7.19
N MET J 5 -7.50 18.70 -7.26
CA MET J 5 -8.77 18.78 -7.96
C MET J 5 -8.73 19.98 -8.90
N ARG J 6 -9.36 19.87 -10.07
CA ARG J 6 -9.51 21.01 -10.97
C ARG J 6 -10.84 20.98 -11.69
N TYR J 7 -11.42 22.15 -11.88
CA TYR J 7 -12.49 22.33 -12.84
C TYR J 7 -11.98 23.25 -13.97
N PHE J 8 -12.08 22.75 -15.20
CA PHE J 8 -11.71 23.44 -16.44
C PHE J 8 -12.99 23.79 -17.18
N GLU J 9 -13.23 25.08 -17.34
CA GLU J 9 -14.48 25.56 -17.92
C GLU J 9 -14.22 26.40 -19.16
N THR J 10 -15.10 26.28 -20.15
CA THR J 10 -14.99 27.02 -21.42
C THR J 10 -16.35 27.53 -21.85
N ALA J 11 -16.41 28.79 -22.26
CA ALA J 11 -17.54 29.31 -23.04
C ALA J 11 -17.02 29.79 -24.38
N VAL J 12 -17.73 29.42 -25.46
CA VAL J 12 -17.33 29.85 -26.79
C VAL J 12 -18.53 30.46 -27.48
N SER J 13 -18.32 31.63 -28.07
CA SER J 13 -19.34 32.32 -28.84
C SER J 13 -18.93 32.30 -30.31
N ARG J 14 -19.93 32.28 -31.20
CA ARG J 14 -19.69 32.26 -32.64
C ARG J 14 -20.70 33.17 -33.34
N PRO J 15 -20.32 33.77 -34.49
CA PRO J 15 -21.05 34.87 -35.12
C PRO J 15 -22.57 34.74 -35.09
N GLY J 16 -23.06 33.57 -35.48
CA GLY J 16 -24.51 33.33 -35.55
C GLY J 16 -25.09 32.94 -34.23
N LEU J 17 -24.49 31.92 -33.60
CA LEU J 17 -25.00 31.33 -32.35
C LEU J 17 -25.52 32.39 -31.39
N GLU J 18 -26.82 32.31 -31.09
CA GLU J 18 -27.46 33.30 -30.22
C GLU J 18 -26.98 33.15 -28.78
N GLU J 19 -26.53 31.95 -28.40
CA GLU J 19 -25.96 31.74 -27.07
C GLU J 19 -24.64 30.95 -27.10
N PRO J 20 -23.69 31.35 -26.25
CA PRO J 20 -22.42 30.62 -26.18
C PRO J 20 -22.60 29.17 -25.72
N ARG J 21 -21.71 28.31 -26.18
CA ARG J 21 -21.66 26.95 -25.69
C ARG J 21 -20.75 26.93 -24.47
N TYR J 22 -21.26 26.34 -23.38
CA TYR J 22 -20.53 26.24 -22.11
C TYR J 22 -20.22 24.78 -21.79
N ILE J 23 -18.95 24.49 -21.56
CA ILE J 23 -18.50 23.17 -21.15
C ILE J 23 -17.65 23.26 -19.90
N SER J 24 -17.95 22.40 -18.93
CA SER J 24 -17.16 22.27 -17.72
C SER J 24 -16.73 20.83 -17.50
N VAL J 25 -15.45 20.66 -17.17
CA VAL J 25 -14.89 19.35 -16.89
C VAL J 25 -14.19 19.37 -15.55
N GLY J 26 -14.55 18.43 -14.68
CA GLY J 26 -13.89 18.27 -13.38
C GLY J 26 -12.83 17.19 -13.44
N TYR J 27 -11.72 17.39 -12.73
CA TYR J 27 -10.66 16.40 -12.61
C TYR J 27 -10.29 16.15 -11.14
N VAL J 28 -9.98 14.90 -10.81
CA VAL J 28 -9.33 14.55 -9.56
C VAL J 28 -8.05 13.82 -9.94
N ASP J 29 -6.92 14.28 -9.38
CA ASP J 29 -5.60 13.70 -9.70
C ASP J 29 -5.37 13.60 -11.20
N ASN J 30 -5.72 14.68 -11.90
CA ASN J 30 -5.53 14.80 -13.36
C ASN J 30 -6.40 13.87 -14.19
N LYS J 31 -7.45 13.32 -13.60
CA LYS J 31 -8.27 12.32 -14.29
C LYS J 31 -9.69 12.83 -14.29
N GLU J 32 -10.32 12.83 -15.46
CA GLU J 32 -11.66 13.38 -15.63
C GLU J 32 -12.65 12.60 -14.80
N PHE J 33 -13.45 13.27 -13.97
CA PHE J 33 -14.45 12.59 -13.14
C PHE J 33 -15.90 13.09 -13.30
N VAL J 34 -16.09 14.31 -13.78
CA VAL J 34 -17.42 14.83 -14.12
C VAL J 34 -17.33 15.71 -15.36
N ARG J 35 -18.49 15.93 -15.98
CA ARG J 35 -18.59 16.77 -17.15
C ARG J 35 -20.00 17.32 -17.38
N PHE J 36 -20.05 18.60 -17.76
CA PHE J 36 -21.28 19.32 -18.13
C PHE J 36 -21.07 19.96 -19.49
N ASP J 37 -22.09 19.86 -20.34
CA ASP J 37 -22.02 20.41 -21.70
C ASP J 37 -23.39 20.96 -22.07
N SER J 38 -23.45 22.25 -22.34
CA SER J 38 -24.72 22.92 -22.65
C SER J 38 -25.32 22.50 -24.00
N ASP J 39 -24.53 21.84 -24.84
CA ASP J 39 -25.02 21.31 -26.13
C ASP J 39 -25.79 19.99 -25.99
N ALA J 40 -25.74 19.35 -24.83
CA ALA J 40 -26.47 18.10 -24.63
C ALA J 40 -27.97 18.36 -24.68
N GLU J 41 -28.73 17.29 -24.93
CA GLU J 41 -30.18 17.41 -25.03
C GLU J 41 -30.77 17.83 -23.68
N ASN J 42 -30.31 17.22 -22.60
CA ASN J 42 -30.64 17.67 -21.25
C ASN J 42 -29.33 17.96 -20.51
N PRO J 43 -28.83 19.21 -20.59
CA PRO J 43 -27.57 19.58 -19.96
C PRO J 43 -27.54 19.26 -18.47
N ARG J 44 -26.54 18.50 -18.05
CA ARG J 44 -26.37 18.18 -16.64
C ARG J 44 -24.95 17.68 -16.40
N TYR J 45 -24.48 17.83 -15.16
CA TYR J 45 -23.23 17.20 -14.78
C TYR J 45 -23.43 15.70 -14.83
N GLU J 46 -22.52 15.00 -15.51
CA GLU J 46 -22.59 13.56 -15.63
C GLU J 46 -21.34 12.94 -15.08
N PRO J 47 -21.47 11.75 -14.46
CA PRO J 47 -20.29 11.03 -14.00
C PRO J 47 -19.41 10.61 -15.17
N ARG J 48 -18.10 10.62 -14.96
CA ARG J 48 -17.15 10.26 -16.00
C ARG J 48 -16.20 9.14 -15.57
N ALA J 49 -16.29 8.73 -14.30
CA ALA J 49 -15.60 7.56 -13.78
C ALA J 49 -16.60 6.76 -12.94
N PRO J 50 -16.51 5.42 -12.97
CA PRO J 50 -17.55 4.61 -12.29
C PRO J 50 -17.69 4.87 -10.79
N TRP J 51 -16.59 5.18 -10.11
CA TRP J 51 -16.64 5.47 -8.67
C TRP J 51 -17.46 6.71 -8.30
N MET J 52 -17.75 7.58 -9.27
CA MET J 52 -18.61 8.75 -9.03
C MET J 52 -20.10 8.41 -9.08
N GLU J 53 -20.44 7.25 -9.66
CA GLU J 53 -21.85 6.83 -9.69
C GLU J 53 -22.45 6.59 -8.29
N GLN J 54 -21.60 6.48 -7.28
CA GLN J 54 -22.01 6.47 -5.86
C GLN J 54 -22.89 7.65 -5.46
N GLU J 55 -22.52 8.85 -5.93
CA GLU J 55 -23.23 10.08 -5.54
C GLU J 55 -24.70 10.01 -5.91
N GLY J 56 -25.57 10.42 -5.00
CA GLY J 56 -27.02 10.39 -5.20
C GLY J 56 -27.54 11.56 -6.02
N PRO J 57 -28.83 11.54 -6.34
CA PRO J 57 -29.39 12.53 -7.27
C PRO J 57 -29.34 13.96 -6.74
N GLU J 58 -29.27 14.16 -5.42
CA GLU J 58 -29.16 15.51 -4.86
C GLU J 58 -27.79 16.14 -5.13
N TYR J 59 -26.73 15.32 -5.14
CA TYR J 59 -25.41 15.79 -5.59
C TYR J 59 -25.50 16.32 -7.02
N TRP J 60 -25.99 15.49 -7.93
CA TRP J 60 -26.03 15.85 -9.35
C TRP J 60 -26.90 17.06 -9.62
N GLU J 61 -28.02 17.18 -8.92
CA GLU J 61 -28.93 18.32 -9.12
C GLU J 61 -28.30 19.62 -8.65
N ARG J 62 -27.61 19.60 -7.51
CA ARG J 62 -26.96 20.80 -7.01
C ARG J 62 -25.86 21.24 -8.00
N GLU J 63 -25.01 20.30 -8.40
CA GLU J 63 -23.92 20.63 -9.33
C GLU J 63 -24.44 21.16 -10.67
N THR J 64 -25.48 20.51 -11.20
CA THR J 64 -26.08 20.95 -12.45
C THR J 64 -26.56 22.40 -12.35
N GLN J 65 -27.13 22.75 -11.19
CA GLN J 65 -27.61 24.10 -10.94
C GLN J 65 -26.50 25.14 -10.89
N LYS J 66 -25.40 24.81 -10.23
CA LYS J 66 -24.19 25.64 -10.27
C LYS J 66 -23.69 25.86 -11.70
N ALA J 67 -23.70 24.81 -12.51
CA ALA J 67 -23.29 24.89 -13.91
C ALA J 67 -24.16 25.83 -14.70
N LYS J 68 -25.47 25.76 -14.51
CA LYS J 68 -26.38 26.71 -15.16
C LYS J 68 -26.10 28.16 -14.74
N GLY J 69 -25.71 28.35 -13.50
CA GLY J 69 -25.28 29.65 -13.03
C GLY J 69 -23.96 30.08 -13.71
N GLN J 70 -23.01 29.17 -13.82
CA GLN J 70 -21.75 29.48 -14.50
C GLN J 70 -22.00 29.86 -15.95
N GLU J 71 -22.83 29.09 -16.63
CA GLU J 71 -23.17 29.39 -18.01
C GLU J 71 -23.58 30.86 -18.16
N GLN J 72 -24.44 31.35 -17.27
CA GLN J 72 -24.90 32.74 -17.36
C GLN J 72 -23.80 33.75 -17.01
N TRP J 73 -22.98 33.43 -16.02
CA TRP J 73 -21.82 34.23 -15.66
C TRP J 73 -20.90 34.42 -16.88
N PHE J 74 -20.61 33.32 -17.58
CA PHE J 74 -19.75 33.36 -18.77
C PHE J 74 -20.37 34.14 -19.93
N ARG J 75 -21.68 34.04 -20.10
N ARG J 75 -21.68 34.04 -20.07
CA ARG J 75 -22.35 34.80 -21.15
CA ARG J 75 -22.42 34.76 -21.09
C ARG J 75 -22.26 36.31 -20.91
C ARG J 75 -22.27 36.28 -20.91
N VAL J 76 -22.54 36.74 -19.69
CA VAL J 76 -22.42 38.16 -19.34
C VAL J 76 -20.95 38.62 -19.42
N SER J 77 -20.02 37.80 -18.94
CA SER J 77 -18.60 38.15 -18.96
C SER J 77 -18.08 38.28 -20.40
N LEU J 78 -18.45 37.33 -21.24
CA LEU J 78 -18.15 37.41 -22.68
C LEU J 78 -18.62 38.74 -23.28
N ARG J 79 -19.84 39.16 -22.98
CA ARG J 79 -20.38 40.42 -23.50
C ARG J 79 -19.59 41.62 -22.97
N ASN J 80 -19.25 41.59 -21.68
CA ASN J 80 -18.44 42.66 -21.11
C ASN J 80 -17.06 42.79 -21.78
N LEU J 81 -16.42 41.65 -22.06
CA LEU J 81 -15.06 41.60 -22.64
C LEU J 81 -15.03 42.18 -24.05
N LEU J 82 -16.09 41.92 -24.81
CA LEU J 82 -16.26 42.47 -26.15
C LEU J 82 -16.11 43.99 -26.11
N GLY J 83 -16.73 44.61 -25.11
CA GLY J 83 -16.63 46.03 -24.87
C GLY J 83 -15.25 46.48 -24.42
N TYR J 84 -14.65 45.74 -23.49
CA TYR J 84 -13.37 46.13 -22.94
C TYR J 84 -12.29 46.17 -24.02
N TYR J 85 -12.36 45.23 -24.97
CA TYR J 85 -11.38 45.12 -26.05
C TYR J 85 -11.82 45.78 -27.37
N ASN J 86 -12.91 46.54 -27.34
CA ASN J 86 -13.43 47.24 -28.54
C ASN J 86 -13.53 46.28 -29.72
N GLN J 87 -14.12 45.12 -29.46
CA GLN J 87 -14.32 44.11 -30.47
C GLN J 87 -15.72 44.26 -31.06
N SER J 88 -15.83 44.20 -32.37
CA SER J 88 -17.14 44.32 -32.98
C SER J 88 -17.87 42.98 -32.99
N ALA J 89 -19.11 42.99 -33.47
CA ALA J 89 -19.89 41.77 -33.66
C ALA J 89 -19.33 41.02 -34.85
N GLY J 90 -19.66 39.74 -34.97
CA GLY J 90 -19.22 38.93 -36.10
C GLY J 90 -17.97 38.10 -35.89
N GLY J 91 -17.43 38.07 -34.68
CA GLY J 91 -16.24 37.27 -34.39
C GLY J 91 -16.56 36.05 -33.53
N SER J 92 -15.54 35.21 -33.34
CA SER J 92 -15.61 34.07 -32.45
C SER J 92 -14.72 34.34 -31.24
N HIS J 93 -15.23 34.05 -30.06
CA HIS J 93 -14.52 34.37 -28.82
C HIS J 93 -14.60 33.22 -27.82
N THR J 94 -13.57 33.13 -26.97
N THR J 94 -13.59 33.18 -26.95
CA THR J 94 -13.48 32.07 -25.99
CA THR J 94 -13.42 32.11 -25.99
C THR J 94 -13.08 32.66 -24.63
C THR J 94 -13.09 32.70 -24.63
N LEU J 95 -13.72 32.17 -23.58
CA LEU J 95 -13.41 32.52 -22.20
C LEU J 95 -13.19 31.22 -21.48
N GLN J 96 -12.07 31.11 -20.78
CA GLN J 96 -11.71 29.89 -20.12
C GLN J 96 -11.34 30.16 -18.65
N GLN J 97 -11.58 29.15 -17.82
CA GLN J 97 -11.31 29.24 -16.39
C GLN J 97 -10.72 27.90 -15.93
N MET J 98 -9.69 27.98 -15.10
CA MET J 98 -9.21 26.85 -14.33
C MET J 98 -9.29 27.20 -12.85
N SER J 99 -9.79 26.28 -12.05
CA SER J 99 -9.85 26.48 -10.61
C SER J 99 -9.74 25.17 -9.84
N GLY J 100 -9.26 25.23 -8.60
CA GLY J 100 -9.14 24.05 -7.79
C GLY J 100 -8.03 24.13 -6.77
N CYS J 101 -7.64 22.96 -6.26
CA CYS J 101 -6.71 22.89 -5.13
C CYS J 101 -5.70 21.76 -5.27
N ASP J 102 -4.49 22.01 -4.75
CA ASP J 102 -3.45 20.99 -4.65
C ASP J 102 -3.33 20.61 -3.18
N LEU J 103 -3.25 19.32 -2.90
CA LEU J 103 -3.02 18.82 -1.53
C LEU J 103 -1.65 18.15 -1.47
N GLY J 104 -0.97 18.29 -0.33
CA GLY J 104 0.26 17.55 -0.07
C GLY J 104 -0.08 16.12 0.26
N SER J 105 0.94 15.30 0.50
CA SER J 105 0.73 13.90 0.90
C SER J 105 0.05 13.77 2.27
N ASP J 106 0.04 14.87 3.05
CA ASP J 106 -0.72 14.93 4.30
C ASP J 106 -2.19 15.35 4.13
N TRP J 107 -2.62 15.54 2.87
CA TRP J 107 -4.00 15.93 2.54
C TRP J 107 -4.37 17.36 2.97
N ARG J 108 -3.37 18.19 3.29
CA ARG J 108 -3.60 19.60 3.61
C ARG J 108 -3.40 20.46 2.37
N LEU J 109 -4.12 21.57 2.29
CA LEU J 109 -3.99 22.51 1.16
C LEU J 109 -2.56 22.99 1.00
N LEU J 110 -2.00 22.71 -0.18
CA LEU J 110 -0.69 23.22 -0.57
C LEU J 110 -0.89 24.54 -1.32
N ARG J 111 -1.88 24.55 -2.22
CA ARG J 111 -2.11 25.71 -3.06
C ARG J 111 -3.53 25.70 -3.66
N GLY J 112 -4.13 26.89 -3.72
CA GLY J 112 -5.38 27.11 -4.45
C GLY J 112 -5.08 27.78 -5.77
N TYR J 113 -5.97 27.58 -6.75
CA TYR J 113 -5.81 28.06 -8.11
C TYR J 113 -7.10 28.63 -8.63
N LEU J 114 -6.97 29.75 -9.34
CA LEU J 114 -8.09 30.42 -9.97
C LEU J 114 -7.51 31.33 -11.04
N GLN J 115 -7.71 30.96 -12.29
CA GLN J 115 -7.22 31.74 -13.45
C GLN J 115 -8.22 31.75 -14.61
N PHE J 116 -8.20 32.83 -15.38
CA PHE J 116 -9.07 33.03 -16.54
C PHE J 116 -8.23 33.42 -17.72
N ALA J 117 -8.67 32.99 -18.89
CA ALA J 117 -8.05 33.34 -20.16
C ALA J 117 -9.15 33.81 -21.09
N TYR J 118 -8.82 34.82 -21.88
CA TYR J 118 -9.67 35.32 -22.94
C TYR J 118 -8.91 35.16 -24.25
N GLU J 119 -9.60 34.61 -25.25
CA GLU J 119 -8.97 34.26 -26.56
C GLU J 119 -7.72 33.37 -26.39
N GLY J 120 -7.71 32.52 -25.38
CA GLY J 120 -6.60 31.61 -25.13
C GLY J 120 -5.38 32.23 -24.44
N ARG J 121 -5.51 33.46 -23.97
CA ARG J 121 -4.41 34.17 -23.32
C ARG J 121 -4.76 34.60 -21.90
N ASP J 122 -3.77 34.61 -21.01
CA ASP J 122 -3.98 34.99 -19.59
C ASP J 122 -4.75 36.32 -19.50
N TYR J 123 -5.85 36.32 -18.76
CA TYR J 123 -6.64 37.53 -18.57
C TYR J 123 -6.47 38.04 -17.13
N ILE J 124 -6.88 37.23 -16.15
CA ILE J 124 -6.72 37.60 -14.72
C ILE J 124 -6.61 36.31 -13.91
N ALA J 125 -5.85 36.38 -12.83
CA ALA J 125 -5.58 35.22 -11.99
C ALA J 125 -5.50 35.68 -10.54
N LEU J 126 -5.97 34.83 -9.64
CA LEU J 126 -5.84 35.05 -8.21
C LEU J 126 -4.43 34.59 -7.81
N ASN J 127 -3.68 35.43 -7.09
CA ASN J 127 -2.33 35.06 -6.68
C ASN J 127 -2.38 33.98 -5.60
N GLU J 128 -1.22 33.38 -5.35
CA GLU J 128 -1.10 32.24 -4.45
C GLU J 128 -1.51 32.59 -3.02
N ASP J 129 -1.37 33.86 -2.66
CA ASP J 129 -1.84 34.38 -1.38
C ASP J 129 -3.37 34.30 -1.22
N LEU J 130 -4.08 34.13 -2.34
CA LEU J 130 -5.54 34.06 -2.39
C LEU J 130 -6.21 35.37 -1.94
N LYS J 131 -5.47 36.47 -2.05
CA LYS J 131 -5.95 37.79 -1.62
C LYS J 131 -5.87 38.86 -2.72
N THR J 132 -4.85 38.76 -3.58
CA THR J 132 -4.64 39.76 -4.63
C THR J 132 -4.71 39.14 -6.03
N TRP J 133 -4.94 39.99 -7.03
CA TRP J 133 -5.10 39.59 -8.43
C TRP J 133 -3.94 40.05 -9.32
N THR J 134 -3.56 39.19 -10.27
CA THR J 134 -2.65 39.58 -11.35
C THR J 134 -3.47 39.71 -12.61
N ALA J 135 -3.29 40.82 -13.31
CA ALA J 135 -3.91 41.08 -14.62
C ALA J 135 -2.89 41.84 -15.47
N ALA J 136 -2.45 41.26 -16.59
CA ALA J 136 -1.42 41.93 -17.41
C ALA J 136 -2.04 43.03 -18.30
N ASP J 137 -3.14 42.73 -18.96
CA ASP J 137 -3.70 43.58 -20.01
C ASP J 137 -4.31 44.87 -19.45
N MET J 138 -4.21 45.94 -20.24
CA MET J 138 -4.83 47.21 -19.86
C MET J 138 -6.34 47.02 -19.72
N ALA J 139 -6.93 46.28 -20.66
CA ALA J 139 -8.35 45.94 -20.64
C ALA J 139 -8.78 45.14 -19.40
N ALA J 140 -7.85 44.40 -18.80
CA ALA J 140 -8.15 43.54 -17.67
C ALA J 140 -8.12 44.27 -16.32
N GLN J 141 -7.55 45.48 -16.30
CA GLN J 141 -7.52 46.34 -15.11
C GLN J 141 -8.92 46.72 -14.64
N ILE J 142 -9.85 46.86 -15.59
CA ILE J 142 -11.24 47.13 -15.28
C ILE J 142 -11.84 45.99 -14.40
N THR J 143 -11.61 44.75 -14.79
CA THR J 143 -12.07 43.61 -14.02
C THR J 143 -11.34 43.55 -12.68
N ARG J 144 -10.03 43.77 -12.71
N ARG J 144 -10.02 43.78 -12.71
CA ARG J 144 -9.21 43.76 -11.49
CA ARG J 144 -9.22 43.76 -11.49
C ARG J 144 -9.78 44.73 -10.45
C ARG J 144 -9.79 44.72 -10.45
N ARG J 145 -10.07 45.96 -10.86
CA ARG J 145 -10.64 46.96 -9.94
C ARG J 145 -12.04 46.61 -9.47
N LYS J 146 -12.85 46.10 -10.39
CA LYS J 146 -14.22 45.68 -10.07
C LYS J 146 -14.19 44.62 -8.98
N TRP J 147 -13.32 43.62 -9.14
CA TRP J 147 -13.26 42.49 -8.21
C TRP J 147 -12.60 42.84 -6.87
N GLU J 148 -11.65 43.79 -6.89
CA GLU J 148 -11.08 44.36 -5.66
C GLU J 148 -12.17 45.09 -4.88
N GLN J 149 -12.96 45.91 -5.54
CA GLN J 149 -14.05 46.66 -4.86
C GLN J 149 -15.19 45.77 -4.34
N SER J 150 -15.46 44.64 -5.01
CA SER J 150 -16.51 43.74 -4.56
C SER J 150 -16.01 42.71 -3.54
N GLY J 151 -14.71 42.65 -3.29
CA GLY J 151 -14.13 41.64 -2.40
C GLY J 151 -14.28 40.20 -2.89
N ALA J 152 -14.23 40.00 -4.20
CA ALA J 152 -14.35 38.67 -4.83
C ALA J 152 -13.37 37.65 -4.27
N ALA J 153 -12.13 38.06 -4.04
CA ALA J 153 -11.05 37.14 -3.64
C ALA J 153 -11.35 36.39 -2.34
N GLU J 154 -11.94 37.08 -1.37
CA GLU J 154 -12.28 36.47 -0.07
C GLU J 154 -13.25 35.31 -0.26
N HIS J 155 -14.19 35.46 -1.18
CA HIS J 155 -15.16 34.41 -1.45
C HIS J 155 -14.54 33.22 -2.20
N TYR J 156 -13.66 33.50 -3.18
CA TYR J 156 -12.96 32.42 -3.88
C TYR J 156 -12.03 31.69 -2.91
N LYS J 157 -11.37 32.45 -2.05
CA LYS J 157 -10.48 31.88 -1.03
C LYS J 157 -11.26 30.91 -0.12
N ALA J 158 -12.46 31.31 0.30
CA ALA J 158 -13.31 30.45 1.14
C ALA J 158 -13.67 29.14 0.42
N TYR J 159 -14.02 29.21 -0.87
CA TYR J 159 -14.23 28.00 -1.66
C TYR J 159 -12.98 27.13 -1.75
N LEU J 160 -11.84 27.74 -2.10
CA LEU J 160 -10.60 27.00 -2.33
C LEU J 160 -10.06 26.29 -1.07
N GLU J 161 -10.12 26.96 0.07
CA GLU J 161 -9.68 26.41 1.35
C GLU J 161 -10.73 25.53 2.02
N GLY J 162 -12.00 25.75 1.70
CA GLY J 162 -13.11 25.03 2.32
C GLY J 162 -13.62 23.92 1.44
N GLU J 163 -14.68 24.21 0.68
CA GLU J 163 -15.36 23.25 -0.20
C GLU J 163 -14.42 22.39 -1.08
N CYS J 164 -13.47 23.03 -1.76
CA CYS J 164 -12.56 22.30 -2.65
C CYS J 164 -11.84 21.20 -1.90
N VAL J 165 -11.26 21.56 -0.76
CA VAL J 165 -10.46 20.60 0.03
C VAL J 165 -11.38 19.53 0.62
N GLU J 166 -12.47 19.95 1.22
CA GLU J 166 -13.39 19.05 1.92
C GLU J 166 -13.95 18.00 0.97
N TRP J 167 -14.37 18.42 -0.23
CA TRP J 167 -14.90 17.48 -1.22
C TRP J 167 -13.84 16.65 -1.91
N LEU J 168 -12.65 17.20 -2.13
CA LEU J 168 -11.54 16.39 -2.65
C LEU J 168 -11.24 15.21 -1.73
N HIS J 169 -11.19 15.45 -0.41
CA HIS J 169 -11.05 14.37 0.59
C HIS J 169 -12.10 13.28 0.39
N ARG J 170 -13.36 13.69 0.27
CA ARG J 170 -14.45 12.76 0.00
C ARG J 170 -14.23 11.94 -1.28
N TYR J 171 -13.83 12.61 -2.38
CA TYR J 171 -13.60 11.90 -3.64
C TYR J 171 -12.42 10.92 -3.53
N LEU J 172 -11.38 11.30 -2.79
CA LEU J 172 -10.24 10.42 -2.57
C LEU J 172 -10.65 9.17 -1.78
N LYS J 173 -11.48 9.34 -0.76
CA LYS J 173 -11.99 8.19 0.00
C LYS J 173 -12.87 7.30 -0.89
N ASN J 174 -13.78 7.91 -1.65
CA ASN J 174 -14.68 7.18 -2.53
C ASN J 174 -13.97 6.50 -3.70
N GLY J 175 -12.84 7.05 -4.10
CA GLY J 175 -12.07 6.52 -5.24
C GLY J 175 -11.33 5.23 -4.92
N ASN J 176 -10.71 5.18 -3.73
CA ASN J 176 -9.87 4.06 -3.28
C ASN J 176 -9.68 2.96 -4.32
N ARG J 181 -2.99 4.97 -7.44
CA ARG J 181 -2.24 3.95 -8.16
C ARG J 181 -1.48 4.53 -9.36
N THR J 182 -0.36 3.89 -9.70
CA THR J 182 0.39 4.23 -10.89
C THR J 182 0.57 2.98 -11.73
N ASP J 183 0.88 3.17 -13.01
CA ASP J 183 1.27 2.10 -13.90
C ASP J 183 2.67 2.43 -14.39
N SER J 184 3.62 1.55 -14.12
CA SER J 184 5.01 1.78 -14.49
C SER J 184 5.23 1.54 -15.98
N PRO J 185 6.14 2.31 -16.60
CA PRO J 185 6.44 2.06 -18.01
C PRO J 185 7.13 0.73 -18.25
N LYS J 186 6.69 0.04 -19.29
CA LYS J 186 7.44 -1.07 -19.85
C LYS J 186 8.22 -0.50 -21.02
N ALA J 187 9.53 -0.74 -21.03
CA ALA J 187 10.42 -0.10 -21.97
C ALA J 187 11.15 -1.11 -22.84
N HIS J 188 11.43 -0.72 -24.07
CA HIS J 188 12.23 -1.54 -24.98
C HIS J 188 12.84 -0.65 -26.04
N VAL J 189 13.97 -1.09 -26.59
CA VAL J 189 14.68 -0.36 -27.62
C VAL J 189 14.53 -1.08 -28.96
N THR J 190 14.10 -0.34 -29.99
CA THR J 190 14.03 -0.86 -31.35
C THR J 190 15.18 -0.31 -32.20
N HIS J 191 15.50 -1.05 -33.27
CA HIS J 191 16.67 -0.79 -34.10
C HIS J 191 16.21 -0.57 -35.53
N HIS J 192 16.61 0.53 -36.13
CA HIS J 192 16.18 0.90 -37.47
C HIS J 192 17.33 1.49 -38.28
N PRO J 193 17.37 1.17 -39.56
CA PRO J 193 18.37 1.75 -40.46
C PRO J 193 18.12 3.22 -40.69
N ARG J 194 19.18 3.96 -40.96
CA ARG J 194 18.99 5.34 -41.25
C ARG J 194 19.71 6.01 -42.40
N SER J 195 21.03 5.86 -42.48
CA SER J 195 21.81 6.34 -43.61
C SER J 195 23.10 5.54 -43.65
N LYS J 196 24.04 5.86 -44.54
CA LYS J 196 25.22 5.02 -44.72
C LYS J 196 25.99 4.89 -43.39
N GLY J 197 26.11 3.65 -42.91
CA GLY J 197 26.86 3.33 -41.68
C GLY J 197 26.31 3.95 -40.41
N GLU J 198 24.99 4.13 -40.36
CA GLU J 198 24.32 4.75 -39.21
C GLU J 198 22.91 4.15 -39.03
N VAL J 199 22.53 3.92 -37.77
CA VAL J 199 21.22 3.37 -37.45
C VAL J 199 20.54 4.23 -36.39
N THR J 200 19.20 4.17 -36.35
CA THR J 200 18.43 4.86 -35.33
C THR J 200 18.07 3.87 -34.23
N LEU J 201 18.35 4.25 -32.99
CA LEU J 201 17.89 3.51 -31.83
C LEU J 201 16.71 4.25 -31.21
N ARG J 202 15.54 3.62 -31.23
CA ARG J 202 14.33 4.21 -30.68
C ARG J 202 14.03 3.55 -29.35
N CYS J 203 13.99 4.35 -28.29
CA CYS J 203 13.61 3.85 -26.97
C CYS J 203 12.14 4.11 -26.69
N TRP J 204 11.39 3.05 -26.44
CA TRP J 204 9.96 3.12 -26.23
C TRP J 204 9.60 2.97 -24.76
N ALA J 205 8.66 3.80 -24.30
CA ALA J 205 8.00 3.62 -23.01
C ALA J 205 6.49 3.46 -23.25
N LEU J 206 5.92 2.37 -22.74
CA LEU J 206 4.51 2.05 -22.97
C LEU J 206 3.79 1.68 -21.68
N GLY J 207 2.47 1.88 -21.67
CA GLY J 207 1.62 1.39 -20.60
C GLY J 207 1.75 2.10 -19.27
N PHE J 208 2.24 3.35 -19.30
CA PHE J 208 2.45 4.09 -18.06
C PHE J 208 1.36 5.08 -17.75
N TYR J 209 1.21 5.32 -16.46
CA TYR J 209 0.32 6.33 -15.94
C TYR J 209 0.88 6.81 -14.60
N PRO J 210 0.86 8.13 -14.32
CA PRO J 210 0.37 9.24 -15.16
C PRO J 210 1.32 9.59 -16.30
N ALA J 211 0.97 10.62 -17.08
CA ALA J 211 1.68 10.90 -18.33
C ALA J 211 3.10 11.43 -18.16
N ASP J 212 3.40 12.06 -17.02
CA ASP J 212 4.72 12.66 -16.80
C ASP J 212 5.82 11.61 -16.84
N ILE J 213 6.76 11.76 -17.78
CA ILE J 213 7.82 10.78 -17.94
C ILE J 213 9.02 11.44 -18.61
N THR J 214 10.22 10.96 -18.31
CA THR J 214 11.41 11.45 -18.97
C THR J 214 12.20 10.29 -19.55
N LEU J 215 12.60 10.42 -20.81
CA LEU J 215 13.48 9.47 -21.48
C LEU J 215 14.78 10.19 -21.87
N THR J 216 15.92 9.56 -21.60
CA THR J 216 17.23 10.12 -21.94
C THR J 216 18.11 9.07 -22.59
N TRP J 217 18.97 9.52 -23.51
CA TRP J 217 20.00 8.66 -24.10
C TRP J 217 21.38 9.11 -23.58
N GLN J 218 22.28 8.15 -23.35
CA GLN J 218 23.61 8.45 -22.82
C GLN J 218 24.72 7.84 -23.68
N GLY J 221 28.40 8.20 -20.27
CA GLY J 221 27.63 8.91 -19.25
C GLY J 221 27.24 10.34 -19.60
N GLU J 222 27.26 10.67 -20.89
CA GLU J 222 26.91 12.03 -21.35
C GLU J 222 25.46 12.09 -21.82
N GLU J 223 24.70 13.06 -21.30
CA GLU J 223 23.29 13.24 -21.65
C GLU J 223 23.13 13.99 -22.98
N LEU J 224 22.79 13.27 -24.04
CA LEU J 224 22.72 13.85 -25.38
C LEU J 224 21.61 14.89 -25.50
N MET J 228 18.98 14.48 -30.10
CA MET J 228 17.96 13.49 -29.76
C MET J 228 16.59 13.92 -30.28
N GLU J 229 15.96 13.02 -31.03
CA GLU J 229 14.59 13.18 -31.48
C GLU J 229 13.66 12.58 -30.43
N LEU J 230 12.49 13.19 -30.24
CA LEU J 230 11.50 12.67 -29.31
C LEU J 230 10.09 13.09 -29.75
N VAL J 231 9.07 12.43 -29.21
CA VAL J 231 7.67 12.79 -29.47
C VAL J 231 7.03 13.27 -28.18
N GLU J 232 5.99 14.07 -28.31
CA GLU J 232 5.22 14.48 -27.14
C GLU J 232 4.50 13.23 -26.62
N THR J 233 4.44 13.10 -25.30
CA THR J 233 3.73 12.02 -24.66
C THR J 233 2.29 11.96 -25.20
N ARG J 234 1.79 10.76 -25.46
CA ARG J 234 0.53 10.56 -26.17
C ARG J 234 -0.33 9.48 -25.49
N PRO J 235 -1.67 9.64 -25.53
CA PRO J 235 -2.55 8.65 -24.91
C PRO J 235 -2.71 7.41 -25.79
N ALA J 236 -2.56 6.23 -25.21
CA ALA J 236 -2.83 4.99 -25.94
C ALA J 236 -4.32 4.84 -26.23
N GLY J 237 -5.15 5.48 -25.41
CA GLY J 237 -6.61 5.41 -25.54
C GLY J 237 -7.27 4.53 -24.48
N ASP J 238 -6.46 3.79 -23.74
CA ASP J 238 -6.93 2.83 -22.74
C ASP J 238 -6.67 3.32 -21.30
N GLY J 239 -6.39 4.62 -21.14
CA GLY J 239 -6.00 5.18 -19.84
C GLY J 239 -4.50 5.43 -19.65
N THR J 240 -3.67 4.72 -20.40
CA THR J 240 -2.22 4.83 -20.30
C THR J 240 -1.61 5.62 -21.46
N PHE J 241 -0.30 5.84 -21.37
CA PHE J 241 0.40 6.77 -22.25
C PHE J 241 1.63 6.13 -22.87
N GLN J 242 2.13 6.77 -23.93
CA GLN J 242 3.25 6.27 -24.71
C GLN J 242 4.20 7.42 -24.96
N LYS J 243 5.48 7.10 -25.13
CA LYS J 243 6.48 8.07 -25.53
C LYS J 243 7.64 7.32 -26.14
N TRP J 244 8.38 7.99 -27.01
CA TRP J 244 9.66 7.47 -27.43
C TRP J 244 10.68 8.56 -27.61
N ALA J 245 11.95 8.18 -27.46
CA ALA J 245 13.09 9.05 -27.71
C ALA J 245 14.11 8.27 -28.50
N SER J 246 14.67 8.91 -29.53
CA SER J 246 15.62 8.23 -30.41
C SER J 246 16.91 9.02 -30.62
N VAL J 247 17.95 8.31 -31.00
CA VAL J 247 19.24 8.90 -31.30
C VAL J 247 19.84 8.17 -32.49
N VAL J 248 20.59 8.89 -33.33
CA VAL J 248 21.31 8.29 -34.45
C VAL J 248 22.69 7.89 -33.98
N VAL J 249 23.10 6.69 -34.38
CA VAL J 249 24.30 6.04 -33.85
C VAL J 249 25.08 5.33 -34.96
N PRO J 250 26.42 5.40 -34.93
CA PRO J 250 27.22 4.62 -35.89
C PRO J 250 26.89 3.13 -35.85
N LEU J 251 26.88 2.50 -37.03
CA LEU J 251 26.60 1.07 -37.12
C LEU J 251 27.73 0.29 -36.42
N GLY J 252 27.37 -0.73 -35.65
CA GLY J 252 28.34 -1.54 -34.90
C GLY J 252 28.60 -1.08 -33.47
N LYS J 253 28.40 0.21 -33.20
CA LYS J 253 28.71 0.80 -31.89
C LYS J 253 27.46 1.03 -31.04
N GLU J 254 26.42 0.20 -31.24
CA GLU J 254 25.12 0.43 -30.59
C GLU J 254 25.08 0.07 -29.11
N GLN J 255 25.99 -0.78 -28.64
CA GLN J 255 26.05 -1.16 -27.23
C GLN J 255 26.66 -0.07 -26.35
N ASN J 256 27.30 0.93 -26.97
CA ASN J 256 27.81 2.09 -26.23
C ASN J 256 26.71 3.04 -25.75
N TYR J 257 25.47 2.81 -26.18
CA TYR J 257 24.35 3.72 -25.87
C TYR J 257 23.32 3.09 -24.91
N THR J 258 22.92 3.86 -23.90
CA THR J 258 21.88 3.41 -22.97
C THR J 258 20.73 4.41 -22.86
N CYS J 259 19.51 3.88 -22.85
CA CYS J 259 18.30 4.67 -22.60
C CYS J 259 17.95 4.58 -21.11
N ARG J 260 17.66 5.73 -20.49
CA ARG J 260 17.15 5.76 -19.10
C ARG J 260 15.71 6.26 -19.12
N VAL J 261 14.85 5.67 -18.30
CA VAL J 261 13.44 6.04 -18.21
C VAL J 261 13.07 6.43 -16.77
N TYR J 262 12.63 7.67 -16.60
CA TYR J 262 12.29 8.21 -15.29
C TYR J 262 10.80 8.39 -15.18
N HIS J 263 10.19 7.71 -14.21
CA HIS J 263 8.77 7.78 -13.99
C HIS J 263 8.46 7.53 -12.51
N GLU J 264 7.45 8.23 -12.01
CA GLU J 264 7.13 8.20 -10.58
C GLU J 264 6.69 6.83 -10.04
N GLY J 265 6.25 5.93 -10.92
CA GLY J 265 5.81 4.60 -10.52
C GLY J 265 6.92 3.57 -10.44
N LEU J 266 8.11 3.93 -10.90
CA LEU J 266 9.27 3.05 -10.81
C LEU J 266 9.90 3.12 -9.41
N PRO J 267 10.47 1.99 -8.93
CA PRO J 267 11.29 2.05 -7.70
C PRO J 267 12.59 2.79 -7.95
N GLU J 268 13.19 2.56 -9.11
CA GLU J 268 14.36 3.31 -9.56
C GLU J 268 14.27 3.48 -11.09
N PRO J 269 15.02 4.45 -11.65
CA PRO J 269 15.00 4.62 -13.10
C PRO J 269 15.40 3.35 -13.85
N LEU J 270 14.68 3.03 -14.92
CA LEU J 270 15.04 1.91 -15.79
C LEU J 270 16.22 2.30 -16.67
N THR J 271 17.14 1.37 -16.87
CA THR J 271 18.23 1.54 -17.82
C THR J 271 18.10 0.45 -18.89
N LEU J 272 18.24 0.84 -20.16
CA LEU J 272 18.06 -0.07 -21.29
C LEU J 272 19.12 0.15 -22.36
N ARG J 273 19.42 -0.91 -23.10
CA ARG J 273 20.18 -0.81 -24.34
C ARG J 273 19.56 -1.69 -25.43
N TRP J 274 19.96 -1.47 -26.67
CA TRP J 274 19.57 -2.35 -27.78
C TRP J 274 20.13 -3.74 -27.50
N GLU J 275 19.25 -4.75 -27.51
CA GLU J 275 19.65 -6.12 -27.25
C GLU J 275 19.24 -7.06 -28.39
N PRO J 276 20.20 -7.42 -29.27
CA PRO J 276 19.94 -8.40 -30.33
C PRO J 276 19.56 -9.79 -29.81
N ILE K 1 -5.19 34.57 -30.04
CA ILE K 1 -4.77 34.38 -31.46
C ILE K 1 -4.61 32.88 -31.75
N GLN K 2 -4.47 32.56 -33.03
CA GLN K 2 -4.58 31.19 -33.49
C GLN K 2 -3.31 30.39 -33.19
N LYS K 3 -3.52 29.15 -32.75
CA LYS K 3 -2.44 28.22 -32.45
C LYS K 3 -2.61 27.00 -33.38
N THR K 4 -1.55 26.63 -34.10
N THR K 4 -1.54 26.62 -34.07
CA THR K 4 -1.64 25.55 -35.09
CA THR K 4 -1.57 25.53 -35.05
C THR K 4 -1.57 24.17 -34.46
C THR K 4 -1.60 24.16 -34.38
N PRO K 5 -2.52 23.28 -34.80
CA PRO K 5 -2.53 21.93 -34.21
C PRO K 5 -1.28 21.12 -34.50
N GLN K 6 -0.83 20.40 -33.49
CA GLN K 6 0.21 19.39 -33.61
C GLN K 6 -0.47 18.04 -33.66
N ILE K 7 -0.04 17.18 -34.58
CA ILE K 7 -0.75 15.94 -34.87
C ILE K 7 0.19 14.74 -34.79
N GLN K 8 -0.24 13.70 -34.10
CA GLN K 8 0.42 12.39 -34.16
C GLN K 8 -0.57 11.32 -34.55
N VAL K 9 -0.11 10.40 -35.38
CA VAL K 9 -0.90 9.25 -35.84
C VAL K 9 -0.12 8.01 -35.43
N TYR K 10 -0.79 7.09 -34.73
CA TYR K 10 -0.10 5.95 -34.13
C TYR K 10 -1.12 4.92 -33.62
N SER K 11 -0.67 3.69 -33.43
CA SER K 11 -1.59 2.66 -32.96
C SER K 11 -1.50 2.48 -31.44
N ARG K 12 -2.60 2.04 -30.85
CA ARG K 12 -2.61 1.72 -29.42
C ARG K 12 -1.62 0.61 -29.08
N HIS K 13 -1.69 -0.49 -29.80
CA HIS K 13 -0.82 -1.64 -29.53
C HIS K 13 0.27 -1.72 -30.60
N PRO K 14 1.41 -2.35 -30.27
CA PRO K 14 2.43 -2.59 -31.29
C PRO K 14 1.81 -3.32 -32.50
N PRO K 15 2.03 -2.80 -33.72
CA PRO K 15 1.20 -3.27 -34.85
C PRO K 15 1.63 -4.63 -35.43
N GLU K 16 0.66 -5.46 -35.79
CA GLU K 16 0.89 -6.75 -36.46
C GLU K 16 -0.03 -6.85 -37.65
N ASN K 17 0.55 -6.99 -38.85
CA ASN K 17 -0.23 -7.16 -40.07
C ASN K 17 -1.28 -8.27 -39.89
N GLY K 18 -2.52 -7.97 -40.21
CA GLY K 18 -3.63 -8.93 -40.07
C GLY K 18 -4.25 -9.05 -38.69
N LYS K 19 -3.66 -8.39 -37.68
CA LYS K 19 -4.21 -8.46 -36.32
C LYS K 19 -4.90 -7.15 -35.94
N PRO K 20 -6.18 -7.22 -35.53
CA PRO K 20 -6.93 -6.02 -35.15
C PRO K 20 -6.25 -5.16 -34.09
N ASN K 21 -6.55 -3.86 -34.15
CA ASN K 21 -5.81 -2.85 -33.42
C ASN K 21 -6.63 -1.56 -33.44
N ILE K 22 -6.10 -0.53 -32.79
CA ILE K 22 -6.75 0.75 -32.75
C ILE K 22 -5.77 1.78 -33.29
N LEU K 23 -6.23 2.62 -34.22
CA LEU K 23 -5.42 3.73 -34.74
C LEU K 23 -5.85 5.05 -34.13
N ASN K 24 -4.88 5.80 -33.63
CA ASN K 24 -5.13 7.08 -32.97
C ASN K 24 -4.66 8.27 -33.83
N CYS K 25 -5.44 9.35 -33.79
CA CYS K 25 -5.00 10.64 -34.27
C CYS K 25 -5.16 11.63 -33.11
N TYR K 26 -4.03 12.03 -32.52
CA TYR K 26 -3.96 12.89 -31.36
C TYR K 26 -3.64 14.28 -31.86
N VAL K 27 -4.58 15.22 -31.64
CA VAL K 27 -4.43 16.60 -32.10
C VAL K 27 -4.41 17.54 -30.89
N THR K 28 -3.34 18.29 -30.75
CA THR K 28 -3.08 19.07 -29.56
C THR K 28 -2.61 20.50 -29.89
N GLN K 29 -2.57 21.31 -28.84
CA GLN K 29 -1.93 22.62 -28.88
C GLN K 29 -2.60 23.57 -29.87
N PHE K 30 -3.93 23.53 -29.98
CA PHE K 30 -4.61 24.39 -30.94
C PHE K 30 -5.60 25.39 -30.33
N HIS K 31 -5.88 26.44 -31.10
CA HIS K 31 -6.85 27.49 -30.75
C HIS K 31 -7.24 28.22 -32.02
N PRO K 32 -8.53 28.51 -32.22
CA PRO K 32 -9.72 28.24 -31.41
C PRO K 32 -10.11 26.75 -31.42
N PRO K 33 -11.06 26.36 -30.55
CA PRO K 33 -11.37 24.95 -30.31
C PRO K 33 -12.06 24.23 -31.48
N HIS K 34 -12.73 24.99 -32.36
CA HIS K 34 -13.34 24.43 -33.56
C HIS K 34 -12.30 23.79 -34.47
N ILE K 35 -12.56 22.54 -34.83
CA ILE K 35 -11.63 21.77 -35.64
C ILE K 35 -12.41 20.67 -36.34
N GLU K 36 -11.89 20.24 -37.48
CA GLU K 36 -12.44 19.10 -38.20
C GLU K 36 -11.34 18.07 -38.39
N ILE K 37 -11.59 16.83 -37.99
CA ILE K 37 -10.59 15.76 -38.08
C ILE K 37 -11.17 14.55 -38.81
N GLN K 38 -10.47 14.09 -39.85
CA GLN K 38 -10.84 12.88 -40.56
C GLN K 38 -9.73 11.87 -40.52
N MET K 39 -10.10 10.60 -40.42
N MET K 39 -10.09 10.60 -40.37
CA MET K 39 -9.14 9.53 -40.52
CA MET K 39 -9.14 9.51 -40.51
C MET K 39 -9.43 8.79 -41.82
C MET K 39 -9.43 8.85 -41.84
N LEU K 40 -8.36 8.41 -42.53
CA LEU K 40 -8.45 7.92 -43.90
C LEU K 40 -7.74 6.58 -44.04
N LYS K 41 -8.31 5.70 -44.86
CA LYS K 41 -7.70 4.44 -45.24
C LYS K 41 -7.60 4.43 -46.78
N ASN K 42 -6.37 4.43 -47.29
CA ASN K 42 -6.13 4.57 -48.74
C ASN K 42 -6.88 5.70 -49.38
N GLY K 43 -6.82 6.87 -48.75
CA GLY K 43 -7.47 8.08 -49.22
C GLY K 43 -8.98 8.16 -49.04
N LYS K 44 -9.57 7.16 -48.39
CA LYS K 44 -11.01 7.11 -48.20
C LYS K 44 -11.33 7.32 -46.71
N LYS K 45 -12.23 8.26 -46.44
CA LYS K 45 -12.71 8.53 -45.09
C LYS K 45 -13.21 7.25 -44.42
N ILE K 46 -12.69 6.96 -43.23
CA ILE K 46 -13.11 5.81 -42.44
C ILE K 46 -14.40 6.16 -41.69
N PRO K 47 -15.48 5.37 -41.90
CA PRO K 47 -16.81 5.77 -41.44
C PRO K 47 -17.02 5.80 -39.92
N LYS K 48 -16.49 4.82 -39.19
CA LYS K 48 -16.71 4.77 -37.74
C LYS K 48 -15.47 5.26 -36.98
N VAL K 49 -15.45 6.56 -36.69
CA VAL K 49 -14.34 7.20 -36.00
C VAL K 49 -14.84 7.78 -34.68
N GLU K 50 -14.32 7.27 -33.57
CA GLU K 50 -14.68 7.81 -32.26
C GLU K 50 -13.88 9.08 -32.03
N MET K 51 -14.57 10.10 -31.53
CA MET K 51 -13.97 11.39 -31.23
C MET K 51 -14.16 11.66 -29.73
N SER K 52 -13.06 11.87 -29.00
CA SER K 52 -13.16 12.23 -27.59
C SER K 52 -13.83 13.60 -27.47
N ASP K 53 -14.25 13.95 -26.26
CA ASP K 53 -14.84 15.29 -26.01
C ASP K 53 -13.76 16.41 -25.91
N MET K 54 -14.21 17.66 -26.10
CA MET K 54 -13.40 18.91 -25.95
C MET K 54 -12.66 18.93 -24.61
N SER K 55 -11.33 18.98 -24.64
CA SER K 55 -10.53 19.26 -23.45
C SER K 55 -9.51 20.35 -23.73
N PHE K 56 -9.00 20.97 -22.66
CA PHE K 56 -7.87 21.90 -22.80
C PHE K 56 -6.81 21.68 -21.74
N SER K 57 -5.59 22.09 -22.07
CA SER K 57 -4.42 21.89 -21.22
C SER K 57 -4.16 23.11 -20.37
N LYS K 58 -3.26 22.99 -19.41
CA LYS K 58 -3.01 24.07 -18.47
C LYS K 58 -2.40 25.31 -19.12
N ASP K 59 -1.90 25.17 -20.36
CA ASP K 59 -1.46 26.34 -21.14
C ASP K 59 -2.61 26.97 -21.96
N TRP K 60 -3.83 26.49 -21.73
CA TRP K 60 -5.08 26.99 -22.37
C TRP K 60 -5.40 26.38 -23.75
N SER K 61 -4.47 25.66 -24.35
CA SER K 61 -4.67 25.15 -25.70
C SER K 61 -5.54 23.90 -25.67
N PHE K 62 -6.27 23.66 -26.75
CA PHE K 62 -7.20 22.54 -26.81
C PHE K 62 -6.54 21.30 -27.40
N TYR K 63 -7.14 20.15 -27.08
CA TYR K 63 -6.67 18.86 -27.56
C TYR K 63 -7.81 17.86 -27.68
N ILE K 64 -7.61 16.89 -28.55
CA ILE K 64 -8.65 15.91 -28.83
C ILE K 64 -7.98 14.63 -29.34
N LEU K 65 -8.58 13.48 -29.03
CA LEU K 65 -8.12 12.20 -29.54
C LEU K 65 -9.24 11.59 -30.42
N ALA K 66 -8.90 11.35 -31.69
CA ALA K 66 -9.78 10.59 -32.58
C ALA K 66 -9.19 9.18 -32.69
N HIS K 67 -10.06 8.17 -32.81
CA HIS K 67 -9.61 6.79 -32.96
C HIS K 67 -10.62 5.89 -33.67
N THR K 68 -10.13 4.76 -34.16
CA THR K 68 -10.94 3.85 -34.95
C THR K 68 -10.29 2.47 -34.91
N GLU K 69 -11.10 1.43 -35.06
CA GLU K 69 -10.57 0.07 -35.17
C GLU K 69 -9.93 -0.05 -36.54
N PHE K 70 -8.83 -0.77 -36.60
CA PHE K 70 -8.20 -1.07 -37.88
C PHE K 70 -7.36 -2.32 -37.75
N THR K 71 -7.16 -2.98 -38.89
CA THR K 71 -6.28 -4.12 -38.98
C THR K 71 -5.20 -3.74 -39.98
N PRO K 72 -3.97 -3.47 -39.51
CA PRO K 72 -2.95 -3.04 -40.45
C PRO K 72 -2.53 -4.15 -41.38
N THR K 73 -1.96 -3.75 -42.52
CA THR K 73 -1.41 -4.69 -43.50
C THR K 73 -0.17 -4.04 -44.09
N GLU K 74 0.51 -4.78 -44.96
CA GLU K 74 1.72 -4.28 -45.59
C GLU K 74 1.40 -3.20 -46.62
N THR K 75 0.19 -3.25 -47.18
CA THR K 75 -0.21 -2.46 -48.34
C THR K 75 -0.98 -1.18 -48.02
N ASP K 76 -1.84 -1.26 -47.01
CA ASP K 76 -2.80 -0.18 -46.71
C ASP K 76 -2.12 1.03 -46.06
N THR K 77 -2.49 2.22 -46.54
CA THR K 77 -1.96 3.49 -46.04
C THR K 77 -3.04 4.17 -45.22
N TYR K 78 -2.70 4.54 -43.99
CA TYR K 78 -3.60 5.24 -43.08
C TYR K 78 -3.08 6.64 -42.81
N ALA K 79 -4.01 7.57 -42.67
CA ALA K 79 -3.64 8.96 -42.44
C ALA K 79 -4.72 9.67 -41.62
N CYS K 80 -4.34 10.80 -41.05
CA CYS K 80 -5.28 11.67 -40.37
C CYS K 80 -5.22 13.02 -41.05
N ARG K 81 -6.38 13.57 -41.37
CA ARG K 81 -6.47 14.88 -42.01
C ARG K 81 -7.21 15.91 -41.13
N VAL K 82 -6.54 17.02 -40.85
CA VAL K 82 -7.05 18.04 -39.92
C VAL K 82 -7.28 19.37 -40.59
N LYS K 83 -8.49 19.91 -40.43
CA LYS K 83 -8.84 21.25 -40.91
C LYS K 83 -9.06 22.19 -39.73
N HIS K 84 -8.40 23.34 -39.75
CA HIS K 84 -8.42 24.27 -38.62
C HIS K 84 -8.05 25.66 -39.14
N ASP K 85 -8.67 26.70 -38.59
CA ASP K 85 -8.51 28.08 -39.06
C ASP K 85 -7.08 28.61 -39.13
N SER K 86 -6.19 28.11 -38.28
CA SER K 86 -4.79 28.50 -38.29
C SER K 86 -4.03 28.01 -39.52
N MET K 87 -4.66 27.16 -40.33
CA MET K 87 -4.03 26.60 -41.51
C MET K 87 -4.89 26.86 -42.74
N ALA K 88 -4.25 27.28 -43.82
CA ALA K 88 -4.94 27.61 -45.08
C ALA K 88 -5.66 26.42 -45.71
N GLU K 89 -4.98 25.28 -45.77
CA GLU K 89 -5.57 24.04 -46.27
C GLU K 89 -5.37 22.91 -45.26
N PRO K 90 -6.18 21.85 -45.35
CA PRO K 90 -6.07 20.73 -44.42
C PRO K 90 -4.66 20.14 -44.37
N LYS K 91 -4.20 19.74 -43.18
CA LYS K 91 -2.94 19.04 -43.06
C LYS K 91 -3.19 17.55 -42.87
N THR K 92 -2.44 16.73 -43.62
CA THR K 92 -2.52 15.28 -43.55
C THR K 92 -1.23 14.76 -42.97
N VAL K 93 -1.35 13.87 -41.99
CA VAL K 93 -0.21 13.18 -41.41
C VAL K 93 -0.44 11.70 -41.68
N TYR K 94 0.59 11.03 -42.16
CA TYR K 94 0.50 9.58 -42.48
C TYR K 94 1.01 8.74 -41.34
N TRP K 95 0.30 7.65 -41.06
CA TRP K 95 0.76 6.64 -40.12
C TRP K 95 2.08 6.02 -40.56
N ASP K 96 3.03 5.96 -39.63
CA ASP K 96 4.30 5.29 -39.80
C ASP K 96 4.43 4.31 -38.64
N ARG K 97 4.38 3.01 -38.95
CA ARG K 97 4.33 1.95 -37.92
C ARG K 97 5.51 1.97 -36.93
N ASP K 98 6.60 2.62 -37.27
CA ASP K 98 7.78 2.66 -36.38
C ASP K 98 7.84 3.90 -35.48
N MET K 99 6.77 4.68 -35.45
CA MET K 99 6.72 5.78 -34.50
C MET K 99 5.31 6.10 -34.01
N LYS L 1 -16.64 19.11 -6.16
CA LYS L 1 -17.64 20.22 -6.05
C LYS L 1 -17.08 21.41 -6.81
N ALA L 2 -17.87 21.89 -7.76
CA ALA L 2 -17.48 22.96 -8.65
C ALA L 2 -17.53 24.32 -7.96
N VAL L 3 -16.68 25.21 -8.42
CA VAL L 3 -16.69 26.59 -8.01
C VAL L 3 -17.91 27.30 -8.61
N SER L 4 -18.44 28.28 -7.88
CA SER L 4 -19.53 29.13 -8.34
C SER L 4 -18.99 30.55 -8.26
N ASN L 5 -18.88 31.22 -9.41
CA ASN L 5 -18.14 32.48 -9.51
C ASN L 5 -18.95 33.58 -8.86
N PHE L 6 -18.28 34.71 -8.63
CA PHE L 6 -18.90 35.85 -7.97
C PHE L 6 -19.07 36.99 -8.94
N ALA L 7 -18.47 38.16 -8.72
CA ALA L 7 -18.69 39.27 -9.65
C ALA L 7 -18.34 38.83 -11.07
N THR L 8 -19.13 39.32 -12.02
CA THR L 8 -18.88 39.05 -13.42
C THR L 8 -17.66 39.90 -13.83
N MET L 9 -17.06 39.55 -14.95
CA MET L 9 -15.91 40.27 -15.43
C MET L 9 -16.24 41.72 -15.80
#